data_3E99
# 
_entry.id   3E99 
# 
_audit_conform.dict_name       mmcif_pdbx.dic 
_audit_conform.dict_version    5.399 
_audit_conform.dict_location   http://mmcif.pdb.org/dictionaries/ascii/mmcif_pdbx.dic 
# 
loop_
_database_2.database_id 
_database_2.database_code 
_database_2.pdbx_database_accession 
_database_2.pdbx_DOI 
PDB   3E99         pdb_00003e99 10.2210/pdb3e99/pdb 
RCSB  RCSB049035   ?            ?                   
WWPDB D_1000049035 ?            ?                   
# 
loop_
_pdbx_audit_revision_history.ordinal 
_pdbx_audit_revision_history.data_content_type 
_pdbx_audit_revision_history.major_revision 
_pdbx_audit_revision_history.minor_revision 
_pdbx_audit_revision_history.revision_date 
1 'Structure model' 1 0 2008-09-16 
2 'Structure model' 1 1 2011-07-13 
3 'Structure model' 1 2 2017-10-25 
4 'Structure model' 1 3 2019-07-24 
5 'Structure model' 1 4 2023-02-01 
6 'Structure model' 1 5 2024-11-20 
# 
_pdbx_audit_revision_details.ordinal             1 
_pdbx_audit_revision_details.revision_ordinal    1 
_pdbx_audit_revision_details.data_content_type   'Structure model' 
_pdbx_audit_revision_details.provider            repository 
_pdbx_audit_revision_details.type                'Initial release' 
_pdbx_audit_revision_details.description         ? 
_pdbx_audit_revision_details.details             ? 
# 
loop_
_pdbx_audit_revision_group.ordinal 
_pdbx_audit_revision_group.revision_ordinal 
_pdbx_audit_revision_group.data_content_type 
_pdbx_audit_revision_group.group 
1  2 'Structure model' Advisory                    
2  2 'Structure model' 'Version format compliance' 
3  3 'Structure model' 'Refinement description'    
4  4 'Structure model' 'Data collection'           
5  4 'Structure model' 'Derived calculations'      
6  4 'Structure model' 'Refinement description'    
7  5 'Structure model' 'Database references'       
8  5 'Structure model' 'Derived calculations'      
9  6 'Structure model' 'Data collection'           
10 6 'Structure model' 'Structure summary'         
# 
loop_
_pdbx_audit_revision_category.ordinal 
_pdbx_audit_revision_category.revision_ordinal 
_pdbx_audit_revision_category.data_content_type 
_pdbx_audit_revision_category.category 
1  3 'Structure model' software                  
2  4 'Structure model' software                  
3  4 'Structure model' struct_conn               
4  5 'Structure model' database_2                
5  5 'Structure model' struct_ref_seq_dif        
6  5 'Structure model' struct_site               
7  6 'Structure model' chem_comp_atom            
8  6 'Structure model' chem_comp_bond            
9  6 'Structure model' pdbx_entry_details        
10 6 'Structure model' pdbx_modification_feature 
# 
loop_
_pdbx_audit_revision_item.ordinal 
_pdbx_audit_revision_item.revision_ordinal 
_pdbx_audit_revision_item.data_content_type 
_pdbx_audit_revision_item.item 
1  3 'Structure model' '_software.classification'                     
2  3 'Structure model' '_software.name'                               
3  4 'Structure model' '_software.classification'                     
4  4 'Structure model' '_software.contact_author'                     
5  4 'Structure model' '_software.contact_author_email'               
6  4 'Structure model' '_software.language'                           
7  4 'Structure model' '_software.location'                           
8  4 'Structure model' '_software.name'                               
9  4 'Structure model' '_software.type'                               
10 4 'Structure model' '_software.version'                            
11 4 'Structure model' '_struct_conn.pdbx_leaving_atom_flag'          
12 5 'Structure model' '_database_2.pdbx_DOI'                         
13 5 'Structure model' '_database_2.pdbx_database_accession'          
14 5 'Structure model' '_struct_ref_seq_dif.details'                  
15 5 'Structure model' '_struct_site.pdbx_auth_asym_id'               
16 5 'Structure model' '_struct_site.pdbx_auth_comp_id'               
17 5 'Structure model' '_struct_site.pdbx_auth_seq_id'                
18 6 'Structure model' '_pdbx_entry_details.has_protein_modification' 
# 
_pdbx_database_status.SG_entry                        Y 
_pdbx_database_status.entry_id                        3E99 
_pdbx_database_status.deposit_site                    RCSB 
_pdbx_database_status.process_site                    RCSB 
_pdbx_database_status.recvd_initial_deposition_date   2008-08-21 
_pdbx_database_status.status_code                     REL 
_pdbx_database_status.status_code_sf                  REL 
_pdbx_database_status.status_code_mr                  ? 
_pdbx_database_status.status_code_cs                  ? 
_pdbx_database_status.pdb_format_compatible           Y 
_pdbx_database_status.methods_development_category    ? 
_pdbx_database_status.status_code_nmr_data            ? 
# 
_pdbx_database_related.db_name        TargetDB 
_pdbx_database_related.db_id          390534 
_pdbx_database_related.details        . 
_pdbx_database_related.content_type   unspecified 
# 
_audit_author.name           'Joint Center for Structural Genomics (JCSG)' 
_audit_author.pdbx_ordinal   1 
# 
_citation.id                        primary 
_citation.title                     
;Crystal structure of the beta subunit of benzoate 1,2-dioxygenase (YP_105014.1) from BURKHOLDERIA MALLEI ATCC 23344 at 1.90 A resolution
;
_citation.journal_abbrev            'To be published' 
_citation.journal_volume            ? 
_citation.page_first                ? 
_citation.page_last                 ? 
_citation.year                      ? 
_citation.journal_id_ASTM           ? 
_citation.country                   ? 
_citation.journal_id_ISSN           ? 
_citation.journal_id_CSD            0353 
_citation.book_publisher            ? 
_citation.pdbx_database_id_PubMed   ? 
_citation.pdbx_database_id_DOI      ? 
# 
_citation_author.citation_id        primary 
_citation_author.name               'Joint Center for Structural Genomics (JCSG)' 
_citation_author.ordinal            1 
_citation_author.identifier_ORCID   ? 
# 
loop_
_entity.id 
_entity.type 
_entity.src_method 
_entity.pdbx_description 
_entity.formula_weight 
_entity.pdbx_number_of_molecules 
_entity.pdbx_ec 
_entity.pdbx_mutation 
_entity.pdbx_fragment 
_entity.details 
1 polymer     man 'Benzoate 1,2-dioxygenase beta subunit' 19353.158 1   1.14.12.10 ? ? ? 
2 non-polymer syn 'ACETATE ION'                           59.044    1   ?          ? ? ? 
3 water       nat water                                   18.015    139 ?          ? ? ? 
# 
_entity_poly.entity_id                      1 
_entity_poly.type                           'polypeptide(L)' 
_entity_poly.nstd_linkage                   no 
_entity_poly.nstd_monomer                   yes 
_entity_poly.pdbx_seq_one_letter_code       
;G(MSE)KTIDLADIQAFLYRESRLLDDKAWDAWLDCYRADAVFW(MSE)PSWDDADALVTDPQREISLIYYPNRQGLEDR
VFRIKTERSSATVPDTRTSHNIANVERESADGDVHTVRFNWHTLSYRYKTVSSYFG(MSE)SRYAIDFSGDAPKIVSKYV
VLKNDYINQLIDIYHI
;
_entity_poly.pdbx_seq_one_letter_code_can   
;GMKTIDLADIQAFLYRESRLLDDKAWDAWLDCYRADAVFWMPSWDDADALVTDPQREISLIYYPNRQGLEDRVFRIKTER
SSATVPDTRTSHNIANVERESADGDVHTVRFNWHTLSYRYKTVSSYFGMSRYAIDFSGDAPKIVSKYVVLKNDYINQLID
IYHI
;
_entity_poly.pdbx_strand_id                 A 
_entity_poly.pdbx_target_identifier         390534 
# 
loop_
_pdbx_entity_nonpoly.entity_id 
_pdbx_entity_nonpoly.name 
_pdbx_entity_nonpoly.comp_id 
2 'ACETATE ION' ACT 
3 water         HOH 
# 
loop_
_entity_poly_seq.entity_id 
_entity_poly_seq.num 
_entity_poly_seq.mon_id 
_entity_poly_seq.hetero 
1 1   GLY n 
1 2   MSE n 
1 3   LYS n 
1 4   THR n 
1 5   ILE n 
1 6   ASP n 
1 7   LEU n 
1 8   ALA n 
1 9   ASP n 
1 10  ILE n 
1 11  GLN n 
1 12  ALA n 
1 13  PHE n 
1 14  LEU n 
1 15  TYR n 
1 16  ARG n 
1 17  GLU n 
1 18  SER n 
1 19  ARG n 
1 20  LEU n 
1 21  LEU n 
1 22  ASP n 
1 23  ASP n 
1 24  LYS n 
1 25  ALA n 
1 26  TRP n 
1 27  ASP n 
1 28  ALA n 
1 29  TRP n 
1 30  LEU n 
1 31  ASP n 
1 32  CYS n 
1 33  TYR n 
1 34  ARG n 
1 35  ALA n 
1 36  ASP n 
1 37  ALA n 
1 38  VAL n 
1 39  PHE n 
1 40  TRP n 
1 41  MSE n 
1 42  PRO n 
1 43  SER n 
1 44  TRP n 
1 45  ASP n 
1 46  ASP n 
1 47  ALA n 
1 48  ASP n 
1 49  ALA n 
1 50  LEU n 
1 51  VAL n 
1 52  THR n 
1 53  ASP n 
1 54  PRO n 
1 55  GLN n 
1 56  ARG n 
1 57  GLU n 
1 58  ILE n 
1 59  SER n 
1 60  LEU n 
1 61  ILE n 
1 62  TYR n 
1 63  TYR n 
1 64  PRO n 
1 65  ASN n 
1 66  ARG n 
1 67  GLN n 
1 68  GLY n 
1 69  LEU n 
1 70  GLU n 
1 71  ASP n 
1 72  ARG n 
1 73  VAL n 
1 74  PHE n 
1 75  ARG n 
1 76  ILE n 
1 77  LYS n 
1 78  THR n 
1 79  GLU n 
1 80  ARG n 
1 81  SER n 
1 82  SER n 
1 83  ALA n 
1 84  THR n 
1 85  VAL n 
1 86  PRO n 
1 87  ASP n 
1 88  THR n 
1 89  ARG n 
1 90  THR n 
1 91  SER n 
1 92  HIS n 
1 93  ASN n 
1 94  ILE n 
1 95  ALA n 
1 96  ASN n 
1 97  VAL n 
1 98  GLU n 
1 99  ARG n 
1 100 GLU n 
1 101 SER n 
1 102 ALA n 
1 103 ASP n 
1 104 GLY n 
1 105 ASP n 
1 106 VAL n 
1 107 HIS n 
1 108 THR n 
1 109 VAL n 
1 110 ARG n 
1 111 PHE n 
1 112 ASN n 
1 113 TRP n 
1 114 HIS n 
1 115 THR n 
1 116 LEU n 
1 117 SER n 
1 118 TYR n 
1 119 ARG n 
1 120 TYR n 
1 121 LYS n 
1 122 THR n 
1 123 VAL n 
1 124 SER n 
1 125 SER n 
1 126 TYR n 
1 127 PHE n 
1 128 GLY n 
1 129 MSE n 
1 130 SER n 
1 131 ARG n 
1 132 TYR n 
1 133 ALA n 
1 134 ILE n 
1 135 ASP n 
1 136 PHE n 
1 137 SER n 
1 138 GLY n 
1 139 ASP n 
1 140 ALA n 
1 141 PRO n 
1 142 LYS n 
1 143 ILE n 
1 144 VAL n 
1 145 SER n 
1 146 LYS n 
1 147 TYR n 
1 148 VAL n 
1 149 VAL n 
1 150 LEU n 
1 151 LYS n 
1 152 ASN n 
1 153 ASP n 
1 154 TYR n 
1 155 ILE n 
1 156 ASN n 
1 157 GLN n 
1 158 LEU n 
1 159 ILE n 
1 160 ASP n 
1 161 ILE n 
1 162 TYR n 
1 163 HIS n 
1 164 ILE n 
# 
_entity_src_gen.entity_id                          1 
_entity_src_gen.pdbx_src_id                        1 
_entity_src_gen.pdbx_alt_source_flag               sample 
_entity_src_gen.pdbx_seq_type                      ? 
_entity_src_gen.pdbx_beg_seq_num                   ? 
_entity_src_gen.pdbx_end_seq_num                   ? 
_entity_src_gen.gene_src_common_name               'Pseudomonas mallei' 
_entity_src_gen.gene_src_genus                     ? 
_entity_src_gen.pdbx_gene_src_gene                 'YP_105014.1, benB, BMAA0186' 
_entity_src_gen.gene_src_species                   ? 
_entity_src_gen.gene_src_strain                    ? 
_entity_src_gen.gene_src_tissue                    ? 
_entity_src_gen.gene_src_tissue_fraction           ? 
_entity_src_gen.gene_src_details                   ? 
_entity_src_gen.pdbx_gene_src_fragment             ? 
_entity_src_gen.pdbx_gene_src_scientific_name      'Burkholderia mallei ATCC 23344' 
_entity_src_gen.pdbx_gene_src_ncbi_taxonomy_id     243160 
_entity_src_gen.pdbx_gene_src_variant              ? 
_entity_src_gen.pdbx_gene_src_cell_line            ? 
_entity_src_gen.pdbx_gene_src_atcc                 ? 
_entity_src_gen.pdbx_gene_src_organ                ? 
_entity_src_gen.pdbx_gene_src_organelle            ? 
_entity_src_gen.pdbx_gene_src_cell                 ? 
_entity_src_gen.pdbx_gene_src_cellular_location    ? 
_entity_src_gen.host_org_common_name               ? 
_entity_src_gen.pdbx_host_org_scientific_name      'Escherichia Coli' 
_entity_src_gen.pdbx_host_org_ncbi_taxonomy_id     562 
_entity_src_gen.host_org_genus                     ? 
_entity_src_gen.pdbx_host_org_gene                 ? 
_entity_src_gen.pdbx_host_org_organ                ? 
_entity_src_gen.host_org_species                   ? 
_entity_src_gen.pdbx_host_org_tissue               ? 
_entity_src_gen.pdbx_host_org_tissue_fraction      ? 
_entity_src_gen.pdbx_host_org_strain               HK100 
_entity_src_gen.pdbx_host_org_variant              ? 
_entity_src_gen.pdbx_host_org_cell_line            ? 
_entity_src_gen.pdbx_host_org_atcc                 ? 
_entity_src_gen.pdbx_host_org_culture_collection   ? 
_entity_src_gen.pdbx_host_org_cell                 ? 
_entity_src_gen.pdbx_host_org_organelle            ? 
_entity_src_gen.pdbx_host_org_cellular_location    ? 
_entity_src_gen.pdbx_host_org_vector_type          Plasmid 
_entity_src_gen.pdbx_host_org_vector               ? 
_entity_src_gen.host_org_details                   ? 
_entity_src_gen.expression_system_id               ? 
_entity_src_gen.plasmid_name                       SpeedET 
_entity_src_gen.plasmid_details                    ? 
_entity_src_gen.pdbx_description                   ? 
# 
loop_
_chem_comp.id 
_chem_comp.type 
_chem_comp.mon_nstd_flag 
_chem_comp.name 
_chem_comp.pdbx_synonyms 
_chem_comp.formula 
_chem_comp.formula_weight 
ACT non-polymer         . 'ACETATE ION'    ? 'C2 H3 O2 -1'    59.044  
ALA 'L-peptide linking' y ALANINE          ? 'C3 H7 N O2'     89.093  
ARG 'L-peptide linking' y ARGININE         ? 'C6 H15 N4 O2 1' 175.209 
ASN 'L-peptide linking' y ASPARAGINE       ? 'C4 H8 N2 O3'    132.118 
ASP 'L-peptide linking' y 'ASPARTIC ACID'  ? 'C4 H7 N O4'     133.103 
CYS 'L-peptide linking' y CYSTEINE         ? 'C3 H7 N O2 S'   121.158 
GLN 'L-peptide linking' y GLUTAMINE        ? 'C5 H10 N2 O3'   146.144 
GLU 'L-peptide linking' y 'GLUTAMIC ACID'  ? 'C5 H9 N O4'     147.129 
GLY 'peptide linking'   y GLYCINE          ? 'C2 H5 N O2'     75.067  
HIS 'L-peptide linking' y HISTIDINE        ? 'C6 H10 N3 O2 1' 156.162 
HOH non-polymer         . WATER            ? 'H2 O'           18.015  
ILE 'L-peptide linking' y ISOLEUCINE       ? 'C6 H13 N O2'    131.173 
LEU 'L-peptide linking' y LEUCINE          ? 'C6 H13 N O2'    131.173 
LYS 'L-peptide linking' y LYSINE           ? 'C6 H15 N2 O2 1' 147.195 
MSE 'L-peptide linking' n SELENOMETHIONINE ? 'C5 H11 N O2 Se' 196.106 
PHE 'L-peptide linking' y PHENYLALANINE    ? 'C9 H11 N O2'    165.189 
PRO 'L-peptide linking' y PROLINE          ? 'C5 H9 N O2'     115.130 
SER 'L-peptide linking' y SERINE           ? 'C3 H7 N O3'     105.093 
THR 'L-peptide linking' y THREONINE        ? 'C4 H9 N O3'     119.119 
TRP 'L-peptide linking' y TRYPTOPHAN       ? 'C11 H12 N2 O2'  204.225 
TYR 'L-peptide linking' y TYROSINE         ? 'C9 H11 N O3'    181.189 
VAL 'L-peptide linking' y VALINE           ? 'C5 H11 N O2'    117.146 
# 
loop_
_pdbx_poly_seq_scheme.asym_id 
_pdbx_poly_seq_scheme.entity_id 
_pdbx_poly_seq_scheme.seq_id 
_pdbx_poly_seq_scheme.mon_id 
_pdbx_poly_seq_scheme.ndb_seq_num 
_pdbx_poly_seq_scheme.pdb_seq_num 
_pdbx_poly_seq_scheme.auth_seq_num 
_pdbx_poly_seq_scheme.pdb_mon_id 
_pdbx_poly_seq_scheme.auth_mon_id 
_pdbx_poly_seq_scheme.pdb_strand_id 
_pdbx_poly_seq_scheme.pdb_ins_code 
_pdbx_poly_seq_scheme.hetero 
A 1 1   GLY 1   0   ?   ?   ?   A . n 
A 1 2   MSE 2   1   1   MSE MSE A . n 
A 1 3   LYS 3   2   2   LYS LYS A . n 
A 1 4   THR 4   3   3   THR THR A . n 
A 1 5   ILE 5   4   4   ILE ILE A . n 
A 1 6   ASP 6   5   5   ASP ASP A . n 
A 1 7   LEU 7   6   6   LEU LEU A . n 
A 1 8   ALA 8   7   7   ALA ALA A . n 
A 1 9   ASP 9   8   8   ASP ASP A . n 
A 1 10  ILE 10  9   9   ILE ILE A . n 
A 1 11  GLN 11  10  10  GLN GLN A . n 
A 1 12  ALA 12  11  11  ALA ALA A . n 
A 1 13  PHE 13  12  12  PHE PHE A . n 
A 1 14  LEU 14  13  13  LEU LEU A . n 
A 1 15  TYR 15  14  14  TYR TYR A . n 
A 1 16  ARG 16  15  15  ARG ARG A . n 
A 1 17  GLU 17  16  16  GLU GLU A . n 
A 1 18  SER 18  17  17  SER SER A . n 
A 1 19  ARG 19  18  18  ARG ARG A . n 
A 1 20  LEU 20  19  19  LEU LEU A . n 
A 1 21  LEU 21  20  20  LEU LEU A . n 
A 1 22  ASP 22  21  21  ASP ASP A . n 
A 1 23  ASP 23  22  22  ASP ASP A . n 
A 1 24  LYS 24  23  23  LYS LYS A . n 
A 1 25  ALA 25  24  24  ALA ALA A . n 
A 1 26  TRP 26  25  25  TRP TRP A . n 
A 1 27  ASP 27  26  26  ASP ASP A . n 
A 1 28  ALA 28  27  27  ALA ALA A . n 
A 1 29  TRP 29  28  28  TRP TRP A . n 
A 1 30  LEU 30  29  29  LEU LEU A . n 
A 1 31  ASP 31  30  30  ASP ASP A . n 
A 1 32  CYS 32  31  31  CYS CYS A . n 
A 1 33  TYR 33  32  32  TYR TYR A . n 
A 1 34  ARG 34  33  33  ARG ARG A . n 
A 1 35  ALA 35  34  34  ALA ALA A . n 
A 1 36  ASP 36  35  35  ASP ASP A . n 
A 1 37  ALA 37  36  36  ALA ALA A . n 
A 1 38  VAL 38  37  37  VAL VAL A . n 
A 1 39  PHE 39  38  38  PHE PHE A . n 
A 1 40  TRP 40  39  39  TRP TRP A . n 
A 1 41  MSE 41  40  40  MSE MSE A . n 
A 1 42  PRO 42  41  41  PRO PRO A . n 
A 1 43  SER 43  42  42  SER SER A . n 
A 1 44  TRP 44  43  43  TRP TRP A . n 
A 1 45  ASP 45  44  44  ASP ASP A . n 
A 1 46  ASP 46  45  45  ASP ASP A . n 
A 1 47  ALA 47  46  ?   ?   ?   A . n 
A 1 48  ASP 48  47  ?   ?   ?   A . n 
A 1 49  ALA 49  48  ?   ?   ?   A . n 
A 1 50  LEU 50  49  ?   ?   ?   A . n 
A 1 51  VAL 51  50  ?   ?   ?   A . n 
A 1 52  THR 52  51  ?   ?   ?   A . n 
A 1 53  ASP 53  52  ?   ?   ?   A . n 
A 1 54  PRO 54  53  ?   ?   ?   A . n 
A 1 55  GLN 55  54  ?   ?   ?   A . n 
A 1 56  ARG 56  55  ?   ?   ?   A . n 
A 1 57  GLU 57  56  ?   ?   ?   A . n 
A 1 58  ILE 58  57  57  ILE ILE A . n 
A 1 59  SER 59  58  58  SER SER A . n 
A 1 60  LEU 60  59  59  LEU LEU A . n 
A 1 61  ILE 61  60  60  ILE ILE A . n 
A 1 62  TYR 62  61  61  TYR TYR A . n 
A 1 63  TYR 63  62  62  TYR TYR A . n 
A 1 64  PRO 64  63  63  PRO PRO A . n 
A 1 65  ASN 65  64  64  ASN ASN A . n 
A 1 66  ARG 66  65  65  ARG ARG A . n 
A 1 67  GLN 67  66  66  GLN GLN A . n 
A 1 68  GLY 68  67  67  GLY GLY A . n 
A 1 69  LEU 69  68  68  LEU LEU A . n 
A 1 70  GLU 70  69  69  GLU GLU A . n 
A 1 71  ASP 71  70  70  ASP ASP A . n 
A 1 72  ARG 72  71  71  ARG ARG A . n 
A 1 73  VAL 73  72  72  VAL VAL A . n 
A 1 74  PHE 74  73  73  PHE PHE A . n 
A 1 75  ARG 75  74  74  ARG ARG A . n 
A 1 76  ILE 76  75  75  ILE ILE A . n 
A 1 77  LYS 77  76  76  LYS LYS A . n 
A 1 78  THR 78  77  77  THR THR A . n 
A 1 79  GLU 79  78  78  GLU GLU A . n 
A 1 80  ARG 80  79  79  ARG ARG A . n 
A 1 81  SER 81  80  80  SER SER A . n 
A 1 82  SER 82  81  81  SER SER A . n 
A 1 83  ALA 83  82  82  ALA ALA A . n 
A 1 84  THR 84  83  83  THR THR A . n 
A 1 85  VAL 85  84  84  VAL VAL A . n 
A 1 86  PRO 86  85  85  PRO PRO A . n 
A 1 87  ASP 87  86  86  ASP ASP A . n 
A 1 88  THR 88  87  87  THR THR A . n 
A 1 89  ARG 89  88  88  ARG ARG A . n 
A 1 90  THR 90  89  89  THR THR A . n 
A 1 91  SER 91  90  90  SER SER A . n 
A 1 92  HIS 92  91  91  HIS HIS A . n 
A 1 93  ASN 93  92  92  ASN ASN A . n 
A 1 94  ILE 94  93  93  ILE ILE A . n 
A 1 95  ALA 95  94  94  ALA ALA A . n 
A 1 96  ASN 96  95  95  ASN ASN A . n 
A 1 97  VAL 97  96  96  VAL VAL A . n 
A 1 98  GLU 98  97  97  GLU GLU A . n 
A 1 99  ARG 99  98  98  ARG ARG A . n 
A 1 100 GLU 100 99  99  GLU GLU A . n 
A 1 101 SER 101 100 100 SER SER A . n 
A 1 102 ALA 102 101 101 ALA ALA A . n 
A 1 103 ASP 103 102 102 ASP ASP A . n 
A 1 104 GLY 104 103 103 GLY GLY A . n 
A 1 105 ASP 105 104 104 ASP ASP A . n 
A 1 106 VAL 106 105 105 VAL VAL A . n 
A 1 107 HIS 107 106 106 HIS HIS A . n 
A 1 108 THR 108 107 107 THR THR A . n 
A 1 109 VAL 109 108 108 VAL VAL A . n 
A 1 110 ARG 110 109 109 ARG ARG A . n 
A 1 111 PHE 111 110 110 PHE PHE A . n 
A 1 112 ASN 112 111 111 ASN ASN A . n 
A 1 113 TRP 113 112 112 TRP TRP A . n 
A 1 114 HIS 114 113 113 HIS HIS A . n 
A 1 115 THR 115 114 114 THR THR A . n 
A 1 116 LEU 116 115 115 LEU LEU A . n 
A 1 117 SER 117 116 116 SER SER A . n 
A 1 118 TYR 118 117 117 TYR TYR A . n 
A 1 119 ARG 119 118 118 ARG ARG A . n 
A 1 120 TYR 120 119 119 TYR TYR A . n 
A 1 121 LYS 121 120 120 LYS LYS A . n 
A 1 122 THR 122 121 121 THR THR A . n 
A 1 123 VAL 123 122 122 VAL VAL A . n 
A 1 124 SER 124 123 123 SER SER A . n 
A 1 125 SER 125 124 124 SER SER A . n 
A 1 126 TYR 126 125 125 TYR TYR A . n 
A 1 127 PHE 127 126 126 PHE PHE A . n 
A 1 128 GLY 128 127 127 GLY GLY A . n 
A 1 129 MSE 129 128 128 MSE MSE A . n 
A 1 130 SER 130 129 129 SER SER A . n 
A 1 131 ARG 131 130 130 ARG ARG A . n 
A 1 132 TYR 132 131 131 TYR TYR A . n 
A 1 133 ALA 133 132 132 ALA ALA A . n 
A 1 134 ILE 134 133 133 ILE ILE A . n 
A 1 135 ASP 135 134 134 ASP ASP A . n 
A 1 136 PHE 136 135 135 PHE PHE A . n 
A 1 137 SER 137 136 136 SER SER A . n 
A 1 138 GLY 138 137 137 GLY GLY A . n 
A 1 139 ASP 139 138 138 ASP ASP A . n 
A 1 140 ALA 140 139 139 ALA ALA A . n 
A 1 141 PRO 141 140 140 PRO PRO A . n 
A 1 142 LYS 142 141 141 LYS LYS A . n 
A 1 143 ILE 143 142 142 ILE ILE A . n 
A 1 144 VAL 144 143 143 VAL VAL A . n 
A 1 145 SER 145 144 144 SER SER A . n 
A 1 146 LYS 146 145 145 LYS LYS A . n 
A 1 147 TYR 147 146 146 TYR TYR A . n 
A 1 148 VAL 148 147 147 VAL VAL A . n 
A 1 149 VAL 149 148 148 VAL VAL A . n 
A 1 150 LEU 150 149 149 LEU LEU A . n 
A 1 151 LYS 151 150 150 LYS LYS A . n 
A 1 152 ASN 152 151 151 ASN ASN A . n 
A 1 153 ASP 153 152 152 ASP ASP A . n 
A 1 154 TYR 154 153 153 TYR TYR A . n 
A 1 155 ILE 155 154 ?   ?   ?   A . n 
A 1 156 ASN 156 155 ?   ?   ?   A . n 
A 1 157 GLN 157 156 ?   ?   ?   A . n 
A 1 158 LEU 158 157 157 LEU LEU A . n 
A 1 159 ILE 159 158 158 ILE ILE A . n 
A 1 160 ASP 160 159 159 ASP ASP A . n 
A 1 161 ILE 161 160 160 ILE ILE A . n 
A 1 162 TYR 162 161 161 TYR TYR A . n 
A 1 163 HIS 163 162 162 HIS HIS A . n 
A 1 164 ILE 164 163 163 ILE ILE A . n 
# 
loop_
_pdbx_nonpoly_scheme.asym_id 
_pdbx_nonpoly_scheme.entity_id 
_pdbx_nonpoly_scheme.mon_id 
_pdbx_nonpoly_scheme.ndb_seq_num 
_pdbx_nonpoly_scheme.pdb_seq_num 
_pdbx_nonpoly_scheme.auth_seq_num 
_pdbx_nonpoly_scheme.pdb_mon_id 
_pdbx_nonpoly_scheme.auth_mon_id 
_pdbx_nonpoly_scheme.pdb_strand_id 
_pdbx_nonpoly_scheme.pdb_ins_code 
B 2 ACT 1   164 1   ACT ACT A . 
C 3 HOH 1   165 2   HOH HOH A . 
C 3 HOH 2   166 3   HOH HOH A . 
C 3 HOH 3   167 4   HOH HOH A . 
C 3 HOH 4   168 5   HOH HOH A . 
C 3 HOH 5   169 6   HOH HOH A . 
C 3 HOH 6   170 7   HOH HOH A . 
C 3 HOH 7   171 8   HOH HOH A . 
C 3 HOH 8   172 9   HOH HOH A . 
C 3 HOH 9   173 10  HOH HOH A . 
C 3 HOH 10  174 11  HOH HOH A . 
C 3 HOH 11  175 12  HOH HOH A . 
C 3 HOH 12  176 13  HOH HOH A . 
C 3 HOH 13  177 14  HOH HOH A . 
C 3 HOH 14  178 15  HOH HOH A . 
C 3 HOH 15  179 16  HOH HOH A . 
C 3 HOH 16  180 17  HOH HOH A . 
C 3 HOH 17  181 18  HOH HOH A . 
C 3 HOH 18  182 19  HOH HOH A . 
C 3 HOH 19  183 20  HOH HOH A . 
C 3 HOH 20  184 21  HOH HOH A . 
C 3 HOH 21  185 22  HOH HOH A . 
C 3 HOH 22  186 23  HOH HOH A . 
C 3 HOH 23  187 24  HOH HOH A . 
C 3 HOH 24  188 25  HOH HOH A . 
C 3 HOH 25  189 26  HOH HOH A . 
C 3 HOH 26  190 27  HOH HOH A . 
C 3 HOH 27  191 28  HOH HOH A . 
C 3 HOH 28  192 29  HOH HOH A . 
C 3 HOH 29  193 30  HOH HOH A . 
C 3 HOH 30  194 31  HOH HOH A . 
C 3 HOH 31  195 32  HOH HOH A . 
C 3 HOH 32  196 33  HOH HOH A . 
C 3 HOH 33  197 34  HOH HOH A . 
C 3 HOH 34  198 35  HOH HOH A . 
C 3 HOH 35  199 36  HOH HOH A . 
C 3 HOH 36  200 37  HOH HOH A . 
C 3 HOH 37  201 38  HOH HOH A . 
C 3 HOH 38  202 39  HOH HOH A . 
C 3 HOH 39  203 40  HOH HOH A . 
C 3 HOH 40  204 41  HOH HOH A . 
C 3 HOH 41  205 42  HOH HOH A . 
C 3 HOH 42  206 43  HOH HOH A . 
C 3 HOH 43  207 44  HOH HOH A . 
C 3 HOH 44  208 45  HOH HOH A . 
C 3 HOH 45  209 46  HOH HOH A . 
C 3 HOH 46  210 47  HOH HOH A . 
C 3 HOH 47  211 48  HOH HOH A . 
C 3 HOH 48  212 49  HOH HOH A . 
C 3 HOH 49  213 50  HOH HOH A . 
C 3 HOH 50  214 51  HOH HOH A . 
C 3 HOH 51  215 52  HOH HOH A . 
C 3 HOH 52  216 53  HOH HOH A . 
C 3 HOH 53  217 54  HOH HOH A . 
C 3 HOH 54  218 55  HOH HOH A . 
C 3 HOH 55  219 56  HOH HOH A . 
C 3 HOH 56  220 57  HOH HOH A . 
C 3 HOH 57  221 58  HOH HOH A . 
C 3 HOH 58  222 59  HOH HOH A . 
C 3 HOH 59  223 60  HOH HOH A . 
C 3 HOH 60  224 61  HOH HOH A . 
C 3 HOH 61  225 62  HOH HOH A . 
C 3 HOH 62  226 63  HOH HOH A . 
C 3 HOH 63  227 64  HOH HOH A . 
C 3 HOH 64  228 65  HOH HOH A . 
C 3 HOH 65  229 66  HOH HOH A . 
C 3 HOH 66  230 67  HOH HOH A . 
C 3 HOH 67  231 68  HOH HOH A . 
C 3 HOH 68  232 69  HOH HOH A . 
C 3 HOH 69  233 70  HOH HOH A . 
C 3 HOH 70  234 71  HOH HOH A . 
C 3 HOH 71  235 72  HOH HOH A . 
C 3 HOH 72  236 73  HOH HOH A . 
C 3 HOH 73  237 74  HOH HOH A . 
C 3 HOH 74  238 75  HOH HOH A . 
C 3 HOH 75  239 76  HOH HOH A . 
C 3 HOH 76  240 77  HOH HOH A . 
C 3 HOH 77  241 78  HOH HOH A . 
C 3 HOH 78  242 79  HOH HOH A . 
C 3 HOH 79  243 80  HOH HOH A . 
C 3 HOH 80  244 81  HOH HOH A . 
C 3 HOH 81  245 82  HOH HOH A . 
C 3 HOH 82  246 83  HOH HOH A . 
C 3 HOH 83  247 84  HOH HOH A . 
C 3 HOH 84  248 85  HOH HOH A . 
C 3 HOH 85  249 86  HOH HOH A . 
C 3 HOH 86  250 87  HOH HOH A . 
C 3 HOH 87  251 88  HOH HOH A . 
C 3 HOH 88  252 89  HOH HOH A . 
C 3 HOH 89  253 90  HOH HOH A . 
C 3 HOH 90  254 91  HOH HOH A . 
C 3 HOH 91  255 92  HOH HOH A . 
C 3 HOH 92  256 93  HOH HOH A . 
C 3 HOH 93  257 94  HOH HOH A . 
C 3 HOH 94  258 95  HOH HOH A . 
C 3 HOH 95  259 96  HOH HOH A . 
C 3 HOH 96  260 97  HOH HOH A . 
C 3 HOH 97  261 98  HOH HOH A . 
C 3 HOH 98  262 99  HOH HOH A . 
C 3 HOH 99  263 100 HOH HOH A . 
C 3 HOH 100 264 101 HOH HOH A . 
C 3 HOH 101 265 102 HOH HOH A . 
C 3 HOH 102 266 103 HOH HOH A . 
C 3 HOH 103 267 104 HOH HOH A . 
C 3 HOH 104 268 105 HOH HOH A . 
C 3 HOH 105 269 106 HOH HOH A . 
C 3 HOH 106 270 107 HOH HOH A . 
C 3 HOH 107 271 108 HOH HOH A . 
C 3 HOH 108 272 109 HOH HOH A . 
C 3 HOH 109 273 110 HOH HOH A . 
C 3 HOH 110 274 111 HOH HOH A . 
C 3 HOH 111 275 112 HOH HOH A . 
C 3 HOH 112 276 113 HOH HOH A . 
C 3 HOH 113 277 114 HOH HOH A . 
C 3 HOH 114 278 115 HOH HOH A . 
C 3 HOH 115 279 116 HOH HOH A . 
C 3 HOH 116 280 117 HOH HOH A . 
C 3 HOH 117 281 118 HOH HOH A . 
C 3 HOH 118 282 119 HOH HOH A . 
C 3 HOH 119 283 120 HOH HOH A . 
C 3 HOH 120 284 121 HOH HOH A . 
C 3 HOH 121 285 122 HOH HOH A . 
C 3 HOH 122 286 123 HOH HOH A . 
C 3 HOH 123 287 124 HOH HOH A . 
C 3 HOH 124 288 125 HOH HOH A . 
C 3 HOH 125 289 126 HOH HOH A . 
C 3 HOH 126 290 127 HOH HOH A . 
C 3 HOH 127 291 128 HOH HOH A . 
C 3 HOH 128 292 129 HOH HOH A . 
C 3 HOH 129 293 130 HOH HOH A . 
C 3 HOH 130 294 131 HOH HOH A . 
C 3 HOH 131 295 132 HOH HOH A . 
C 3 HOH 132 296 133 HOH HOH A . 
C 3 HOH 133 297 134 HOH HOH A . 
C 3 HOH 134 298 135 HOH HOH A . 
C 3 HOH 135 299 136 HOH HOH A . 
C 3 HOH 136 300 137 HOH HOH A . 
C 3 HOH 137 301 138 HOH HOH A . 
C 3 HOH 138 302 139 HOH HOH A . 
C 3 HOH 139 303 140 HOH HOH A . 
# 
loop_
_pdbx_unobs_or_zero_occ_atoms.id 
_pdbx_unobs_or_zero_occ_atoms.PDB_model_num 
_pdbx_unobs_or_zero_occ_atoms.polymer_flag 
_pdbx_unobs_or_zero_occ_atoms.occupancy_flag 
_pdbx_unobs_or_zero_occ_atoms.auth_asym_id 
_pdbx_unobs_or_zero_occ_atoms.auth_comp_id 
_pdbx_unobs_or_zero_occ_atoms.auth_seq_id 
_pdbx_unobs_or_zero_occ_atoms.PDB_ins_code 
_pdbx_unobs_or_zero_occ_atoms.auth_atom_id 
_pdbx_unobs_or_zero_occ_atoms.label_alt_id 
_pdbx_unobs_or_zero_occ_atoms.label_asym_id 
_pdbx_unobs_or_zero_occ_atoms.label_comp_id 
_pdbx_unobs_or_zero_occ_atoms.label_seq_id 
_pdbx_unobs_or_zero_occ_atoms.label_atom_id 
1  1 Y 1 A SER 42  ? OG  ? A SER 43  OG  
2  1 Y 1 A ASP 44  ? CG  ? A ASP 45  CG  
3  1 Y 1 A ASP 44  ? OD1 ? A ASP 45  OD1 
4  1 Y 1 A ASP 44  ? OD2 ? A ASP 45  OD2 
5  1 Y 1 A ILE 57  ? CG1 ? A ILE 58  CG1 
6  1 Y 1 A ILE 57  ? CG2 ? A ILE 58  CG2 
7  1 Y 1 A ILE 57  ? CD1 ? A ILE 58  CD1 
8  1 Y 1 A VAL 84  ? CG1 ? A VAL 85  CG1 
9  1 Y 1 A VAL 84  ? CG2 ? A VAL 85  CG2 
10 1 Y 1 A TYR 153 ? CG  ? A TYR 154 CG  
11 1 Y 1 A TYR 153 ? CD1 ? A TYR 154 CD1 
12 1 Y 1 A TYR 153 ? CD2 ? A TYR 154 CD2 
13 1 Y 1 A TYR 153 ? CE1 ? A TYR 154 CE1 
14 1 Y 1 A TYR 153 ? CE2 ? A TYR 154 CE2 
15 1 Y 1 A TYR 153 ? CZ  ? A TYR 154 CZ  
16 1 Y 1 A TYR 153 ? OH  ? A TYR 154 OH  
17 1 Y 1 A LEU 157 ? CG  ? A LEU 158 CG  
18 1 Y 1 A LEU 157 ? CD1 ? A LEU 158 CD1 
19 1 Y 1 A LEU 157 ? CD2 ? A LEU 158 CD2 
# 
loop_
_software.name 
_software.version 
_software.date 
_software.type 
_software.contact_author 
_software.contact_author_email 
_software.classification 
_software.location 
_software.language 
_software.citation_id 
_software.pdbx_ordinal 
REFMAC      5.2.0019 ?               program 'Garib N. Murshudov'         garib@ysbl.york.ac.uk                refinement        
http://www.ccp4.ac.uk/dist/html/refmac5.html Fortran_77 ? 1 
PHENIX      .        ?               package 'P.D. Adams'                 PDAdams@lbl.gov                      refinement        
http://www.phenix-online.org/                C++        ? 2 
SOLVE       .        ?               program 'Tom Terwilliger'            terwilliger@LANL.gov                 phasing           
http://www.solve.lanl.gov/                   ?          ? 3 
MolProbity  3beta29  ?               package 'D.C. & J.S. Richardson lab' molprobity@kinemage.biochem.duke.edu 'model building'  
http://kinemage.biochem.duke.edu/molprobity/ ?          ? 4 
SCALA       3.2.5    5/04/2004       other   'Phil R. Evans'              pre@mrc-lmb.cam.ac.uk                'data scaling'    
http://www.ccp4.ac.uk/dist/html/scala.html   Fortran_77 ? 5 
PDB_EXTRACT 3.006    'June 11, 2008' package PDB                          help@deposit.rcsb.org                'data extraction' 
http://sw-tools.pdb.org/apps/PDB_EXTRACT/    C++        ? 6 
MOSFLM      .        ?               ?       ?                            ?                                    'data reduction'  ? 
?          ? 7 
# 
_cell.entry_id           3E99 
_cell.length_a           58.953 
_cell.length_b           58.953 
_cell.length_c           167.073 
_cell.angle_alpha        90.000 
_cell.angle_beta         90.000 
_cell.angle_gamma        120.000 
_cell.pdbx_unique_axis   ? 
_cell.Z_PDB              12 
_cell.length_a_esd       ? 
_cell.length_b_esd       ? 
_cell.length_c_esd       ? 
_cell.angle_alpha_esd    ? 
_cell.angle_beta_esd     ? 
_cell.angle_gamma_esd    ? 
# 
_symmetry.entry_id                         3E99 
_symmetry.Int_Tables_number                182 
_symmetry.space_group_name_H-M             'P 63 2 2' 
_symmetry.pdbx_full_space_group_name_H-M   ? 
_symmetry.cell_setting                     ? 
_symmetry.space_group_name_Hall            ? 
# 
_exptl.crystals_number   1 
_exptl.method            'X-RAY DIFFRACTION' 
_exptl.entry_id          3E99 
# 
_exptl_crystal.id                    1 
_exptl_crystal.density_Matthews      2.17 
_exptl_crystal.density_meas          ? 
_exptl_crystal.density_percent_sol   43.19 
_exptl_crystal.description           ? 
_exptl_crystal.F_000                 ? 
_exptl_crystal.preparation           ? 
# 
_exptl_crystal_grow.crystal_id      1 
_exptl_crystal_grow.method          'VAPOR DIFFUSION, SITTING DROP' 
_exptl_crystal_grow.pH              8.5 
_exptl_crystal_grow.temp            277 
_exptl_crystal_grow.pdbx_details    
;15.0000% Glycerol, 0.1700M NaOAc, 25.5000% PEG-4000, 0.1M TRIS pH 8.5, VAPOR DIFFUSION,SITTING DROP,NANODROP, temperature 277K, VAPOR DIFFUSION, SITTING DROP
;
_exptl_crystal_grow.temp_details    ? 
_exptl_crystal_grow.pdbx_pH_range   ? 
# 
_diffrn.id                     1 
_diffrn.ambient_temp           100 
_diffrn.ambient_temp_details   ? 
_diffrn.crystal_id             1 
# 
_diffrn_detector.diffrn_id              1 
_diffrn_detector.detector               CCD 
_diffrn_detector.type                   'MARMOSAIC 325 mm CCD' 
_diffrn_detector.details                'Flat mirror (vertical focusing)' 
_diffrn_detector.pdbx_collection_date   2008-07-31 
# 
_diffrn_radiation.diffrn_id                        1 
_diffrn_radiation.pdbx_monochromatic_or_laue_m_l   M 
_diffrn_radiation.monochromator                    'Single crystal Si(111) bent monochromator (horizontal focusing)' 
_diffrn_radiation.pdbx_diffrn_protocol             MAD 
_diffrn_radiation.wavelength_id                    1 
_diffrn_radiation.pdbx_scattering_type             x-ray 
# 
loop_
_diffrn_radiation_wavelength.id 
_diffrn_radiation_wavelength.wavelength 
_diffrn_radiation_wavelength.wt 
1 0.91837 1.0 
2 0.97822 1.0 
3 0.97901 1.0 
# 
_diffrn_source.diffrn_id                   1 
_diffrn_source.source                      SYNCHROTRON 
_diffrn_source.pdbx_synchrotron_beamline   BL11-1 
_diffrn_source.type                        'SSRL BEAMLINE BL11-1' 
_diffrn_source.pdbx_wavelength_list        0.91837,0.97822,0.97901 
_diffrn_source.pdbx_wavelength             ? 
_diffrn_source.pdbx_synchrotron_site       SSRL 
# 
_reflns.entry_id                     3E99 
_reflns.d_resolution_high            1.90 
_reflns.d_resolution_low             29.476 
_reflns.number_obs                   14285 
_reflns.pdbx_Rmerge_I_obs            0.073 
_reflns.pdbx_redundancy              5.200 
_reflns.percent_possible_obs         99.600 
_reflns.observed_criterion_sigma_F   ? 
_reflns.observed_criterion_sigma_I   ? 
_reflns.number_all                   ? 
_reflns.pdbx_Rsym_value              ? 
_reflns.pdbx_netI_over_sigmaI        7.030 
_reflns.B_iso_Wilson_estimate        26.262 
_reflns.R_free_details               ? 
_reflns.limit_h_max                  ? 
_reflns.limit_h_min                  ? 
_reflns.limit_k_max                  ? 
_reflns.limit_k_min                  ? 
_reflns.limit_l_max                  ? 
_reflns.limit_l_min                  ? 
_reflns.observed_criterion_F_max     ? 
_reflns.observed_criterion_F_min     ? 
_reflns.pdbx_chi_squared             ? 
_reflns.pdbx_scaling_rejects         ? 
_reflns.pdbx_ordinal                 1 
_reflns.pdbx_diffrn_id               1 
# 
loop_
_reflns_shell.d_res_high 
_reflns_shell.d_res_low 
_reflns_shell.number_measured_obs 
_reflns_shell.number_measured_all 
_reflns_shell.number_unique_obs 
_reflns_shell.pdbx_rejects 
_reflns_shell.Rmerge_I_obs 
_reflns_shell.meanI_over_sigI_obs 
_reflns_shell.pdbx_Rsym_value 
_reflns_shell.pdbx_chi_squared 
_reflns_shell.pdbx_redundancy 
_reflns_shell.percent_possible_obs 
_reflns_shell.number_possible 
_reflns_shell.number_unique_all 
_reflns_shell.Rmerge_F_all 
_reflns_shell.Rmerge_F_obs 
_reflns_shell.Rmerge_I_all 
_reflns_shell.meanI_over_sigI_all 
_reflns_shell.percent_possible_all 
_reflns_shell.pdbx_Rrim_I_all 
_reflns_shell.pdbx_Rpim_I_all 
_reflns_shell.pdbx_ordinal 
_reflns_shell.pdbx_diffrn_id 
1.90 1.95  ? 5420 ? ? 0.509 1.4  0.509 ? 5.30 ? ? 1022 ? ? ? 3.0  100.00 0.568 ? 1  1 
1.95 2.00  ? 5261 ? ? 0.455 1.7  0.455 ? 5.30 ? ? 999  ? ? ? 3.3  100.00 0.507 ? 2  1 
2.00 2.06  ? 5189 ? ? 0.337 2.3  0.337 ? 5.30 ? ? 974  ? ? ? 4.5  100.00 0.375 ? 3  1 
2.06 2.12  ? 4929 ? ? 0.280 2.6  0.280 ? 5.20 ? ? 949  ? ? ? 5.4  100.00 0.313 ? 4  1 
2.12 2.19  ? 4923 ? ? 0.225 3.4  0.225 ? 5.30 ? ? 927  ? ? ? 6.6  100.00 0.250 ? 5  1 
2.19 2.27  ? 4726 ? ? 0.220 3.2  0.220 ? 5.20 ? ? 915  ? ? ? 7.4  100.00 0.246 ? 6  1 
2.27 2.36  ? 4550 ? ? 0.168 4.4  0.168 ? 5.30 ? ? 864  ? ? ? 8.9  100.00 0.188 ? 7  1 
2.36 2.45  ? 4321 ? ? 0.140 5.3  0.140 ? 5.20 ? ? 830  ? ? ? 10.2 100.00 0.157 ? 8  1 
2.45 2.56  ? 4244 ? ? 0.118 6.3  0.118 ? 5.20 ? ? 815  ? ? ? 12.2 100.00 0.132 ? 9  1 
2.56 2.69  ? 4053 ? ? 0.101 7.2  0.101 ? 5.20 ? ? 785  ? ? ? 14.3 100.00 0.113 ? 10 1 
2.69 2.83  ? 3777 ? ? 0.082 8.5  0.082 ? 5.20 ? ? 727  ? ? ? 17.0 100.00 0.092 ? 11 1 
2.83 3.00  ? 3640 ? ? 0.074 9.0  0.074 ? 5.20 ? ? 703  ? ? ? 19.5 99.60  0.083 ? 12 1 
3.00 3.21  ? 3380 ? ? 0.063 10.0 0.063 ? 5.20 ? ? 655  ? ? ? 23.4 99.60  0.070 ? 13 1 
3.21 3.47  ? 3285 ? ? 0.051 12.6 0.051 ? 5.20 ? ? 634  ? ? ? 27.1 99.50  0.057 ? 14 1 
3.47 3.80  ? 2857 ? ? 0.044 13.6 0.044 ? 5.00 ? ? 570  ? ? ? 30.9 99.40  0.049 ? 15 1 
3.80 4.25  ? 2687 ? ? 0.044 10.8 0.044 ? 5.10 ? ? 527  ? ? ? 33.3 98.70  0.049 ? 16 1 
4.25 4.91  ? 2373 ? ? 0.042 14.3 0.042 ? 5.10 ? ? 469  ? ? ? 33.0 98.60  0.046 ? 17 1 
4.91 6.01  ? 1947 ? ? 0.039 15.6 0.039 ? 4.90 ? ? 401  ? ? ? 30.8 97.50  0.043 ? 18 1 
6.01 8.50  ? 1541 ? ? 0.042 13.6 0.042 ? 4.80 ? ? 324  ? ? ? 29.6 96.40  0.047 ? 19 1 
8.50 29.48 ? 786  ? ? 0.040 13.4 0.040 ? 4.00 ? ? 195  ? ? ? 27.7 91.00  0.046 ? 20 1 
# 
_refine.entry_id                                 3E99 
_refine.ls_d_res_high                            1.900 
_refine.ls_d_res_low                             29.476 
_refine.pdbx_ls_sigma_F                          0.00 
_refine.ls_percent_reflns_obs                    99.170 
_refine.ls_number_reflns_obs                     14242 
_refine.pdbx_ls_cross_valid_method               THROUGHOUT 
_refine.pdbx_R_Free_selection_details            RANDOM 
_refine.details                                  
;1. HYDROGENS HAVE BEEN ADDED IN THE RIDING POSITIONS.
 2. A MET-INHIBITION PROTOCOL WAS USED FOR SELENOMETHIONINE
 INCORPORATION DURING PROTEIN EXPRESSION. THE OCCUPANCY
 OF THE SE ATOMS IN THE MSE RESIDUES WAS REDUCED TO 0.75
 FOR THE REDUCED SCATTERING POWER DUE TO PARTIAL S-MET
 INCORPORATION.
 3. ATOM RECORDS CONTAIN RESIDUAL B FACTORS ONLY.
 4. ACETATE (ACT) IS PRESENT IN CRYSTALLIZATION CONDITION.
 5. RAMACHANDRAN OUTLIER TYR119 IS LOCATED IN A DISORDERED
 REGION.
;
_refine.ls_R_factor_obs                          0.188 
_refine.ls_R_factor_R_work                       0.186 
_refine.ls_R_factor_R_free                       0.223 
_refine.ls_percent_reflns_R_free                 5.000 
_refine.ls_number_reflns_R_free                  717 
_refine.B_iso_mean                               30.839 
_refine.aniso_B[1][1]                            0.000 
_refine.aniso_B[2][2]                            0.000 
_refine.aniso_B[3][3]                            -0.010 
_refine.aniso_B[1][2]                            0.000 
_refine.aniso_B[1][3]                            0.000 
_refine.aniso_B[2][3]                            0.000 
_refine.correlation_coeff_Fo_to_Fc               0.955 
_refine.correlation_coeff_Fo_to_Fc_free          0.939 
_refine.pdbx_overall_ESU_R                       0.154 
_refine.pdbx_overall_ESU_R_Free                  0.140 
_refine.overall_SU_ML                            0.106 
_refine.overall_SU_B                             6.624 
_refine.solvent_model_details                    MASK 
_refine.pdbx_solvent_vdw_probe_radii             1.200 
_refine.pdbx_solvent_ion_probe_radii             0.800 
_refine.pdbx_solvent_shrinkage_radii             0.800 
_refine.pdbx_method_to_determine_struct          MAD 
_refine.pdbx_stereochemistry_target_values       'MAXIMUM LIKELIHOOD WITH PHASES' 
_refine.B_iso_max                                77.57 
_refine.B_iso_min                                15.72 
_refine.occupancy_max                            1.00 
_refine.occupancy_min                            0.33 
_refine.pdbx_ls_sigma_I                          ? 
_refine.ls_number_reflns_all                     ? 
_refine.ls_R_factor_all                          ? 
_refine.ls_redundancy_reflns_obs                 ? 
_refine.pdbx_data_cutoff_high_absF               ? 
_refine.pdbx_data_cutoff_low_absF                ? 
_refine.ls_number_parameters                     ? 
_refine.ls_number_restraints                     ? 
_refine.ls_R_factor_R_free_error                 ? 
_refine.ls_R_factor_R_free_error_details         ? 
_refine.pdbx_starting_model                      ? 
_refine.pdbx_stereochem_target_val_spec_case     ? 
_refine.solvent_model_param_bsol                 ? 
_refine.solvent_model_param_ksol                 ? 
_refine.pdbx_isotropic_thermal_model             ? 
_refine.overall_SU_R_Cruickshank_DPI             ? 
_refine.overall_SU_R_free                        ? 
_refine.pdbx_data_cutoff_high_rms_absF           ? 
_refine.ls_wR_factor_R_free                      ? 
_refine.ls_wR_factor_R_work                      ? 
_refine.overall_FOM_free_R_set                   ? 
_refine.overall_FOM_work_R_set                   ? 
_refine.pdbx_overall_phase_error                 ? 
_refine.pdbx_refine_id                           'X-RAY DIFFRACTION' 
_refine.pdbx_TLS_residual_ADP_flag               'LIKELY RESIDUAL' 
_refine.pdbx_diffrn_id                           1 
_refine.pdbx_overall_SU_R_free_Cruickshank_DPI   ? 
_refine.pdbx_overall_SU_R_Blow_DPI               ? 
_refine.pdbx_overall_SU_R_free_Blow_DPI          ? 
# 
_refine_hist.pdbx_refine_id                   'X-RAY DIFFRACTION' 
_refine_hist.cycle_id                         LAST 
_refine_hist.pdbx_number_atoms_protein        1225 
_refine_hist.pdbx_number_atoms_nucleic_acid   0 
_refine_hist.pdbx_number_atoms_ligand         4 
_refine_hist.number_atoms_solvent             139 
_refine_hist.number_atoms_total               1368 
_refine_hist.d_res_high                       1.900 
_refine_hist.d_res_low                        29.476 
# 
loop_
_refine_ls_restr.type 
_refine_ls_restr.number 
_refine_ls_restr.dev_ideal 
_refine_ls_restr.dev_ideal_target 
_refine_ls_restr.weight 
_refine_ls_restr.pdbx_refine_id 
_refine_ls_restr.pdbx_restraint_function 
r_bond_refined_d         1315 0.017  0.022  ? 'X-RAY DIFFRACTION' ? 
r_bond_other_d           907  0.002  0.020  ? 'X-RAY DIFFRACTION' ? 
r_angle_refined_deg      1786 1.460  1.927  ? 'X-RAY DIFFRACTION' ? 
r_angle_other_deg        2166 0.911  3.000  ? 'X-RAY DIFFRACTION' ? 
r_dihedral_angle_1_deg   156  6.342  5.000  ? 'X-RAY DIFFRACTION' ? 
r_dihedral_angle_2_deg   69   30.707 21.884 ? 'X-RAY DIFFRACTION' ? 
r_dihedral_angle_3_deg   216  12.990 15.000 ? 'X-RAY DIFFRACTION' ? 
r_dihedral_angle_4_deg   15   15.907 15.000 ? 'X-RAY DIFFRACTION' ? 
r_chiral_restr           187  0.093  0.200  ? 'X-RAY DIFFRACTION' ? 
r_gen_planes_refined     1474 0.006  0.020  ? 'X-RAY DIFFRACTION' ? 
r_gen_planes_other       316  0.001  0.020  ? 'X-RAY DIFFRACTION' ? 
r_nbd_refined            220  0.199  0.200  ? 'X-RAY DIFFRACTION' ? 
r_nbd_other              914  0.219  0.200  ? 'X-RAY DIFFRACTION' ? 
r_nbtor_refined          614  0.192  0.200  ? 'X-RAY DIFFRACTION' ? 
r_nbtor_other            746  0.084  0.200  ? 'X-RAY DIFFRACTION' ? 
r_xyhbond_nbd_refined    119  0.138  0.200  ? 'X-RAY DIFFRACTION' ? 
r_symmetry_vdw_refined   10   0.179  0.200  ? 'X-RAY DIFFRACTION' ? 
r_symmetry_vdw_other     40   0.281  0.200  ? 'X-RAY DIFFRACTION' ? 
r_symmetry_hbond_refined 27   0.222  0.200  ? 'X-RAY DIFFRACTION' ? 
r_mcbond_it              783  2.095  3.000  ? 'X-RAY DIFFRACTION' ? 
r_mcbond_other           306  0.566  3.000  ? 'X-RAY DIFFRACTION' ? 
r_mcangle_it             1242 3.099  5.000  ? 'X-RAY DIFFRACTION' ? 
r_scbond_it              621  4.966  8.000  ? 'X-RAY DIFFRACTION' ? 
r_scangle_it             541  5.892  11.000 ? 'X-RAY DIFFRACTION' ? 
# 
_refine_ls_shell.d_res_high                       1.900 
_refine_ls_shell.d_res_low                        1.949 
_refine_ls_shell.pdbx_total_number_of_bins_used   20 
_refine_ls_shell.percent_reflns_obs               100.000 
_refine_ls_shell.number_reflns_R_work             969 
_refine_ls_shell.R_factor_all                     ? 
_refine_ls_shell.R_factor_R_work                  0.240 
_refine_ls_shell.R_factor_R_free                  0.343 
_refine_ls_shell.percent_reflns_R_free            ? 
_refine_ls_shell.number_reflns_R_free             52 
_refine_ls_shell.R_factor_R_free_error            ? 
_refine_ls_shell.number_reflns_all                1021 
_refine_ls_shell.number_reflns_obs                ? 
_refine_ls_shell.redundancy_reflns_obs            ? 
_refine_ls_shell.pdbx_refine_id                   'X-RAY DIFFRACTION' 
# 
_struct.entry_id                  3E99 
_struct.title                     
;Crystal structure of the beta subunit of the benzoate 1,2-dioxygenase (benb, bmaa0186) from burkholderia mallei atcc 23344 at 1.90 A resolution
;
_struct.pdbx_model_details        ? 
_struct.pdbx_CASP_flag            ? 
_struct.pdbx_model_type_details   ? 
# 
_struct_keywords.text            
'Structural genomics, Joint Center for Structural Genomics, JCSG, Protein Structure Initiative, PSI-2, oxidoreductase' 
_struct_keywords.pdbx_keywords   OXIDOREDUCTASE 
_struct_keywords.entry_id        3E99 
# 
loop_
_struct_asym.id 
_struct_asym.pdbx_blank_PDB_chainid_flag 
_struct_asym.pdbx_modified 
_struct_asym.entity_id 
_struct_asym.details 
A N N 1 ? 
B N N 2 ? 
C N N 3 ? 
# 
_struct_ref.id                         1 
_struct_ref.db_name                    UNP 
_struct_ref.db_code                    Q62E64_BURMA 
_struct_ref.pdbx_db_accession          Q62E64 
_struct_ref.entity_id                  1 
_struct_ref.pdbx_seq_one_letter_code   
;MKTIDLADIQAFLYRESRLLDDKAWDAWLDCYRADAVFWMPSWDDADALVTDPQREISLIYYPNRQGLEDRVFRIKTERS
SATVPDTRTSHNIANVERESADGDVHTVRFNWHTLSYRYKTVSSYFGMSRYAIDFSGDAPKIVSKYVVLKNDYINQLIDI
YHI
;
_struct_ref.pdbx_align_begin           1 
_struct_ref.pdbx_db_isoform            ? 
# 
_struct_ref_seq.align_id                      1 
_struct_ref_seq.ref_id                        1 
_struct_ref_seq.pdbx_PDB_id_code              3E99 
_struct_ref_seq.pdbx_strand_id                A 
_struct_ref_seq.seq_align_beg                 2 
_struct_ref_seq.pdbx_seq_align_beg_ins_code   ? 
_struct_ref_seq.seq_align_end                 164 
_struct_ref_seq.pdbx_seq_align_end_ins_code   ? 
_struct_ref_seq.pdbx_db_accession             Q62E64 
_struct_ref_seq.db_align_beg                  1 
_struct_ref_seq.pdbx_db_align_beg_ins_code    ? 
_struct_ref_seq.db_align_end                  163 
_struct_ref_seq.pdbx_db_align_end_ins_code    ? 
_struct_ref_seq.pdbx_auth_seq_align_beg       1 
_struct_ref_seq.pdbx_auth_seq_align_end       163 
# 
_struct_ref_seq_dif.align_id                     1 
_struct_ref_seq_dif.pdbx_pdb_id_code             3E99 
_struct_ref_seq_dif.mon_id                       GLY 
_struct_ref_seq_dif.pdbx_pdb_strand_id           A 
_struct_ref_seq_dif.seq_num                      1 
_struct_ref_seq_dif.pdbx_pdb_ins_code            ? 
_struct_ref_seq_dif.pdbx_seq_db_name             UNP 
_struct_ref_seq_dif.pdbx_seq_db_accession_code   Q62E64 
_struct_ref_seq_dif.db_mon_id                    ? 
_struct_ref_seq_dif.pdbx_seq_db_seq_num          ? 
_struct_ref_seq_dif.details                      'expression tag' 
_struct_ref_seq_dif.pdbx_auth_seq_num            0 
_struct_ref_seq_dif.pdbx_ordinal                 1 
# 
_pdbx_struct_assembly.id                   1 
_pdbx_struct_assembly.details              author_and_software_defined_assembly 
_pdbx_struct_assembly.method_details       PISA 
_pdbx_struct_assembly.oligomeric_details   trimeric 
_pdbx_struct_assembly.oligomeric_count     3 
# 
loop_
_pdbx_struct_assembly_prop.biol_id 
_pdbx_struct_assembly_prop.type 
_pdbx_struct_assembly_prop.value 
_pdbx_struct_assembly_prop.details 
1 'ABSA (A^2)' 4830  ? 
1 MORE         -8    ? 
1 'SSA (A^2)'  20730 ? 
# 
_pdbx_struct_assembly_gen.assembly_id       1 
_pdbx_struct_assembly_gen.oper_expression   1,2,3 
_pdbx_struct_assembly_gen.asym_id_list      A,B,C 
# 
loop_
_pdbx_struct_oper_list.id 
_pdbx_struct_oper_list.type 
_pdbx_struct_oper_list.name 
_pdbx_struct_oper_list.symmetry_operation 
_pdbx_struct_oper_list.matrix[1][1] 
_pdbx_struct_oper_list.matrix[1][2] 
_pdbx_struct_oper_list.matrix[1][3] 
_pdbx_struct_oper_list.vector[1] 
_pdbx_struct_oper_list.matrix[2][1] 
_pdbx_struct_oper_list.matrix[2][2] 
_pdbx_struct_oper_list.matrix[2][3] 
_pdbx_struct_oper_list.vector[2] 
_pdbx_struct_oper_list.matrix[3][1] 
_pdbx_struct_oper_list.matrix[3][2] 
_pdbx_struct_oper_list.matrix[3][3] 
_pdbx_struct_oper_list.vector[3] 
1 'identity operation'         1_555 x,y,z         1.0000000000  0.0000000000 0.0000000000  0.0000000000   0.0000000000 1.0000000000 0.0000000000  0.0000000000 0.0000000000  0.0000000000  1.0000000000  0.0000000000   
2 'crystal symmetry operation' 2_655 -y+1,x-y,z    -0.3679294456 0.3404230574 0.8652976742  -12.5775439896 0.5054263793 0.8543163975 -0.1211926897 6.3252404992 -0.7804947778 0.3927539114  -0.4863869519 -23.9137433219 
3 'crystal symmetry operation' 3_665 -x+y+1,-x+1,z -0.3679294456 0.5054263793 -0.7804947778 -26.4891439712 0.3404230574 0.8543163975 0.3927539114  8.2701455294 0.8652976742  -0.1211926897 -0.4863869519 0.0185597477 
# 
_struct_biol.id   1 
# 
loop_
_struct_conf.conf_type_id 
_struct_conf.id 
_struct_conf.pdbx_PDB_helix_id 
_struct_conf.beg_label_comp_id 
_struct_conf.beg_label_asym_id 
_struct_conf.beg_label_seq_id 
_struct_conf.pdbx_beg_PDB_ins_code 
_struct_conf.end_label_comp_id 
_struct_conf.end_label_asym_id 
_struct_conf.end_label_seq_id 
_struct_conf.pdbx_end_PDB_ins_code 
_struct_conf.beg_auth_comp_id 
_struct_conf.beg_auth_asym_id 
_struct_conf.beg_auth_seq_id 
_struct_conf.end_auth_comp_id 
_struct_conf.end_auth_asym_id 
_struct_conf.end_auth_seq_id 
_struct_conf.pdbx_PDB_helix_class 
_struct_conf.details 
_struct_conf.pdbx_PDB_helix_length 
HELX_P HELX_P1 1 ASP A 6   ? ASP A 23  ? ASP A 5   ASP A 22  1 ? 18 
HELX_P HELX_P2 2 ALA A 25  ? ASP A 31  ? ALA A 24  ASP A 30  1 ? 7  
HELX_P HELX_P3 3 ASN A 65  ? ALA A 83  ? ASN A 64  ALA A 82  1 ? 19 
HELX_P HELX_P4 4 ASP A 160 ? ILE A 164 ? ASP A 159 ILE A 163 5 ? 5  
# 
_struct_conf_type.id          HELX_P 
_struct_conf_type.criteria    ? 
_struct_conf_type.reference   ? 
# 
loop_
_struct_conn.id 
_struct_conn.conn_type_id 
_struct_conn.pdbx_leaving_atom_flag 
_struct_conn.pdbx_PDB_id 
_struct_conn.ptnr1_label_asym_id 
_struct_conn.ptnr1_label_comp_id 
_struct_conn.ptnr1_label_seq_id 
_struct_conn.ptnr1_label_atom_id 
_struct_conn.pdbx_ptnr1_label_alt_id 
_struct_conn.pdbx_ptnr1_PDB_ins_code 
_struct_conn.pdbx_ptnr1_standard_comp_id 
_struct_conn.ptnr1_symmetry 
_struct_conn.ptnr2_label_asym_id 
_struct_conn.ptnr2_label_comp_id 
_struct_conn.ptnr2_label_seq_id 
_struct_conn.ptnr2_label_atom_id 
_struct_conn.pdbx_ptnr2_label_alt_id 
_struct_conn.pdbx_ptnr2_PDB_ins_code 
_struct_conn.ptnr1_auth_asym_id 
_struct_conn.ptnr1_auth_comp_id 
_struct_conn.ptnr1_auth_seq_id 
_struct_conn.ptnr2_auth_asym_id 
_struct_conn.ptnr2_auth_comp_id 
_struct_conn.ptnr2_auth_seq_id 
_struct_conn.ptnr2_symmetry 
_struct_conn.pdbx_ptnr3_label_atom_id 
_struct_conn.pdbx_ptnr3_label_seq_id 
_struct_conn.pdbx_ptnr3_label_comp_id 
_struct_conn.pdbx_ptnr3_label_asym_id 
_struct_conn.pdbx_ptnr3_label_alt_id 
_struct_conn.pdbx_ptnr3_PDB_ins_code 
_struct_conn.details 
_struct_conn.pdbx_dist_value 
_struct_conn.pdbx_value_order 
_struct_conn.pdbx_role 
covale1 covale both ? A MSE 2   C ? ? ? 1_555 A LYS 3   N ? ? A MSE 1   A LYS 2   1_555 ? ? ? ? ? ? ? 1.333 ? ? 
covale2 covale both ? A TRP 40  C ? ? ? 1_555 A MSE 41  N ? ? A TRP 39  A MSE 40  1_555 ? ? ? ? ? ? ? 1.328 ? ? 
covale3 covale both ? A MSE 41  C ? ? ? 1_555 A PRO 42  N ? ? A MSE 40  A PRO 41  1_555 ? ? ? ? ? ? ? 1.354 ? ? 
covale4 covale both ? A GLY 128 C ? ? ? 1_555 A MSE 129 N ? ? A GLY 127 A MSE 128 1_555 ? ? ? ? ? ? ? 1.334 ? ? 
covale5 covale both ? A MSE 129 C ? ? ? 1_555 A SER 130 N ? ? A MSE 128 A SER 129 1_555 ? ? ? ? ? ? ? 1.319 ? ? 
# 
_struct_conn_type.id          covale 
_struct_conn_type.criteria    ? 
_struct_conn_type.reference   ? 
# 
loop_
_pdbx_modification_feature.ordinal 
_pdbx_modification_feature.label_comp_id 
_pdbx_modification_feature.label_asym_id 
_pdbx_modification_feature.label_seq_id 
_pdbx_modification_feature.label_alt_id 
_pdbx_modification_feature.modified_residue_label_comp_id 
_pdbx_modification_feature.modified_residue_label_asym_id 
_pdbx_modification_feature.modified_residue_label_seq_id 
_pdbx_modification_feature.modified_residue_label_alt_id 
_pdbx_modification_feature.auth_comp_id 
_pdbx_modification_feature.auth_asym_id 
_pdbx_modification_feature.auth_seq_id 
_pdbx_modification_feature.PDB_ins_code 
_pdbx_modification_feature.symmetry 
_pdbx_modification_feature.modified_residue_auth_comp_id 
_pdbx_modification_feature.modified_residue_auth_asym_id 
_pdbx_modification_feature.modified_residue_auth_seq_id 
_pdbx_modification_feature.modified_residue_PDB_ins_code 
_pdbx_modification_feature.modified_residue_symmetry 
_pdbx_modification_feature.comp_id_linking_atom 
_pdbx_modification_feature.modified_residue_id_linking_atom 
_pdbx_modification_feature.modified_residue_id 
_pdbx_modification_feature.ref_pcm_id 
_pdbx_modification_feature.ref_comp_id 
_pdbx_modification_feature.type 
_pdbx_modification_feature.category 
1 MSE A 2   ? . . . . MSE A 1   ? 1_555 . . . . . . . MET 1 MSE Selenomethionine 'Named protein modification' 
2 MSE A 41  ? . . . . MSE A 40  ? 1_555 . . . . . . . MET 1 MSE Selenomethionine 'Named protein modification' 
3 MSE A 129 ? . . . . MSE A 128 ? 1_555 . . . . . . . MET 1 MSE Selenomethionine 'Named protein modification' 
# 
_struct_mon_prot_cis.pdbx_id                1 
_struct_mon_prot_cis.label_comp_id          VAL 
_struct_mon_prot_cis.label_seq_id           85 
_struct_mon_prot_cis.label_asym_id          A 
_struct_mon_prot_cis.label_alt_id           . 
_struct_mon_prot_cis.pdbx_PDB_ins_code      ? 
_struct_mon_prot_cis.auth_comp_id           VAL 
_struct_mon_prot_cis.auth_seq_id            84 
_struct_mon_prot_cis.auth_asym_id           A 
_struct_mon_prot_cis.pdbx_label_comp_id_2   PRO 
_struct_mon_prot_cis.pdbx_label_seq_id_2    86 
_struct_mon_prot_cis.pdbx_label_asym_id_2   A 
_struct_mon_prot_cis.pdbx_PDB_ins_code_2    ? 
_struct_mon_prot_cis.pdbx_auth_comp_id_2    PRO 
_struct_mon_prot_cis.pdbx_auth_seq_id_2     85 
_struct_mon_prot_cis.pdbx_auth_asym_id_2    A 
_struct_mon_prot_cis.pdbx_PDB_model_num     1 
_struct_mon_prot_cis.pdbx_omega_angle       -1.10 
# 
_struct_sheet.id               A 
_struct_sheet.type             ? 
_struct_sheet.number_strands   6 
_struct_sheet.details          ? 
# 
loop_
_struct_sheet_order.sheet_id 
_struct_sheet_order.range_id_1 
_struct_sheet_order.range_id_2 
_struct_sheet_order.offset 
_struct_sheet_order.sense 
A 1 2 ? anti-parallel 
A 2 3 ? parallel      
A 3 4 ? anti-parallel 
A 4 5 ? anti-parallel 
A 5 6 ? anti-parallel 
# 
loop_
_struct_sheet_range.sheet_id 
_struct_sheet_range.id 
_struct_sheet_range.beg_label_comp_id 
_struct_sheet_range.beg_label_asym_id 
_struct_sheet_range.beg_label_seq_id 
_struct_sheet_range.pdbx_beg_PDB_ins_code 
_struct_sheet_range.end_label_comp_id 
_struct_sheet_range.end_label_asym_id 
_struct_sheet_range.end_label_seq_id 
_struct_sheet_range.pdbx_end_PDB_ins_code 
_struct_sheet_range.beg_auth_comp_id 
_struct_sheet_range.beg_auth_asym_id 
_struct_sheet_range.beg_auth_seq_id 
_struct_sheet_range.end_auth_comp_id 
_struct_sheet_range.end_auth_asym_id 
_struct_sheet_range.end_auth_seq_id 
A 1 SER A 59  ? TYR A 63  ? SER A 58  TYR A 62  
A 2 TYR A 33  ? PRO A 42  ? TYR A 32  PRO A 41  
A 3 LYS A 142 ? LEU A 150 ? LYS A 141 LEU A 149 
A 4 THR A 122 ? ASP A 135 ? THR A 121 ASP A 134 
A 5 VAL A 106 ? ARG A 119 ? VAL A 105 ARG A 118 
A 6 ARG A 89  ? ASP A 103 ? ARG A 88  ASP A 102 
# 
loop_
_pdbx_struct_sheet_hbond.sheet_id 
_pdbx_struct_sheet_hbond.range_id_1 
_pdbx_struct_sheet_hbond.range_id_2 
_pdbx_struct_sheet_hbond.range_1_label_atom_id 
_pdbx_struct_sheet_hbond.range_1_label_comp_id 
_pdbx_struct_sheet_hbond.range_1_label_asym_id 
_pdbx_struct_sheet_hbond.range_1_label_seq_id 
_pdbx_struct_sheet_hbond.range_1_PDB_ins_code 
_pdbx_struct_sheet_hbond.range_1_auth_atom_id 
_pdbx_struct_sheet_hbond.range_1_auth_comp_id 
_pdbx_struct_sheet_hbond.range_1_auth_asym_id 
_pdbx_struct_sheet_hbond.range_1_auth_seq_id 
_pdbx_struct_sheet_hbond.range_2_label_atom_id 
_pdbx_struct_sheet_hbond.range_2_label_comp_id 
_pdbx_struct_sheet_hbond.range_2_label_asym_id 
_pdbx_struct_sheet_hbond.range_2_label_seq_id 
_pdbx_struct_sheet_hbond.range_2_PDB_ins_code 
_pdbx_struct_sheet_hbond.range_2_auth_atom_id 
_pdbx_struct_sheet_hbond.range_2_auth_comp_id 
_pdbx_struct_sheet_hbond.range_2_auth_asym_id 
_pdbx_struct_sheet_hbond.range_2_auth_seq_id 
A 1 2 O ILE A 61  ? O ILE A 60  N MSE A 41  ? N MSE A 40  
A 2 3 N TRP A 40  ? N TRP A 39  O LYS A 146 ? O LYS A 145 
A 3 4 O LYS A 142 ? O LYS A 141 N ASP A 135 ? N ASP A 134 
A 4 5 O ILE A 134 ? O ILE A 133 N HIS A 107 ? N HIS A 106 
A 5 6 O TYR A 118 ? O TYR A 117 N ARG A 89  ? N ARG A 88  
# 
_struct_site.id                   AC1 
_struct_site.pdbx_evidence_code   Software 
_struct_site.pdbx_auth_asym_id    A 
_struct_site.pdbx_auth_comp_id    ACT 
_struct_site.pdbx_auth_seq_id     164 
_struct_site.pdbx_auth_ins_code   ? 
_struct_site.pdbx_num_residues    3 
_struct_site.details              'BINDING SITE FOR RESIDUE ACT A 164' 
# 
loop_
_struct_site_gen.id 
_struct_site_gen.site_id 
_struct_site_gen.pdbx_num_res 
_struct_site_gen.label_comp_id 
_struct_site_gen.label_asym_id 
_struct_site_gen.label_seq_id 
_struct_site_gen.pdbx_auth_ins_code 
_struct_site_gen.auth_comp_id 
_struct_site_gen.auth_asym_id 
_struct_site_gen.auth_seq_id 
_struct_site_gen.label_atom_id 
_struct_site_gen.label_alt_id 
_struct_site_gen.symmetry 
_struct_site_gen.details 
1 AC1 3 LYS A 77 ? LYS A 76  . ? 1_555 ? 
2 AC1 3 HOH C .  ? HOH A 196 . ? 1_555 ? 
3 AC1 3 HOH C .  ? HOH A 238 . ? 1_555 ? 
# 
_pdbx_entry_details.entry_id                   3E99 
_pdbx_entry_details.compound_details           ? 
_pdbx_entry_details.source_details             ? 
_pdbx_entry_details.nonpolymer_details         ? 
_pdbx_entry_details.sequence_details           
;THE CONSTRUCT WAS EXPRESSED WITH A PURIFICATION TAG MGSDKIHHHHHHENLYFQG. THE TAG WAS REMOVED WITH TEV PROTEASE LEAVING ONLY A GLYCINE (0) FOLLOWED BY THE TARGET SEQUENCE.
;
_pdbx_entry_details.has_ligand_of_interest     ? 
_pdbx_entry_details.has_protein_modification   Y 
# 
_pdbx_validate_close_contact.id               1 
_pdbx_validate_close_contact.PDB_model_num    1 
_pdbx_validate_close_contact.auth_atom_id_1   OH 
_pdbx_validate_close_contact.auth_asym_id_1   A 
_pdbx_validate_close_contact.auth_comp_id_1   TYR 
_pdbx_validate_close_contact.auth_seq_id_1    117 
_pdbx_validate_close_contact.PDB_ins_code_1   ? 
_pdbx_validate_close_contact.label_alt_id_1   ? 
_pdbx_validate_close_contact.auth_atom_id_2   O 
_pdbx_validate_close_contact.auth_asym_id_2   A 
_pdbx_validate_close_contact.auth_comp_id_2   TYR 
_pdbx_validate_close_contact.auth_seq_id_2    119 
_pdbx_validate_close_contact.PDB_ins_code_2   ? 
_pdbx_validate_close_contact.label_alt_id_2   A 
_pdbx_validate_close_contact.dist             2.14 
# 
_pdbx_validate_symm_contact.id                1 
_pdbx_validate_symm_contact.PDB_model_num     1 
_pdbx_validate_symm_contact.auth_atom_id_1    O 
_pdbx_validate_symm_contact.auth_asym_id_1    A 
_pdbx_validate_symm_contact.auth_comp_id_1    HOH 
_pdbx_validate_symm_contact.auth_seq_id_1     225 
_pdbx_validate_symm_contact.PDB_ins_code_1    ? 
_pdbx_validate_symm_contact.label_alt_id_1    ? 
_pdbx_validate_symm_contact.site_symmetry_1   1_555 
_pdbx_validate_symm_contact.auth_atom_id_2    O 
_pdbx_validate_symm_contact.auth_asym_id_2    A 
_pdbx_validate_symm_contact.auth_comp_id_2    HOH 
_pdbx_validate_symm_contact.auth_seq_id_2     282 
_pdbx_validate_symm_contact.PDB_ins_code_2    ? 
_pdbx_validate_symm_contact.label_alt_id_2    ? 
_pdbx_validate_symm_contact.site_symmetry_2   10_665 
_pdbx_validate_symm_contact.dist              2.16 
# 
loop_
_pdbx_validate_torsion.id 
_pdbx_validate_torsion.PDB_model_num 
_pdbx_validate_torsion.auth_comp_id 
_pdbx_validate_torsion.auth_asym_id 
_pdbx_validate_torsion.auth_seq_id 
_pdbx_validate_torsion.PDB_ins_code 
_pdbx_validate_torsion.label_alt_id 
_pdbx_validate_torsion.phi 
_pdbx_validate_torsion.psi 
1 1 ARG A 118 ? B -126.00 -68.05 
2 1 TYR A 119 ? A 74.52   -81.63 
3 1 LYS A 120 ? B 70.32   -23.49 
4 1 ASN A 151 ? ? -102.47 72.59  
# 
_pdbx_SG_project.project_name          'PSI, Protein Structure Initiative' 
_pdbx_SG_project.full_name_of_center   'Joint Center for Structural Genomics' 
_pdbx_SG_project.id                    1 
_pdbx_SG_project.initial_of_center     JCSG 
# 
loop_
_pdbx_struct_mod_residue.id 
_pdbx_struct_mod_residue.label_asym_id 
_pdbx_struct_mod_residue.label_comp_id 
_pdbx_struct_mod_residue.label_seq_id 
_pdbx_struct_mod_residue.auth_asym_id 
_pdbx_struct_mod_residue.auth_comp_id 
_pdbx_struct_mod_residue.auth_seq_id 
_pdbx_struct_mod_residue.PDB_ins_code 
_pdbx_struct_mod_residue.parent_comp_id 
_pdbx_struct_mod_residue.details 
1 A MSE 2   A MSE 1   ? MET SELENOMETHIONINE 
2 A MSE 41  A MSE 40  ? MET SELENOMETHIONINE 
3 A MSE 129 A MSE 128 ? MET SELENOMETHIONINE 
# 
loop_
_pdbx_struct_special_symmetry.id 
_pdbx_struct_special_symmetry.PDB_model_num 
_pdbx_struct_special_symmetry.auth_asym_id 
_pdbx_struct_special_symmetry.auth_comp_id 
_pdbx_struct_special_symmetry.auth_seq_id 
_pdbx_struct_special_symmetry.PDB_ins_code 
_pdbx_struct_special_symmetry.label_asym_id 
_pdbx_struct_special_symmetry.label_comp_id 
_pdbx_struct_special_symmetry.label_seq_id 
1 1 A HOH 174 ? C HOH . 
2 1 A HOH 188 ? C HOH . 
3 1 A HOH 197 ? C HOH . 
4 1 A HOH 213 ? C HOH . 
5 1 A HOH 239 ? C HOH . 
6 1 A HOH 243 ? C HOH . 
7 1 A HOH 256 ? C HOH . 
8 1 A HOH 275 ? C HOH . 
9 1 A HOH 283 ? C HOH . 
# 
_pdbx_refine_tls.id               1 
_pdbx_refine_tls.details          ? 
_pdbx_refine_tls.method           refined 
_pdbx_refine_tls.origin_x         -0.0232 
_pdbx_refine_tls.origin_y         -0.0431 
_pdbx_refine_tls.origin_z         0.0857 
_pdbx_refine_tls.T[1][1]          -0.0198 
_pdbx_refine_tls.T[2][2]          -0.0425 
_pdbx_refine_tls.T[3][3]          -0.0292 
_pdbx_refine_tls.T[1][2]          0.0299 
_pdbx_refine_tls.T[1][3]          -0.0164 
_pdbx_refine_tls.T[2][3]          -0.0371 
_pdbx_refine_tls.L[1][1]          1.2875 
_pdbx_refine_tls.L[2][2]          0.4485 
_pdbx_refine_tls.L[3][3]          0.8181 
_pdbx_refine_tls.L[1][2]          -0.6309 
_pdbx_refine_tls.L[1][3]          -0.1965 
_pdbx_refine_tls.L[2][3]          -0.2351 
_pdbx_refine_tls.S[1][1]          -0.1170 
_pdbx_refine_tls.S[2][2]          0.1180 
_pdbx_refine_tls.S[3][3]          -0.0010 
_pdbx_refine_tls.S[1][2]          -0.1314 
_pdbx_refine_tls.S[1][3]          -0.0528 
_pdbx_refine_tls.S[2][3]          -0.0042 
_pdbx_refine_tls.S[2][1]          0.1088 
_pdbx_refine_tls.S[3][1]          0.0593 
_pdbx_refine_tls.S[3][2]          0.1602 
_pdbx_refine_tls.pdbx_refine_id   'X-RAY DIFFRACTION' 
# 
_pdbx_refine_tls_group.id                  1 
_pdbx_refine_tls_group.refine_tls_id       1 
_pdbx_refine_tls_group.beg_auth_asym_id    A 
_pdbx_refine_tls_group.end_auth_asym_id    A 
_pdbx_refine_tls_group.end_auth_seq_id     163 
_pdbx_refine_tls_group.selection           ? 
_pdbx_refine_tls_group.beg_auth_seq_id     1 
_pdbx_refine_tls_group.beg_label_asym_id   A 
_pdbx_refine_tls_group.beg_label_seq_id    2 
_pdbx_refine_tls_group.end_label_asym_id   A 
_pdbx_refine_tls_group.end_label_seq_id    164 
_pdbx_refine_tls_group.pdbx_refine_id      'X-RAY DIFFRACTION' 
_pdbx_refine_tls_group.selection_details   ? 
# 
_phasing.method   MAD 
# 
loop_
_pdbx_unobs_or_zero_occ_residues.id 
_pdbx_unobs_or_zero_occ_residues.PDB_model_num 
_pdbx_unobs_or_zero_occ_residues.polymer_flag 
_pdbx_unobs_or_zero_occ_residues.occupancy_flag 
_pdbx_unobs_or_zero_occ_residues.auth_asym_id 
_pdbx_unobs_or_zero_occ_residues.auth_comp_id 
_pdbx_unobs_or_zero_occ_residues.auth_seq_id 
_pdbx_unobs_or_zero_occ_residues.PDB_ins_code 
_pdbx_unobs_or_zero_occ_residues.label_asym_id 
_pdbx_unobs_or_zero_occ_residues.label_comp_id 
_pdbx_unobs_or_zero_occ_residues.label_seq_id 
1  1 Y 1 A GLY 0   ? A GLY 1   
2  1 Y 1 A ALA 46  ? A ALA 47  
3  1 Y 1 A ASP 47  ? A ASP 48  
4  1 Y 1 A ALA 48  ? A ALA 49  
5  1 Y 1 A LEU 49  ? A LEU 50  
6  1 Y 1 A VAL 50  ? A VAL 51  
7  1 Y 1 A THR 51  ? A THR 52  
8  1 Y 1 A ASP 52  ? A ASP 53  
9  1 Y 1 A PRO 53  ? A PRO 54  
10 1 Y 1 A GLN 54  ? A GLN 55  
11 1 Y 1 A ARG 55  ? A ARG 56  
12 1 Y 1 A GLU 56  ? A GLU 57  
13 1 Y 1 A ILE 154 ? A ILE 155 
14 1 Y 1 A ASN 155 ? A ASN 156 
15 1 Y 1 A GLN 156 ? A GLN 157 
# 
loop_
_chem_comp_atom.comp_id 
_chem_comp_atom.atom_id 
_chem_comp_atom.type_symbol 
_chem_comp_atom.pdbx_aromatic_flag 
_chem_comp_atom.pdbx_stereo_config 
_chem_comp_atom.pdbx_ordinal 
ACT C    C  N N 1   
ACT O    O  N N 2   
ACT OXT  O  N N 3   
ACT CH3  C  N N 4   
ACT H1   H  N N 5   
ACT H2   H  N N 6   
ACT H3   H  N N 7   
ALA N    N  N N 8   
ALA CA   C  N S 9   
ALA C    C  N N 10  
ALA O    O  N N 11  
ALA CB   C  N N 12  
ALA OXT  O  N N 13  
ALA H    H  N N 14  
ALA H2   H  N N 15  
ALA HA   H  N N 16  
ALA HB1  H  N N 17  
ALA HB2  H  N N 18  
ALA HB3  H  N N 19  
ALA HXT  H  N N 20  
ARG N    N  N N 21  
ARG CA   C  N S 22  
ARG C    C  N N 23  
ARG O    O  N N 24  
ARG CB   C  N N 25  
ARG CG   C  N N 26  
ARG CD   C  N N 27  
ARG NE   N  N N 28  
ARG CZ   C  N N 29  
ARG NH1  N  N N 30  
ARG NH2  N  N N 31  
ARG OXT  O  N N 32  
ARG H    H  N N 33  
ARG H2   H  N N 34  
ARG HA   H  N N 35  
ARG HB2  H  N N 36  
ARG HB3  H  N N 37  
ARG HG2  H  N N 38  
ARG HG3  H  N N 39  
ARG HD2  H  N N 40  
ARG HD3  H  N N 41  
ARG HE   H  N N 42  
ARG HH11 H  N N 43  
ARG HH12 H  N N 44  
ARG HH21 H  N N 45  
ARG HH22 H  N N 46  
ARG HXT  H  N N 47  
ASN N    N  N N 48  
ASN CA   C  N S 49  
ASN C    C  N N 50  
ASN O    O  N N 51  
ASN CB   C  N N 52  
ASN CG   C  N N 53  
ASN OD1  O  N N 54  
ASN ND2  N  N N 55  
ASN OXT  O  N N 56  
ASN H    H  N N 57  
ASN H2   H  N N 58  
ASN HA   H  N N 59  
ASN HB2  H  N N 60  
ASN HB3  H  N N 61  
ASN HD21 H  N N 62  
ASN HD22 H  N N 63  
ASN HXT  H  N N 64  
ASP N    N  N N 65  
ASP CA   C  N S 66  
ASP C    C  N N 67  
ASP O    O  N N 68  
ASP CB   C  N N 69  
ASP CG   C  N N 70  
ASP OD1  O  N N 71  
ASP OD2  O  N N 72  
ASP OXT  O  N N 73  
ASP H    H  N N 74  
ASP H2   H  N N 75  
ASP HA   H  N N 76  
ASP HB2  H  N N 77  
ASP HB3  H  N N 78  
ASP HD2  H  N N 79  
ASP HXT  H  N N 80  
CYS N    N  N N 81  
CYS CA   C  N R 82  
CYS C    C  N N 83  
CYS O    O  N N 84  
CYS CB   C  N N 85  
CYS SG   S  N N 86  
CYS OXT  O  N N 87  
CYS H    H  N N 88  
CYS H2   H  N N 89  
CYS HA   H  N N 90  
CYS HB2  H  N N 91  
CYS HB3  H  N N 92  
CYS HG   H  N N 93  
CYS HXT  H  N N 94  
GLN N    N  N N 95  
GLN CA   C  N S 96  
GLN C    C  N N 97  
GLN O    O  N N 98  
GLN CB   C  N N 99  
GLN CG   C  N N 100 
GLN CD   C  N N 101 
GLN OE1  O  N N 102 
GLN NE2  N  N N 103 
GLN OXT  O  N N 104 
GLN H    H  N N 105 
GLN H2   H  N N 106 
GLN HA   H  N N 107 
GLN HB2  H  N N 108 
GLN HB3  H  N N 109 
GLN HG2  H  N N 110 
GLN HG3  H  N N 111 
GLN HE21 H  N N 112 
GLN HE22 H  N N 113 
GLN HXT  H  N N 114 
GLU N    N  N N 115 
GLU CA   C  N S 116 
GLU C    C  N N 117 
GLU O    O  N N 118 
GLU CB   C  N N 119 
GLU CG   C  N N 120 
GLU CD   C  N N 121 
GLU OE1  O  N N 122 
GLU OE2  O  N N 123 
GLU OXT  O  N N 124 
GLU H    H  N N 125 
GLU H2   H  N N 126 
GLU HA   H  N N 127 
GLU HB2  H  N N 128 
GLU HB3  H  N N 129 
GLU HG2  H  N N 130 
GLU HG3  H  N N 131 
GLU HE2  H  N N 132 
GLU HXT  H  N N 133 
GLY N    N  N N 134 
GLY CA   C  N N 135 
GLY C    C  N N 136 
GLY O    O  N N 137 
GLY OXT  O  N N 138 
GLY H    H  N N 139 
GLY H2   H  N N 140 
GLY HA2  H  N N 141 
GLY HA3  H  N N 142 
GLY HXT  H  N N 143 
HIS N    N  N N 144 
HIS CA   C  N S 145 
HIS C    C  N N 146 
HIS O    O  N N 147 
HIS CB   C  N N 148 
HIS CG   C  Y N 149 
HIS ND1  N  Y N 150 
HIS CD2  C  Y N 151 
HIS CE1  C  Y N 152 
HIS NE2  N  Y N 153 
HIS OXT  O  N N 154 
HIS H    H  N N 155 
HIS H2   H  N N 156 
HIS HA   H  N N 157 
HIS HB2  H  N N 158 
HIS HB3  H  N N 159 
HIS HD1  H  N N 160 
HIS HD2  H  N N 161 
HIS HE1  H  N N 162 
HIS HE2  H  N N 163 
HIS HXT  H  N N 164 
HOH O    O  N N 165 
HOH H1   H  N N 166 
HOH H2   H  N N 167 
ILE N    N  N N 168 
ILE CA   C  N S 169 
ILE C    C  N N 170 
ILE O    O  N N 171 
ILE CB   C  N S 172 
ILE CG1  C  N N 173 
ILE CG2  C  N N 174 
ILE CD1  C  N N 175 
ILE OXT  O  N N 176 
ILE H    H  N N 177 
ILE H2   H  N N 178 
ILE HA   H  N N 179 
ILE HB   H  N N 180 
ILE HG12 H  N N 181 
ILE HG13 H  N N 182 
ILE HG21 H  N N 183 
ILE HG22 H  N N 184 
ILE HG23 H  N N 185 
ILE HD11 H  N N 186 
ILE HD12 H  N N 187 
ILE HD13 H  N N 188 
ILE HXT  H  N N 189 
LEU N    N  N N 190 
LEU CA   C  N S 191 
LEU C    C  N N 192 
LEU O    O  N N 193 
LEU CB   C  N N 194 
LEU CG   C  N N 195 
LEU CD1  C  N N 196 
LEU CD2  C  N N 197 
LEU OXT  O  N N 198 
LEU H    H  N N 199 
LEU H2   H  N N 200 
LEU HA   H  N N 201 
LEU HB2  H  N N 202 
LEU HB3  H  N N 203 
LEU HG   H  N N 204 
LEU HD11 H  N N 205 
LEU HD12 H  N N 206 
LEU HD13 H  N N 207 
LEU HD21 H  N N 208 
LEU HD22 H  N N 209 
LEU HD23 H  N N 210 
LEU HXT  H  N N 211 
LYS N    N  N N 212 
LYS CA   C  N S 213 
LYS C    C  N N 214 
LYS O    O  N N 215 
LYS CB   C  N N 216 
LYS CG   C  N N 217 
LYS CD   C  N N 218 
LYS CE   C  N N 219 
LYS NZ   N  N N 220 
LYS OXT  O  N N 221 
LYS H    H  N N 222 
LYS H2   H  N N 223 
LYS HA   H  N N 224 
LYS HB2  H  N N 225 
LYS HB3  H  N N 226 
LYS HG2  H  N N 227 
LYS HG3  H  N N 228 
LYS HD2  H  N N 229 
LYS HD3  H  N N 230 
LYS HE2  H  N N 231 
LYS HE3  H  N N 232 
LYS HZ1  H  N N 233 
LYS HZ2  H  N N 234 
LYS HZ3  H  N N 235 
LYS HXT  H  N N 236 
MSE N    N  N N 237 
MSE CA   C  N S 238 
MSE C    C  N N 239 
MSE O    O  N N 240 
MSE OXT  O  N N 241 
MSE CB   C  N N 242 
MSE CG   C  N N 243 
MSE SE   SE N N 244 
MSE CE   C  N N 245 
MSE H    H  N N 246 
MSE H2   H  N N 247 
MSE HA   H  N N 248 
MSE HXT  H  N N 249 
MSE HB2  H  N N 250 
MSE HB3  H  N N 251 
MSE HG2  H  N N 252 
MSE HG3  H  N N 253 
MSE HE1  H  N N 254 
MSE HE2  H  N N 255 
MSE HE3  H  N N 256 
PHE N    N  N N 257 
PHE CA   C  N S 258 
PHE C    C  N N 259 
PHE O    O  N N 260 
PHE CB   C  N N 261 
PHE CG   C  Y N 262 
PHE CD1  C  Y N 263 
PHE CD2  C  Y N 264 
PHE CE1  C  Y N 265 
PHE CE2  C  Y N 266 
PHE CZ   C  Y N 267 
PHE OXT  O  N N 268 
PHE H    H  N N 269 
PHE H2   H  N N 270 
PHE HA   H  N N 271 
PHE HB2  H  N N 272 
PHE HB3  H  N N 273 
PHE HD1  H  N N 274 
PHE HD2  H  N N 275 
PHE HE1  H  N N 276 
PHE HE2  H  N N 277 
PHE HZ   H  N N 278 
PHE HXT  H  N N 279 
PRO N    N  N N 280 
PRO CA   C  N S 281 
PRO C    C  N N 282 
PRO O    O  N N 283 
PRO CB   C  N N 284 
PRO CG   C  N N 285 
PRO CD   C  N N 286 
PRO OXT  O  N N 287 
PRO H    H  N N 288 
PRO HA   H  N N 289 
PRO HB2  H  N N 290 
PRO HB3  H  N N 291 
PRO HG2  H  N N 292 
PRO HG3  H  N N 293 
PRO HD2  H  N N 294 
PRO HD3  H  N N 295 
PRO HXT  H  N N 296 
SER N    N  N N 297 
SER CA   C  N S 298 
SER C    C  N N 299 
SER O    O  N N 300 
SER CB   C  N N 301 
SER OG   O  N N 302 
SER OXT  O  N N 303 
SER H    H  N N 304 
SER H2   H  N N 305 
SER HA   H  N N 306 
SER HB2  H  N N 307 
SER HB3  H  N N 308 
SER HG   H  N N 309 
SER HXT  H  N N 310 
THR N    N  N N 311 
THR CA   C  N S 312 
THR C    C  N N 313 
THR O    O  N N 314 
THR CB   C  N R 315 
THR OG1  O  N N 316 
THR CG2  C  N N 317 
THR OXT  O  N N 318 
THR H    H  N N 319 
THR H2   H  N N 320 
THR HA   H  N N 321 
THR HB   H  N N 322 
THR HG1  H  N N 323 
THR HG21 H  N N 324 
THR HG22 H  N N 325 
THR HG23 H  N N 326 
THR HXT  H  N N 327 
TRP N    N  N N 328 
TRP CA   C  N S 329 
TRP C    C  N N 330 
TRP O    O  N N 331 
TRP CB   C  N N 332 
TRP CG   C  Y N 333 
TRP CD1  C  Y N 334 
TRP CD2  C  Y N 335 
TRP NE1  N  Y N 336 
TRP CE2  C  Y N 337 
TRP CE3  C  Y N 338 
TRP CZ2  C  Y N 339 
TRP CZ3  C  Y N 340 
TRP CH2  C  Y N 341 
TRP OXT  O  N N 342 
TRP H    H  N N 343 
TRP H2   H  N N 344 
TRP HA   H  N N 345 
TRP HB2  H  N N 346 
TRP HB3  H  N N 347 
TRP HD1  H  N N 348 
TRP HE1  H  N N 349 
TRP HE3  H  N N 350 
TRP HZ2  H  N N 351 
TRP HZ3  H  N N 352 
TRP HH2  H  N N 353 
TRP HXT  H  N N 354 
TYR N    N  N N 355 
TYR CA   C  N S 356 
TYR C    C  N N 357 
TYR O    O  N N 358 
TYR CB   C  N N 359 
TYR CG   C  Y N 360 
TYR CD1  C  Y N 361 
TYR CD2  C  Y N 362 
TYR CE1  C  Y N 363 
TYR CE2  C  Y N 364 
TYR CZ   C  Y N 365 
TYR OH   O  N N 366 
TYR OXT  O  N N 367 
TYR H    H  N N 368 
TYR H2   H  N N 369 
TYR HA   H  N N 370 
TYR HB2  H  N N 371 
TYR HB3  H  N N 372 
TYR HD1  H  N N 373 
TYR HD2  H  N N 374 
TYR HE1  H  N N 375 
TYR HE2  H  N N 376 
TYR HH   H  N N 377 
TYR HXT  H  N N 378 
VAL N    N  N N 379 
VAL CA   C  N S 380 
VAL C    C  N N 381 
VAL O    O  N N 382 
VAL CB   C  N N 383 
VAL CG1  C  N N 384 
VAL CG2  C  N N 385 
VAL OXT  O  N N 386 
VAL H    H  N N 387 
VAL H2   H  N N 388 
VAL HA   H  N N 389 
VAL HB   H  N N 390 
VAL HG11 H  N N 391 
VAL HG12 H  N N 392 
VAL HG13 H  N N 393 
VAL HG21 H  N N 394 
VAL HG22 H  N N 395 
VAL HG23 H  N N 396 
VAL HXT  H  N N 397 
# 
loop_
_chem_comp_bond.comp_id 
_chem_comp_bond.atom_id_1 
_chem_comp_bond.atom_id_2 
_chem_comp_bond.value_order 
_chem_comp_bond.pdbx_aromatic_flag 
_chem_comp_bond.pdbx_stereo_config 
_chem_comp_bond.pdbx_ordinal 
ACT C   O    doub N N 1   
ACT C   OXT  sing N N 2   
ACT C   CH3  sing N N 3   
ACT CH3 H1   sing N N 4   
ACT CH3 H2   sing N N 5   
ACT CH3 H3   sing N N 6   
ALA N   CA   sing N N 7   
ALA N   H    sing N N 8   
ALA N   H2   sing N N 9   
ALA CA  C    sing N N 10  
ALA CA  CB   sing N N 11  
ALA CA  HA   sing N N 12  
ALA C   O    doub N N 13  
ALA C   OXT  sing N N 14  
ALA CB  HB1  sing N N 15  
ALA CB  HB2  sing N N 16  
ALA CB  HB3  sing N N 17  
ALA OXT HXT  sing N N 18  
ARG N   CA   sing N N 19  
ARG N   H    sing N N 20  
ARG N   H2   sing N N 21  
ARG CA  C    sing N N 22  
ARG CA  CB   sing N N 23  
ARG CA  HA   sing N N 24  
ARG C   O    doub N N 25  
ARG C   OXT  sing N N 26  
ARG CB  CG   sing N N 27  
ARG CB  HB2  sing N N 28  
ARG CB  HB3  sing N N 29  
ARG CG  CD   sing N N 30  
ARG CG  HG2  sing N N 31  
ARG CG  HG3  sing N N 32  
ARG CD  NE   sing N N 33  
ARG CD  HD2  sing N N 34  
ARG CD  HD3  sing N N 35  
ARG NE  CZ   sing N N 36  
ARG NE  HE   sing N N 37  
ARG CZ  NH1  sing N N 38  
ARG CZ  NH2  doub N N 39  
ARG NH1 HH11 sing N N 40  
ARG NH1 HH12 sing N N 41  
ARG NH2 HH21 sing N N 42  
ARG NH2 HH22 sing N N 43  
ARG OXT HXT  sing N N 44  
ASN N   CA   sing N N 45  
ASN N   H    sing N N 46  
ASN N   H2   sing N N 47  
ASN CA  C    sing N N 48  
ASN CA  CB   sing N N 49  
ASN CA  HA   sing N N 50  
ASN C   O    doub N N 51  
ASN C   OXT  sing N N 52  
ASN CB  CG   sing N N 53  
ASN CB  HB2  sing N N 54  
ASN CB  HB3  sing N N 55  
ASN CG  OD1  doub N N 56  
ASN CG  ND2  sing N N 57  
ASN ND2 HD21 sing N N 58  
ASN ND2 HD22 sing N N 59  
ASN OXT HXT  sing N N 60  
ASP N   CA   sing N N 61  
ASP N   H    sing N N 62  
ASP N   H2   sing N N 63  
ASP CA  C    sing N N 64  
ASP CA  CB   sing N N 65  
ASP CA  HA   sing N N 66  
ASP C   O    doub N N 67  
ASP C   OXT  sing N N 68  
ASP CB  CG   sing N N 69  
ASP CB  HB2  sing N N 70  
ASP CB  HB3  sing N N 71  
ASP CG  OD1  doub N N 72  
ASP CG  OD2  sing N N 73  
ASP OD2 HD2  sing N N 74  
ASP OXT HXT  sing N N 75  
CYS N   CA   sing N N 76  
CYS N   H    sing N N 77  
CYS N   H2   sing N N 78  
CYS CA  C    sing N N 79  
CYS CA  CB   sing N N 80  
CYS CA  HA   sing N N 81  
CYS C   O    doub N N 82  
CYS C   OXT  sing N N 83  
CYS CB  SG   sing N N 84  
CYS CB  HB2  sing N N 85  
CYS CB  HB3  sing N N 86  
CYS SG  HG   sing N N 87  
CYS OXT HXT  sing N N 88  
GLN N   CA   sing N N 89  
GLN N   H    sing N N 90  
GLN N   H2   sing N N 91  
GLN CA  C    sing N N 92  
GLN CA  CB   sing N N 93  
GLN CA  HA   sing N N 94  
GLN C   O    doub N N 95  
GLN C   OXT  sing N N 96  
GLN CB  CG   sing N N 97  
GLN CB  HB2  sing N N 98  
GLN CB  HB3  sing N N 99  
GLN CG  CD   sing N N 100 
GLN CG  HG2  sing N N 101 
GLN CG  HG3  sing N N 102 
GLN CD  OE1  doub N N 103 
GLN CD  NE2  sing N N 104 
GLN NE2 HE21 sing N N 105 
GLN NE2 HE22 sing N N 106 
GLN OXT HXT  sing N N 107 
GLU N   CA   sing N N 108 
GLU N   H    sing N N 109 
GLU N   H2   sing N N 110 
GLU CA  C    sing N N 111 
GLU CA  CB   sing N N 112 
GLU CA  HA   sing N N 113 
GLU C   O    doub N N 114 
GLU C   OXT  sing N N 115 
GLU CB  CG   sing N N 116 
GLU CB  HB2  sing N N 117 
GLU CB  HB3  sing N N 118 
GLU CG  CD   sing N N 119 
GLU CG  HG2  sing N N 120 
GLU CG  HG3  sing N N 121 
GLU CD  OE1  doub N N 122 
GLU CD  OE2  sing N N 123 
GLU OE2 HE2  sing N N 124 
GLU OXT HXT  sing N N 125 
GLY N   CA   sing N N 126 
GLY N   H    sing N N 127 
GLY N   H2   sing N N 128 
GLY CA  C    sing N N 129 
GLY CA  HA2  sing N N 130 
GLY CA  HA3  sing N N 131 
GLY C   O    doub N N 132 
GLY C   OXT  sing N N 133 
GLY OXT HXT  sing N N 134 
HIS N   CA   sing N N 135 
HIS N   H    sing N N 136 
HIS N   H2   sing N N 137 
HIS CA  C    sing N N 138 
HIS CA  CB   sing N N 139 
HIS CA  HA   sing N N 140 
HIS C   O    doub N N 141 
HIS C   OXT  sing N N 142 
HIS CB  CG   sing N N 143 
HIS CB  HB2  sing N N 144 
HIS CB  HB3  sing N N 145 
HIS CG  ND1  sing Y N 146 
HIS CG  CD2  doub Y N 147 
HIS ND1 CE1  doub Y N 148 
HIS ND1 HD1  sing N N 149 
HIS CD2 NE2  sing Y N 150 
HIS CD2 HD2  sing N N 151 
HIS CE1 NE2  sing Y N 152 
HIS CE1 HE1  sing N N 153 
HIS NE2 HE2  sing N N 154 
HIS OXT HXT  sing N N 155 
HOH O   H1   sing N N 156 
HOH O   H2   sing N N 157 
ILE N   CA   sing N N 158 
ILE N   H    sing N N 159 
ILE N   H2   sing N N 160 
ILE CA  C    sing N N 161 
ILE CA  CB   sing N N 162 
ILE CA  HA   sing N N 163 
ILE C   O    doub N N 164 
ILE C   OXT  sing N N 165 
ILE CB  CG1  sing N N 166 
ILE CB  CG2  sing N N 167 
ILE CB  HB   sing N N 168 
ILE CG1 CD1  sing N N 169 
ILE CG1 HG12 sing N N 170 
ILE CG1 HG13 sing N N 171 
ILE CG2 HG21 sing N N 172 
ILE CG2 HG22 sing N N 173 
ILE CG2 HG23 sing N N 174 
ILE CD1 HD11 sing N N 175 
ILE CD1 HD12 sing N N 176 
ILE CD1 HD13 sing N N 177 
ILE OXT HXT  sing N N 178 
LEU N   CA   sing N N 179 
LEU N   H    sing N N 180 
LEU N   H2   sing N N 181 
LEU CA  C    sing N N 182 
LEU CA  CB   sing N N 183 
LEU CA  HA   sing N N 184 
LEU C   O    doub N N 185 
LEU C   OXT  sing N N 186 
LEU CB  CG   sing N N 187 
LEU CB  HB2  sing N N 188 
LEU CB  HB3  sing N N 189 
LEU CG  CD1  sing N N 190 
LEU CG  CD2  sing N N 191 
LEU CG  HG   sing N N 192 
LEU CD1 HD11 sing N N 193 
LEU CD1 HD12 sing N N 194 
LEU CD1 HD13 sing N N 195 
LEU CD2 HD21 sing N N 196 
LEU CD2 HD22 sing N N 197 
LEU CD2 HD23 sing N N 198 
LEU OXT HXT  sing N N 199 
LYS N   CA   sing N N 200 
LYS N   H    sing N N 201 
LYS N   H2   sing N N 202 
LYS CA  C    sing N N 203 
LYS CA  CB   sing N N 204 
LYS CA  HA   sing N N 205 
LYS C   O    doub N N 206 
LYS C   OXT  sing N N 207 
LYS CB  CG   sing N N 208 
LYS CB  HB2  sing N N 209 
LYS CB  HB3  sing N N 210 
LYS CG  CD   sing N N 211 
LYS CG  HG2  sing N N 212 
LYS CG  HG3  sing N N 213 
LYS CD  CE   sing N N 214 
LYS CD  HD2  sing N N 215 
LYS CD  HD3  sing N N 216 
LYS CE  NZ   sing N N 217 
LYS CE  HE2  sing N N 218 
LYS CE  HE3  sing N N 219 
LYS NZ  HZ1  sing N N 220 
LYS NZ  HZ2  sing N N 221 
LYS NZ  HZ3  sing N N 222 
LYS OXT HXT  sing N N 223 
MSE N   CA   sing N N 224 
MSE N   H    sing N N 225 
MSE N   H2   sing N N 226 
MSE CA  C    sing N N 227 
MSE CA  CB   sing N N 228 
MSE CA  HA   sing N N 229 
MSE C   O    doub N N 230 
MSE C   OXT  sing N N 231 
MSE OXT HXT  sing N N 232 
MSE CB  CG   sing N N 233 
MSE CB  HB2  sing N N 234 
MSE CB  HB3  sing N N 235 
MSE CG  SE   sing N N 236 
MSE CG  HG2  sing N N 237 
MSE CG  HG3  sing N N 238 
MSE SE  CE   sing N N 239 
MSE CE  HE1  sing N N 240 
MSE CE  HE2  sing N N 241 
MSE CE  HE3  sing N N 242 
PHE N   CA   sing N N 243 
PHE N   H    sing N N 244 
PHE N   H2   sing N N 245 
PHE CA  C    sing N N 246 
PHE CA  CB   sing N N 247 
PHE CA  HA   sing N N 248 
PHE C   O    doub N N 249 
PHE C   OXT  sing N N 250 
PHE CB  CG   sing N N 251 
PHE CB  HB2  sing N N 252 
PHE CB  HB3  sing N N 253 
PHE CG  CD1  doub Y N 254 
PHE CG  CD2  sing Y N 255 
PHE CD1 CE1  sing Y N 256 
PHE CD1 HD1  sing N N 257 
PHE CD2 CE2  doub Y N 258 
PHE CD2 HD2  sing N N 259 
PHE CE1 CZ   doub Y N 260 
PHE CE1 HE1  sing N N 261 
PHE CE2 CZ   sing Y N 262 
PHE CE2 HE2  sing N N 263 
PHE CZ  HZ   sing N N 264 
PHE OXT HXT  sing N N 265 
PRO N   CA   sing N N 266 
PRO N   CD   sing N N 267 
PRO N   H    sing N N 268 
PRO CA  C    sing N N 269 
PRO CA  CB   sing N N 270 
PRO CA  HA   sing N N 271 
PRO C   O    doub N N 272 
PRO C   OXT  sing N N 273 
PRO CB  CG   sing N N 274 
PRO CB  HB2  sing N N 275 
PRO CB  HB3  sing N N 276 
PRO CG  CD   sing N N 277 
PRO CG  HG2  sing N N 278 
PRO CG  HG3  sing N N 279 
PRO CD  HD2  sing N N 280 
PRO CD  HD3  sing N N 281 
PRO OXT HXT  sing N N 282 
SER N   CA   sing N N 283 
SER N   H    sing N N 284 
SER N   H2   sing N N 285 
SER CA  C    sing N N 286 
SER CA  CB   sing N N 287 
SER CA  HA   sing N N 288 
SER C   O    doub N N 289 
SER C   OXT  sing N N 290 
SER CB  OG   sing N N 291 
SER CB  HB2  sing N N 292 
SER CB  HB3  sing N N 293 
SER OG  HG   sing N N 294 
SER OXT HXT  sing N N 295 
THR N   CA   sing N N 296 
THR N   H    sing N N 297 
THR N   H2   sing N N 298 
THR CA  C    sing N N 299 
THR CA  CB   sing N N 300 
THR CA  HA   sing N N 301 
THR C   O    doub N N 302 
THR C   OXT  sing N N 303 
THR CB  OG1  sing N N 304 
THR CB  CG2  sing N N 305 
THR CB  HB   sing N N 306 
THR OG1 HG1  sing N N 307 
THR CG2 HG21 sing N N 308 
THR CG2 HG22 sing N N 309 
THR CG2 HG23 sing N N 310 
THR OXT HXT  sing N N 311 
TRP N   CA   sing N N 312 
TRP N   H    sing N N 313 
TRP N   H2   sing N N 314 
TRP CA  C    sing N N 315 
TRP CA  CB   sing N N 316 
TRP CA  HA   sing N N 317 
TRP C   O    doub N N 318 
TRP C   OXT  sing N N 319 
TRP CB  CG   sing N N 320 
TRP CB  HB2  sing N N 321 
TRP CB  HB3  sing N N 322 
TRP CG  CD1  doub Y N 323 
TRP CG  CD2  sing Y N 324 
TRP CD1 NE1  sing Y N 325 
TRP CD1 HD1  sing N N 326 
TRP CD2 CE2  doub Y N 327 
TRP CD2 CE3  sing Y N 328 
TRP NE1 CE2  sing Y N 329 
TRP NE1 HE1  sing N N 330 
TRP CE2 CZ2  sing Y N 331 
TRP CE3 CZ3  doub Y N 332 
TRP CE3 HE3  sing N N 333 
TRP CZ2 CH2  doub Y N 334 
TRP CZ2 HZ2  sing N N 335 
TRP CZ3 CH2  sing Y N 336 
TRP CZ3 HZ3  sing N N 337 
TRP CH2 HH2  sing N N 338 
TRP OXT HXT  sing N N 339 
TYR N   CA   sing N N 340 
TYR N   H    sing N N 341 
TYR N   H2   sing N N 342 
TYR CA  C    sing N N 343 
TYR CA  CB   sing N N 344 
TYR CA  HA   sing N N 345 
TYR C   O    doub N N 346 
TYR C   OXT  sing N N 347 
TYR CB  CG   sing N N 348 
TYR CB  HB2  sing N N 349 
TYR CB  HB3  sing N N 350 
TYR CG  CD1  doub Y N 351 
TYR CG  CD2  sing Y N 352 
TYR CD1 CE1  sing Y N 353 
TYR CD1 HD1  sing N N 354 
TYR CD2 CE2  doub Y N 355 
TYR CD2 HD2  sing N N 356 
TYR CE1 CZ   doub Y N 357 
TYR CE1 HE1  sing N N 358 
TYR CE2 CZ   sing Y N 359 
TYR CE2 HE2  sing N N 360 
TYR CZ  OH   sing N N 361 
TYR OH  HH   sing N N 362 
TYR OXT HXT  sing N N 363 
VAL N   CA   sing N N 364 
VAL N   H    sing N N 365 
VAL N   H2   sing N N 366 
VAL CA  C    sing N N 367 
VAL CA  CB   sing N N 368 
VAL CA  HA   sing N N 369 
VAL C   O    doub N N 370 
VAL C   OXT  sing N N 371 
VAL CB  CG1  sing N N 372 
VAL CB  CG2  sing N N 373 
VAL CB  HB   sing N N 374 
VAL CG1 HG11 sing N N 375 
VAL CG1 HG12 sing N N 376 
VAL CG1 HG13 sing N N 377 
VAL CG2 HG21 sing N N 378 
VAL CG2 HG22 sing N N 379 
VAL CG2 HG23 sing N N 380 
VAL OXT HXT  sing N N 381 
# 
_atom_sites.entry_id                    3E99 
_atom_sites.fract_transf_matrix[1][1]   -0.01843042 
_atom_sites.fract_transf_matrix[1][2]   0.00603157 
_atom_sites.fract_transf_matrix[1][3]   -0.00275428 
_atom_sites.fract_transf_matrix[2][1]   -0.01197901 
_atom_sites.fract_transf_matrix[2][2]   0.00220289 
_atom_sites.fract_transf_matrix[2][3]   0.01533953 
_atom_sites.fract_transf_matrix[3][1]   0.00177591 
_atom_sites.fract_transf_matrix[3][2]   0.00568694 
_atom_sites.fract_transf_matrix[3][3]   0.00057016 
_atom_sites.fract_transf_vector[1]      0.375382 
_atom_sites.fract_transf_vector[2]      0.288806 
_atom_sites.fract_transf_vector[3]      0.121959 
# 
loop_
_atom_type.symbol 
C  
N  
O  
S  
SE 
# 
loop_
_atom_site.group_PDB 
_atom_site.id 
_atom_site.type_symbol 
_atom_site.label_atom_id 
_atom_site.label_alt_id 
_atom_site.label_comp_id 
_atom_site.label_asym_id 
_atom_site.label_entity_id 
_atom_site.label_seq_id 
_atom_site.pdbx_PDB_ins_code 
_atom_site.Cartn_x 
_atom_site.Cartn_y 
_atom_site.Cartn_z 
_atom_site.occupancy 
_atom_site.B_iso_or_equiv 
_atom_site.pdbx_formal_charge 
_atom_site.auth_seq_id 
_atom_site.auth_comp_id 
_atom_site.auth_asym_id 
_atom_site.auth_atom_id 
_atom_site.pdbx_PDB_model_num 
HETATM 1    N  N   . MSE A 1 2   ? 7.789   26.972  5.624   1.00 45.15 ? 1   MSE A N   1 
HETATM 2    C  CA  . MSE A 1 2   ? 6.675   25.985  5.714   1.00 42.37 ? 1   MSE A CA  1 
HETATM 3    C  C   . MSE A 1 2   ? 6.429   25.255  4.406   1.00 42.37 ? 1   MSE A C   1 
HETATM 4    O  O   . MSE A 1 2   ? 6.214   25.897  3.369   1.00 44.15 ? 1   MSE A O   1 
HETATM 5    C  CB  . MSE A 1 2   ? 5.370   26.681  6.090   1.00 43.11 ? 1   MSE A CB  1 
HETATM 6    C  CG  . MSE A 1 2   ? 4.275   25.682  6.327   1.00 43.11 ? 1   MSE A CG  1 
HETATM 7    SE SE  . MSE A 1 2   ? 2.567   26.327  6.871   0.75 34.95 ? 1   MSE A SE  1 
HETATM 8    C  CE  . MSE A 1 2   ? 1.786   24.560  6.768   1.00 32.80 ? 1   MSE A CE  1 
ATOM   9    N  N   . LYS A 1 3   ? 6.383   23.923  4.457   1.00 42.60 ? 2   LYS A N   1 
ATOM   10   C  CA  . LYS A 1 3   ? 5.825   23.159  3.336   1.00 41.19 ? 2   LYS A CA  1 
ATOM   11   C  C   . LYS A 1 3   ? 4.303   23.245  3.356   1.00 35.57 ? 2   LYS A C   1 
ATOM   12   O  O   . LYS A 1 3   ? 3.664   22.851  4.326   1.00 35.21 ? 2   LYS A O   1 
ATOM   13   C  CB  . LYS A 1 3   ? 6.284   21.686  3.359   1.00 43.96 ? 2   LYS A CB  1 
ATOM   14   C  CG  . LYS A 1 3   ? 7.284   21.356  2.267   1.00 46.34 ? 2   LYS A CG  1 
ATOM   15   C  CD  . LYS A 1 3   ? 8.235   20.264  2.681   1.00 52.01 ? 2   LYS A CD  1 
ATOM   16   C  CE  . LYS A 1 3   ? 9.026   19.748  1.502   1.00 53.33 ? 2   LYS A CE  1 
ATOM   17   N  NZ  . LYS A 1 3   ? 10.076  18.802  1.928   1.00 55.21 ? 2   LYS A NZ  1 
ATOM   18   N  N   . THR A 1 4   ? 3.723   23.806  2.305   1.00 31.64 ? 3   THR A N   1 
ATOM   19   C  CA  . THR A 1 4   ? 2.281   23.817  2.179   1.00 32.27 ? 3   THR A CA  1 
ATOM   20   C  C   . THR A 1 4   ? 1.945   22.583  1.342   1.00 33.04 ? 3   THR A C   1 
ATOM   21   O  O   . THR A 1 4   ? 2.501   22.367  0.270   1.00 38.91 ? 3   THR A O   1 
ATOM   22   C  CB  . THR A 1 4   ? 1.698   25.153  1.631   1.00 34.47 ? 3   THR A CB  1 
ATOM   23   O  OG1 . THR A 1 4   ? 2.078   25.359  0.272   1.00 41.93 ? 3   THR A OG1 1 
ATOM   24   C  CG2 . THR A 1 4   ? 2.173   26.356  2.494   1.00 23.45 ? 3   THR A CG2 1 
ATOM   25   N  N   . ILE A 1 5   ? 1.122   21.728  1.921   1.00 28.53 ? 4   ILE A N   1 
ATOM   26   C  CA  . ILE A 1 5   ? 0.774   20.443  1.380   1.00 28.80 ? 4   ILE A CA  1 
ATOM   27   C  C   . ILE A 1 5   ? -0.730  20.475  1.428   1.00 28.63 ? 4   ILE A C   1 
ATOM   28   O  O   . ILE A 1 5   ? -1.325  20.849  2.454   1.00 27.33 ? 4   ILE A O   1 
ATOM   29   C  CB  . ILE A 1 5   ? 1.322   19.290  2.249   1.00 28.23 ? 4   ILE A CB  1 
ATOM   30   C  CG1 . ILE A 1 5   ? 2.846   19.246  2.213   1.00 35.62 ? 4   ILE A CG1 1 
ATOM   31   C  CG2 . ILE A 1 5   ? 0.773   17.904  1.800   1.00 36.62 ? 4   ILE A CG2 1 
ATOM   32   C  CD1 . ILE A 1 5   ? 3.415   18.918  0.846   1.00 34.79 ? 4   ILE A CD1 1 
ATOM   33   N  N   . ASP A 1 6   ? -1.352  20.143  0.305   1.00 28.84 ? 5   ASP A N   1 
ATOM   34   C  CA  . ASP A 1 6   ? -2.788  20.054  0.260   1.00 27.24 ? 5   ASP A CA  1 
ATOM   35   C  C   . ASP A 1 6   ? -3.217  18.642  -0.166  1.00 26.75 ? 5   ASP A C   1 
ATOM   36   O  O   . ASP A 1 6   ? -2.388  17.739  -0.395  1.00 25.40 ? 5   ASP A O   1 
ATOM   37   C  CB  . ASP A 1 6   ? -3.361  21.117  -0.672  1.00 26.98 ? 5   ASP A CB  1 
ATOM   38   C  CG  . ASP A 1 6   ? -2.909  20.969  -2.111  1.00 31.78 ? 5   ASP A CG  1 
ATOM   39   O  OD1 . ASP A 1 6   ? -2.468  19.886  -2.533  1.00 32.00 ? 5   ASP A OD1 1 
ATOM   40   O  OD2 . ASP A 1 6   ? -3.038  21.954  -2.861  1.00 33.83 ? 5   ASP A OD2 1 
ATOM   41   N  N   . LEU A 1 7   ? -4.526  18.470  -0.305  1.00 26.50 ? 6   LEU A N   1 
ATOM   42   C  CA  . LEU A 1 7   ? -5.091  17.174  -0.617  1.00 25.89 ? 6   LEU A CA  1 
ATOM   43   C  C   . LEU A 1 7   ? -4.605  16.666  -1.943  1.00 22.73 ? 6   LEU A C   1 
ATOM   44   O  O   . LEU A 1 7   ? -4.337  15.473  -2.081  1.00 24.38 ? 6   LEU A O   1 
ATOM   45   C  CB  . LEU A 1 7   ? -6.624  17.248  -0.602  1.00 27.35 ? 6   LEU A CB  1 
ATOM   46   C  CG  . LEU A 1 7   ? -7.355  15.972  -0.923  1.00 29.33 ? 6   LEU A CG  1 
ATOM   47   C  CD1 . LEU A 1 7   ? -6.987  14.883  0.098   1.00 27.39 ? 6   LEU A CD1 1 
ATOM   48   C  CD2 . LEU A 1 7   ? -8.883  16.249  -0.962  1.00 30.33 ? 6   LEU A CD2 1 
ATOM   49   N  N   . ALA A 1 8   ? -4.470  17.542  -2.929  1.00 25.33 ? 7   ALA A N   1 
ATOM   50   C  CA  . ALA A 1 8   ? -3.947  17.132  -4.222  1.00 26.61 ? 7   ALA A CA  1 
ATOM   51   C  C   . ALA A 1 8   ? -2.513  16.618  -4.140  1.00 27.74 ? 7   ALA A C   1 
ATOM   52   O  O   . ALA A 1 8   ? -2.179  15.642  -4.795  1.00 26.84 ? 7   ALA A O   1 
ATOM   53   C  CB  . ALA A 1 8   ? -4.088  18.224  -5.277  1.00 27.06 ? 7   ALA A CB  1 
ATOM   54   N  N   . ASP A 1 9   ? -1.670  17.259  -3.331  1.00 25.11 ? 8   ASP A N   1 
ATOM   55   C  CA  . ASP A 1 9   ? -0.312  16.759  -3.135  1.00 24.89 ? 8   ASP A CA  1 
ATOM   56   C  C   . ASP A 1 9   ? -0.319  15.351  -2.512  1.00 21.19 ? 8   ASP A C   1 
ATOM   57   O  O   . ASP A 1 9   ? 0.452   14.467  -2.904  1.00 24.63 ? 8   ASP A O   1 
ATOM   58   C  CB  . ASP A 1 9   ? 0.477   17.695  -2.250  1.00 22.13 ? 8   ASP A CB  1 
ATOM   59   C  CG  . ASP A 1 9   ? 0.671   19.040  -2.870  1.00 32.50 ? 8   ASP A CG  1 
ATOM   60   O  OD1 . ASP A 1 9   ? 0.877   19.117  -4.109  1.00 33.27 ? 8   ASP A OD1 1 
ATOM   61   O  OD2 . ASP A 1 9   ? 0.583   20.017  -2.110  1.00 28.96 ? 8   ASP A OD2 1 
ATOM   62   N  N   . ILE A 1 10  ? -1.184  15.164  -1.527  1.00 24.09 ? 9   ILE A N   1 
ATOM   63   C  CA  . ILE A 1 10  ? -1.342  13.878  -0.883  1.00 22.00 ? 9   ILE A CA  1 
ATOM   64   C  C   . ILE A 1 10  ? -1.843  12.816  -1.861  1.00 24.51 ? 9   ILE A C   1 
ATOM   65   O  O   . ILE A 1 10  ? -1.336  11.709  -1.882  1.00 26.03 ? 9   ILE A O   1 
ATOM   66   C  CB  . ILE A 1 10  ? -2.250  13.965  0.368   1.00 24.02 ? 9   ILE A CB  1 
ATOM   67   C  CG1 . ILE A 1 10  ? -1.648  14.899  1.442   1.00 22.66 ? 9   ILE A CG1 1 
ATOM   68   C  CG2 . ILE A 1 10  ? -2.487  12.547  0.978   1.00 20.84 ? 9   ILE A CG2 1 
ATOM   69   C  CD1 . ILE A 1 10  ? -2.600  15.331  2.551   1.00 19.62 ? 9   ILE A CD1 1 
ATOM   70   N  N   . GLN A 1 11  ? -2.860  13.154  -2.664  1.00 22.93 ? 10  GLN A N   1 
ATOM   71   C  CA  . GLN A 1 11  ? -3.410  12.257  -3.675  1.00 25.60 ? 10  GLN A CA  1 
ATOM   72   C  C   . GLN A 1 11  ? -2.339  11.852  -4.703  1.00 22.73 ? 10  GLN A C   1 
ATOM   73   O  O   . GLN A 1 11  ? -2.213  10.676  -5.074  1.00 26.10 ? 10  GLN A O   1 
ATOM   74   C  CB  . GLN A 1 11  ? -4.658  12.896  -4.332  1.00 22.10 ? 10  GLN A CB  1 
ATOM   75   C  CG  . GLN A 1 11  ? -5.874  12.883  -3.405  1.00 23.98 ? 10  GLN A CG  1 
ATOM   76   C  CD  . GLN A 1 11  ? -7.080  13.633  -3.947  1.00 28.62 ? 10  GLN A CD  1 
ATOM   77   O  OE1 . GLN A 1 11  ? -6.956  14.733  -4.461  1.00 27.94 ? 10  GLN A OE1 1 
ATOM   78   N  NE2 . GLN A 1 11  ? -8.252  13.047  -3.804  1.00 29.10 ? 10  GLN A NE2 1 
ATOM   79   N  N   . ALA A 1 12  ? -1.503  12.800  -5.096  1.00 23.36 ? 11  ALA A N   1 
ATOM   80   C  CA  . ALA A 1 12  ? -0.465  12.530  -6.073  1.00 21.56 ? 11  ALA A CA  1 
ATOM   81   C  C   . ALA A 1 12  ? 0.447   11.449  -5.537  1.00 24.63 ? 11  ALA A C   1 
ATOM   82   O  O   . ALA A 1 12  ? 0.815   10.503  -6.246  1.00 23.11 ? 11  ALA A O   1 
ATOM   83   C  CB  . ALA A 1 12  ? 0.322   13.817  -6.416  1.00 21.73 ? 11  ALA A CB  1 
ATOM   84   N  N   . PHE A 1 13  ? 0.797   11.572  -4.261  1.00 25.38 ? 12  PHE A N   1 
ATOM   85   C  CA  . PHE A 1 13  ? 1.613   10.589  -3.596  1.00 21.33 ? 12  PHE A CA  1 
ATOM   86   C  C   . PHE A 1 13  ? 0.961   9.221   -3.467  1.00 21.63 ? 12  PHE A C   1 
ATOM   87   O  O   . PHE A 1 13  ? 1.606   8.175   -3.751  1.00 19.78 ? 12  PHE A O   1 
ATOM   88   C  CB  . PHE A 1 13  ? 1.995   11.052  -2.224  1.00 25.43 ? 12  PHE A CB  1 
ATOM   89   C  CG  . PHE A 1 13  ? 2.784   10.040  -1.478  1.00 24.21 ? 12  PHE A CG  1 
ATOM   90   C  CD1 . PHE A 1 13  ? 4.055   9.708   -1.900  1.00 25.99 ? 12  PHE A CD1 1 
ATOM   91   C  CD2 . PHE A 1 13  ? 2.236   9.377   -0.385  1.00 26.40 ? 12  PHE A CD2 1 
ATOM   92   C  CE1 . PHE A 1 13  ? 4.775   8.767   -1.230  1.00 26.73 ? 12  PHE A CE1 1 
ATOM   93   C  CE2 . PHE A 1 13  ? 2.948   8.426   0.269   1.00 25.53 ? 12  PHE A CE2 1 
ATOM   94   C  CZ  . PHE A 1 13  ? 4.209   8.104   -0.157  1.00 23.93 ? 12  PHE A CZ  1 
ATOM   95   N  N   . LEU A 1 14  ? -0.304  9.205   -3.052  1.00 24.71 ? 13  LEU A N   1 
ATOM   96   C  CA  . LEU A 1 14  ? -1.061  7.968   -2.968  1.00 23.62 ? 13  LEU A CA  1 
ATOM   97   C  C   . LEU A 1 14  ? -1.147  7.261   -4.342  1.00 24.01 ? 13  LEU A C   1 
ATOM   98   O  O   . LEU A 1 14  ? -1.076  6.032   -4.416  1.00 23.33 ? 13  LEU A O   1 
ATOM   99   C  CB  . LEU A 1 14  ? -2.477  8.185   -2.389  1.00 24.88 ? 13  LEU A CB  1 
ATOM   100  C  CG  . LEU A 1 14  ? -2.671  8.710   -0.953  1.00 24.33 ? 13  LEU A CG  1 
ATOM   101  C  CD1 . LEU A 1 14  ? -4.159  8.934   -0.602  1.00 26.30 ? 13  LEU A CD1 1 
ATOM   102  C  CD2 . LEU A 1 14  ? -1.978  7.725   0.031   1.00 22.56 ? 13  LEU A CD2 1 
ATOM   103  N  N   . TYR A 1 15  ? -1.330  8.035   -5.416  1.00 24.80 ? 14  TYR A N   1 
ATOM   104  C  CA  . TYR A 1 15  ? -1.440  7.451   -6.728  1.00 23.73 ? 14  TYR A CA  1 
ATOM   105  C  C   . TYR A 1 15  ? -0.091  6.852   -7.121  1.00 21.65 ? 14  TYR A C   1 
ATOM   106  O  O   . TYR A 1 15  ? -0.045  5.786   -7.675  1.00 24.03 ? 14  TYR A O   1 
ATOM   107  C  CB  . TYR A 1 15  ? -1.912  8.459   -7.779  1.00 23.14 ? 14  TYR A CB  1 
ATOM   108  C  CG  . TYR A 1 15  ? -3.272  9.109   -7.463  1.00 21.49 ? 14  TYR A CG  1 
ATOM   109  C  CD1 . TYR A 1 15  ? -4.150  8.566   -6.513  1.00 20.61 ? 14  TYR A CD1 1 
ATOM   110  C  CD2 . TYR A 1 15  ? -3.639  10.274  -8.078  1.00 24.15 ? 14  TYR A CD2 1 
ATOM   111  C  CE1 . TYR A 1 15  ? -5.377  9.140   -6.239  1.00 26.40 ? 14  TYR A CE1 1 
ATOM   112  C  CE2 . TYR A 1 15  ? -4.854  10.888  -7.804  1.00 21.82 ? 14  TYR A CE2 1 
ATOM   113  C  CZ  . TYR A 1 15  ? -5.719  10.318  -6.877  1.00 22.14 ? 14  TYR A CZ  1 
ATOM   114  O  OH  . TYR A 1 15  ? -6.902  10.964  -6.631  1.00 26.50 ? 14  TYR A OH  1 
ATOM   115  N  N   . ARG A 1 16  ? 1.006   7.564   -6.843  1.00 21.03 ? 15  ARG A N   1 
ATOM   116  C  CA  A ARG A 1 16  ? 2.330   7.067   -7.177  0.50 22.18 ? 15  ARG A CA  1 
ATOM   117  C  CA  B ARG A 1 16  ? 2.330   7.058   -7.183  0.50 22.11 ? 15  ARG A CA  1 
ATOM   118  C  C   . ARG A 1 16  ? 2.650   5.796   -6.396  1.00 21.96 ? 15  ARG A C   1 
ATOM   119  O  O   . ARG A 1 16  ? 3.085   4.806   -6.973  1.00 24.59 ? 15  ARG A O   1 
ATOM   120  C  CB  A ARG A 1 16  ? 3.404   8.127   -6.875  0.50 22.65 ? 15  ARG A CB  1 
ATOM   121  C  CB  B ARG A 1 16  ? 3.424   8.103   -6.904  0.50 22.69 ? 15  ARG A CB  1 
ATOM   122  C  CG  A ARG A 1 16  ? 4.801   7.600   -7.092  0.50 23.07 ? 15  ARG A CG  1 
ATOM   123  C  CG  B ARG A 1 16  ? 4.830   7.579   -7.182  0.50 22.40 ? 15  ARG A CG  1 
ATOM   124  C  CD  A ARG A 1 16  ? 5.859   8.677   -7.308  0.50 25.33 ? 15  ARG A CD  1 
ATOM   125  C  CD  B ARG A 1 16  ? 5.838   8.701   -7.427  0.50 26.17 ? 15  ARG A CD  1 
ATOM   126  N  NE  A ARG A 1 16  ? 7.077   7.984   -7.725  0.50 28.97 ? 15  ARG A NE  1 
ATOM   127  N  NE  B ARG A 1 16  ? 5.991   9.604   -6.294  0.50 27.70 ? 15  ARG A NE  1 
ATOM   128  C  CZ  A ARG A 1 16  ? 8.043   7.576   -6.916  0.50 23.85 ? 15  ARG A CZ  1 
ATOM   129  C  CZ  B ARG A 1 16  ? 6.673   9.339   -5.175  0.50 32.10 ? 15  ARG A CZ  1 
ATOM   130  N  NH1 A ARG A 1 16  ? 8.020   7.852   -5.613  0.50 30.17 ? 15  ARG A NH1 1 
ATOM   131  N  NH1 B ARG A 1 16  ? 7.300   8.181   -5.001  0.50 29.52 ? 15  ARG A NH1 1 
ATOM   132  N  NH2 A ARG A 1 16  ? 9.058   6.915   -7.429  0.50 20.09 ? 15  ARG A NH2 1 
ATOM   133  N  NH2 B ARG A 1 16  ? 6.743   10.258  -4.228  0.50 22.72 ? 15  ARG A NH2 1 
ATOM   134  N  N   . GLU A 1 17  ? 2.450   5.840   -5.075  1.00 20.45 ? 16  GLU A N   1 
ATOM   135  C  CA  . GLU A 1 17  ? 2.743   4.684   -4.232  1.00 22.93 ? 16  GLU A CA  1 
ATOM   136  C  C   . GLU A 1 17  ? 2.049   3.422   -4.726  1.00 23.86 ? 16  GLU A C   1 
ATOM   137  O  O   . GLU A 1 17  ? 2.678   2.381   -4.913  1.00 23.01 ? 16  GLU A O   1 
ATOM   138  C  CB  . GLU A 1 17  ? 2.444   4.983   -2.772  1.00 25.24 ? 16  GLU A CB  1 
ATOM   139  C  CG  . GLU A 1 17  ? 2.813   3.864   -1.799  1.00 24.12 ? 16  GLU A CG  1 
ATOM   140  C  CD  . GLU A 1 17  ? 1.622   3.130   -1.232  1.00 23.88 ? 16  GLU A CD  1 
ATOM   141  O  OE1 . GLU A 1 17  ? 0.554   3.752   -1.009  1.00 24.33 ? 16  GLU A OE1 1 
ATOM   142  O  OE2 . GLU A 1 17  ? 1.728   1.902   -1.030  1.00 27.03 ? 16  GLU A OE2 1 
ATOM   143  N  N   . SER A 1 18  ? 0.763   3.532   -4.997  1.00 21.57 ? 17  SER A N   1 
ATOM   144  C  CA  . SER A 1 18  ? -0.019  2.396   -5.494  1.00 22.66 ? 17  SER A CA  1 
ATOM   145  C  C   . SER A 1 18  ? 0.377   1.992   -6.924  1.00 20.44 ? 17  SER A C   1 
ATOM   146  O  O   . SER A 1 18  ? 0.386   0.796   -7.241  1.00 22.01 ? 17  SER A O   1 
ATOM   147  C  CB  . SER A 1 18  ? -1.540  2.656   -5.335  1.00 24.67 ? 17  SER A CB  1 
ATOM   148  O  OG  . SER A 1 18  ? -1.919  3.824   -6.001  1.00 25.19 ? 17  SER A OG  1 
ATOM   149  N  N   . ARG A 1 19  ? 0.742   2.956   -7.774  1.00 22.83 ? 18  ARG A N   1 
ATOM   150  C  CA  . ARG A 1 19  ? 1.272   2.657   -9.098  1.00 22.54 ? 18  ARG A CA  1 
ATOM   151  C  C   . ARG A 1 19  ? 2.542   1.809   -9.032  1.00 24.76 ? 18  ARG A C   1 
ATOM   152  O  O   . ARG A 1 19  ? 2.750   0.894   -9.861  1.00 23.67 ? 18  ARG A O   1 
ATOM   153  C  CB  . ARG A 1 19  ? 1.563   3.936   -9.914  1.00 24.71 ? 18  ARG A CB  1 
ATOM   154  C  CG  . ARG A 1 19  ? 2.275   3.677   -11.240 1.00 25.22 ? 18  ARG A CG  1 
ATOM   155  C  CD  . ARG A 1 19  ? 2.242   4.874   -12.130 1.00 27.79 ? 18  ARG A CD  1 
ATOM   156  N  NE  . ARG A 1 19  ? 2.618   6.093   -11.452 1.00 23.03 ? 18  ARG A NE  1 
ATOM   157  C  CZ  . ARG A 1 19  ? 3.859   6.459   -11.155 1.00 30.55 ? 18  ARG A CZ  1 
ATOM   158  N  NH1 . ARG A 1 19  ? 4.884   5.697   -11.458 1.00 28.03 ? 18  ARG A NH1 1 
ATOM   159  N  NH2 . ARG A 1 19  ? 4.080   7.629   -10.590 1.00 30.19 ? 18  ARG A NH2 1 
ATOM   160  N  N   . LEU A 1 20  ? 3.411   2.097   -8.065  1.00 23.91 ? 19  LEU A N   1 
ATOM   161  C  CA  . LEU A 1 20  ? 4.656   1.338   -7.975  1.00 23.39 ? 19  LEU A CA  1 
ATOM   162  C  C   . LEU A 1 20  ? 4.385   -0.163  -7.690  1.00 22.49 ? 19  LEU A C   1 
ATOM   163  O  O   . LEU A 1 20  ? 5.113   -1.028  -8.189  1.00 25.91 ? 19  LEU A O   1 
ATOM   164  C  CB  . LEU A 1 20  ? 5.618   1.977   -6.966  1.00 26.84 ? 19  LEU A CB  1 
ATOM   165  C  CG  . LEU A 1 20  ? 6.051   3.387   -7.397  1.00 26.00 ? 19  LEU A CG  1 
ATOM   166  C  CD1 . LEU A 1 20  ? 6.862   4.053   -6.295  1.00 19.72 ? 19  LEU A CD1 1 
ATOM   167  C  CD2 . LEU A 1 20  ? 6.798   3.416   -8.736  1.00 29.68 ? 19  LEU A CD2 1 
ATOM   168  N  N   . LEU A 1 21  ? 3.317   -0.474  -6.966  1.00 20.54 ? 20  LEU A N   1 
ATOM   169  C  CA  . LEU A 1 21  ? 2.886   -1.858  -6.764  1.00 20.26 ? 20  LEU A CA  1 
ATOM   170  C  C   . LEU A 1 21  ? 2.296   -2.439  -8.029  1.00 21.74 ? 20  LEU A C   1 
ATOM   171  O  O   . LEU A 1 21  ? 2.593   -3.564  -8.413  1.00 24.28 ? 20  LEU A O   1 
ATOM   172  C  CB  . LEU A 1 21  ? 1.824   -1.969  -5.641  1.00 21.36 ? 20  LEU A CB  1 
ATOM   173  C  CG  . LEU A 1 21  ? 2.263   -1.709  -4.229  1.00 24.66 ? 20  LEU A CG  1 
ATOM   174  C  CD1 . LEU A 1 21  ? 1.046   -1.556  -3.297  1.00 23.06 ? 20  LEU A CD1 1 
ATOM   175  C  CD2 . LEU A 1 21  ? 3.196   -2.847  -3.795  1.00 23.26 ? 20  LEU A CD2 1 
ATOM   176  N  N   . ASP A 1 22  ? 1.430   -1.678  -8.681  1.00 23.73 ? 21  ASP A N   1 
ATOM   177  C  CA  . ASP A 1 22  ? 0.765   -2.196  -9.870  1.00 21.88 ? 21  ASP A CA  1 
ATOM   178  C  C   . ASP A 1 22  ? 1.780   -2.457  -10.980 1.00 23.76 ? 21  ASP A C   1 
ATOM   179  O  O   . ASP A 1 22  ? 1.601   -3.381  -11.764 1.00 22.84 ? 21  ASP A O   1 
ATOM   180  C  CB  . ASP A 1 22  ? -0.303  -1.255  -10.393 1.00 20.78 ? 21  ASP A CB  1 
ATOM   181  C  CG  . ASP A 1 22  ? -1.512  -1.152  -9.466  1.00 26.00 ? 21  ASP A CG  1 
ATOM   182  O  OD1 . ASP A 1 22  ? -1.808  -2.106  -8.732  1.00 19.45 ? 21  ASP A OD1 1 
ATOM   183  O  OD2 . ASP A 1 22  ? -2.209  -0.121  -9.538  1.00 20.38 ? 21  ASP A OD2 1 
ATOM   184  N  N   . ASP A 1 23  ? 2.829   -1.666  -11.008 1.00 24.02 ? 22  ASP A N   1 
ATOM   185  C  CA  . ASP A 1 23  ? 3.876   -1.796  -12.034 1.00 27.08 ? 22  ASP A CA  1 
ATOM   186  C  C   . ASP A 1 23  ? 5.088   -2.628  -11.585 1.00 25.60 ? 22  ASP A C   1 
ATOM   187  O  O   . ASP A 1 23  ? 6.063   -2.736  -12.319 1.00 24.85 ? 22  ASP A O   1 
ATOM   188  C  CB  . ASP A 1 23  ? 4.318   -0.435  -12.503 1.00 24.08 ? 22  ASP A CB  1 
ATOM   189  C  CG  . ASP A 1 23  ? 3.281   0.246   -13.420 1.00 28.45 ? 22  ASP A CG  1 
ATOM   190  O  OD1 . ASP A 1 23  ? 2.334   -0.426  -13.896 1.00 32.41 ? 22  ASP A OD1 1 
ATOM   191  O  OD2 . ASP A 1 23  ? 3.408   1.481   -13.600 1.00 28.85 ? 22  ASP A OD2 1 
ATOM   192  N  N   . LYS A 1 24  ? 5.000   -3.227  -10.391 1.00 23.44 ? 23  LYS A N   1 
ATOM   193  C  CA  . LYS A 1 24  ? 5.968   -4.162  -9.855  1.00 23.89 ? 23  LYS A CA  1 
ATOM   194  C  C   . LYS A 1 24  ? 7.356   -3.576  -9.697  1.00 22.41 ? 23  LYS A C   1 
ATOM   195  O  O   . LYS A 1 24  ? 8.364   -4.292  -9.814  1.00 23.11 ? 23  LYS A O   1 
ATOM   196  C  CB  . LYS A 1 24  ? 5.929   -5.444  -10.686 1.00 26.15 ? 23  LYS A CB  1 
ATOM   197  C  CG  . LYS A 1 24  ? 4.439   -5.858  -10.875 1.00 29.04 ? 23  LYS A CG  1 
ATOM   198  C  CD  . LYS A 1 24  ? 4.187   -7.247  -11.278 1.00 36.83 ? 23  LYS A CD  1 
ATOM   199  C  CE  . LYS A 1 24  ? 2.662   -7.526  -11.403 1.00 39.88 ? 23  LYS A CE  1 
ATOM   200  N  NZ  . LYS A 1 24  ? 1.984   -7.809  -10.084 1.00 48.52 ? 23  LYS A NZ  1 
ATOM   201  N  N   . ALA A 1 25  ? 7.379   -2.283  -9.381  1.00 23.33 ? 24  ALA A N   1 
ATOM   202  C  CA  . ALA A 1 25  ? 8.595   -1.507  -9.126  1.00 22.79 ? 24  ALA A CA  1 
ATOM   203  C  C   . ALA A 1 25  ? 8.884   -1.561  -7.620  1.00 23.75 ? 24  ALA A C   1 
ATOM   204  O  O   . ALA A 1 25  ? 8.696   -0.581  -6.902  1.00 23.40 ? 24  ALA A O   1 
ATOM   205  C  CB  . ALA A 1 25  ? 8.377   -0.054  -9.552  1.00 22.86 ? 24  ALA A CB  1 
ATOM   206  N  N   . TRP A 1 26  ? 9.370   -2.703  -7.151  1.00 22.45 ? 25  TRP A N   1 
ATOM   207  C  CA  . TRP A 1 26  ? 9.323   -3.021  -5.709  1.00 21.34 ? 25  TRP A CA  1 
ATOM   208  C  C   . TRP A 1 26  ? 10.269  -2.151  -4.904  1.00 22.05 ? 25  TRP A C   1 
ATOM   209  O  O   . TRP A 1 26  ? 9.916   -1.708  -3.836  1.00 24.74 ? 25  TRP A O   1 
ATOM   210  C  CB  . TRP A 1 26  ? 9.652   -4.508  -5.455  1.00 19.66 ? 25  TRP A CB  1 
ATOM   211  C  CG  . TRP A 1 26  ? 8.924   -5.448  -6.257  1.00 23.32 ? 25  TRP A CG  1 
ATOM   212  C  CD1 . TRP A 1 26  ? 9.447   -6.324  -7.171  1.00 26.35 ? 25  TRP A CD1 1 
ATOM   213  C  CD2 . TRP A 1 26  ? 7.514   -5.665  -6.255  1.00 29.22 ? 25  TRP A CD2 1 
ATOM   214  N  NE1 . TRP A 1 26  ? 8.455   -7.060  -7.739  1.00 22.69 ? 25  TRP A NE1 1 
ATOM   215  C  CE2 . TRP A 1 26  ? 7.253   -6.686  -7.189  1.00 23.89 ? 25  TRP A CE2 1 
ATOM   216  C  CE3 . TRP A 1 26  ? 6.445   -5.108  -5.545  1.00 22.38 ? 25  TRP A CE3 1 
ATOM   217  C  CZ2 . TRP A 1 26  ? 5.969   -7.141  -7.451  1.00 23.33 ? 25  TRP A CZ2 1 
ATOM   218  C  CZ3 . TRP A 1 26  ? 5.158   -5.554  -5.813  1.00 25.27 ? 25  TRP A CZ3 1 
ATOM   219  C  CH2 . TRP A 1 26  ? 4.934   -6.562  -6.774  1.00 23.89 ? 25  TRP A CH2 1 
ATOM   220  N  N   . ASP A 1 27  ? 11.486  -1.888  -5.428  1.00 24.17 ? 26  ASP A N   1 
ATOM   221  C  CA  . ASP A 1 27  ? 12.438  -1.021  -4.730  1.00 23.63 ? 26  ASP A CA  1 
ATOM   222  C  C   . ASP A 1 27  ? 11.973  0.423   -4.640  1.00 23.03 ? 26  ASP A C   1 
ATOM   223  O  O   . ASP A 1 27  ? 12.100  1.051   -3.605  1.00 23.40 ? 26  ASP A O   1 
ATOM   224  C  CB  . ASP A 1 27  ? 13.831  -1.087  -5.375  1.00 26.03 ? 26  ASP A CB  1 
ATOM   225  C  CG  . ASP A 1 27  ? 14.433  -2.463  -5.316  1.00 29.60 ? 26  ASP A CG  1 
ATOM   226  O  OD1 . ASP A 1 27  ? 13.940  -3.302  -4.528  1.00 26.65 ? 26  ASP A OD1 1 
ATOM   227  O  OD2 . ASP A 1 27  ? 15.410  -2.698  -6.048  1.00 30.90 ? 26  ASP A OD2 1 
ATOM   228  N  N   . ALA A 1 28  ? 11.455  0.961   -5.726  1.00 24.00 ? 27  ALA A N   1 
ATOM   229  C  CA  . ALA A 1 28  ? 10.868  2.320   -5.717  1.00 22.23 ? 27  ALA A CA  1 
ATOM   230  C  C   . ALA A 1 28  ? 9.686   2.427   -4.730  1.00 20.50 ? 27  ALA A C   1 
ATOM   231  O  O   . ALA A 1 28  ? 9.530   3.432   -4.003  1.00 21.72 ? 27  ALA A O   1 
ATOM   232  C  CB  . ALA A 1 28  ? 10.436  2.711   -7.141  1.00 25.32 ? 27  ALA A CB  1 
ATOM   233  N  N   . TRP A 1 29  ? 8.863   1.394   -4.711  1.00 22.19 ? 28  TRP A N   1 
ATOM   234  C  CA  . TRP A 1 29  ? 7.756   1.280   -3.773  1.00 23.94 ? 28  TRP A CA  1 
ATOM   235  C  C   . TRP A 1 29  ? 8.234   1.338   -2.312  1.00 26.88 ? 28  TRP A C   1 
ATOM   236  O  O   . TRP A 1 29  ? 7.670   2.058   -1.510  1.00 23.64 ? 28  TRP A O   1 
ATOM   237  C  CB  . TRP A 1 29  ? 6.949   0.012   -4.006  1.00 21.72 ? 28  TRP A CB  1 
ATOM   238  C  CG  . TRP A 1 29  ? 5.800   -0.124  -3.008  1.00 24.12 ? 28  TRP A CG  1 
ATOM   239  C  CD1 . TRP A 1 29  ? 4.625   0.586   -2.973  1.00 24.03 ? 28  TRP A CD1 1 
ATOM   240  C  CD2 . TRP A 1 29  ? 5.781   -0.994  -1.874  1.00 24.65 ? 28  TRP A CD2 1 
ATOM   241  N  NE1 . TRP A 1 29  ? 3.861   0.185   -1.904  1.00 22.69 ? 28  TRP A NE1 1 
ATOM   242  C  CE2 . TRP A 1 29  ? 4.558   -0.775  -1.201  1.00 25.12 ? 28  TRP A CE2 1 
ATOM   243  C  CE3 . TRP A 1 29  ? 6.669   -1.958  -1.380  1.00 27.35 ? 28  TRP A CE3 1 
ATOM   244  C  CZ2 . TRP A 1 29  ? 4.189   -1.491  -0.066  1.00 30.06 ? 28  TRP A CZ2 1 
ATOM   245  C  CZ3 . TRP A 1 29  ? 6.332   -2.660  -0.206  1.00 24.25 ? 28  TRP A CZ3 1 
ATOM   246  C  CH2 . TRP A 1 29  ? 5.079   -2.397  0.452   1.00 28.09 ? 28  TRP A CH2 1 
ATOM   247  N  N   . LEU A 1 30  ? 9.240   0.539   -1.969  1.00 23.97 ? 29  LEU A N   1 
ATOM   248  C  CA  . LEU A 1 30  ? 9.779   0.539   -0.623  1.00 23.31 ? 29  LEU A CA  1 
ATOM   249  C  C   . LEU A 1 30  ? 10.251  1.905   -0.255  1.00 22.10 ? 29  LEU A C   1 
ATOM   250  O  O   . LEU A 1 30  ? 10.163  2.269   0.904   1.00 23.24 ? 29  LEU A O   1 
ATOM   251  C  CB  . LEU A 1 30  ? 10.938  -0.471  -0.464  1.00 21.92 ? 29  LEU A CB  1 
ATOM   252  C  CG  . LEU A 1 30  ? 10.493  -1.930  -0.390  1.00 19.43 ? 29  LEU A CG  1 
ATOM   253  C  CD1 . LEU A 1 30  ? 11.641  -2.919  -0.744  1.00 21.35 ? 29  LEU A CD1 1 
ATOM   254  C  CD2 . LEU A 1 30  ? 9.807   -2.263  0.942   1.00 23.04 ? 29  LEU A CD2 1 
ATOM   255  N  N   . ASP A 1 31  ? 10.782  2.658   -1.219  1.00 25.33 ? 30  ASP A N   1 
ATOM   256  C  CA  . ASP A 1 31  ? 11.263  4.012   -0.917  1.00 27.62 ? 30  ASP A CA  1 
ATOM   257  C  C   . ASP A 1 31  ? 10.170  5.027   -0.638  1.00 28.63 ? 30  ASP A C   1 
ATOM   258  O  O   . ASP A 1 31  ? 10.483  6.144   -0.264  1.00 27.89 ? 30  ASP A O   1 
ATOM   259  C  CB  . ASP A 1 31  ? 12.163  4.548   -2.027  1.00 27.06 ? 30  ASP A CB  1 
ATOM   260  C  CG  . ASP A 1 31  ? 13.588  4.051   -1.911  1.00 33.70 ? 30  ASP A CG  1 
ATOM   261  O  OD1 . ASP A 1 31  ? 14.022  3.670   -0.790  1.00 47.82 ? 30  ASP A OD1 1 
ATOM   262  O  OD2 . ASP A 1 31  ? 14.260  4.048   -2.961  1.00 52.41 ? 30  ASP A OD2 1 
ATOM   263  N  N   . CYS A 1 32  ? 8.903   4.648   -0.785  1.00 28.18 ? 31  CYS A N   1 
ATOM   264  C  CA  . CYS A 1 32  ? 7.799   5.515   -0.355  1.00 27.06 ? 31  CYS A CA  1 
ATOM   265  C  C   . CYS A 1 32  ? 7.557   5.395   1.132   1.00 27.27 ? 31  CYS A C   1 
ATOM   266  O  O   . CYS A 1 32  ? 6.704   6.139   1.666   1.00 25.65 ? 31  CYS A O   1 
ATOM   267  C  CB  . CYS A 1 32  ? 6.484   5.146   -1.080  1.00 26.93 ? 31  CYS A CB  1 
ATOM   268  S  SG  . CYS A 1 32  ? 6.558   5.342   -2.851  1.00 25.74 ? 31  CYS A SG  1 
ATOM   269  N  N   . TYR A 1 33  ? 8.270   4.459   1.782   1.00 27.44 ? 32  TYR A N   1 
ATOM   270  C  CA  . TYR A 1 33  ? 8.111   4.165   3.202   1.00 27.04 ? 32  TYR A CA  1 
ATOM   271  C  C   . TYR A 1 33  ? 9.337   4.563   4.013   1.00 27.29 ? 32  TYR A C   1 
ATOM   272  O  O   . TYR A 1 33  ? 10.464  4.267   3.636   1.00 28.81 ? 32  TYR A O   1 
ATOM   273  C  CB  . TYR A 1 33  ? 7.802   2.677   3.469   1.00 25.94 ? 32  TYR A CB  1 
ATOM   274  C  CG  . TYR A 1 33  ? 6.414   2.262   2.965   1.00 21.85 ? 32  TYR A CG  1 
ATOM   275  C  CD1 . TYR A 1 33  ? 6.178   2.040   1.617   1.00 24.38 ? 32  TYR A CD1 1 
ATOM   276  C  CD2 . TYR A 1 33  ? 5.350   2.089   3.848   1.00 25.04 ? 32  TYR A CD2 1 
ATOM   277  C  CE1 . TYR A 1 33  ? 4.916   1.654   1.155   1.00 26.27 ? 32  TYR A CE1 1 
ATOM   278  C  CE2 . TYR A 1 33  ? 4.094   1.694   3.405   1.00 23.95 ? 32  TYR A CE2 1 
ATOM   279  C  CZ  . TYR A 1 33  ? 3.858   1.528   2.063   1.00 26.24 ? 32  TYR A CZ  1 
ATOM   280  O  OH  . TYR A 1 33  ? 2.587   1.137   1.636   1.00 25.72 ? 32  TYR A OH  1 
ATOM   281  N  N   . ARG A 1 34  ? 9.105   5.243   5.121   1.00 25.96 ? 33  ARG A N   1 
ATOM   282  C  CA  . ARG A 1 34  ? 10.206  5.604   6.025   1.00 25.69 ? 33  ARG A CA  1 
ATOM   283  C  C   . ARG A 1 34  ? 10.774  4.326   6.648   1.00 27.63 ? 33  ARG A C   1 
ATOM   284  O  O   . ARG A 1 34  ? 10.047  3.363   6.909   1.00 26.01 ? 33  ARG A O   1 
ATOM   285  C  CB  . ARG A 1 34  ? 9.745   6.600   7.089   1.00 26.94 ? 33  ARG A CB  1 
ATOM   286  C  CG  . ARG A 1 34  ? 10.782  7.674   7.334   1.00 28.88 ? 33  ARG A CG  1 
ATOM   287  C  CD  . ARG A 1 34  ? 10.237  8.911   8.048   1.00 33.03 ? 33  ARG A CD  1 
ATOM   288  N  NE  . ARG A 1 34  ? 9.813   8.600   9.405   1.00 27.94 ? 33  ARG A NE  1 
ATOM   289  C  CZ  . ARG A 1 34  ? 9.400   9.518   10.268  1.00 32.54 ? 33  ARG A CZ  1 
ATOM   290  N  NH1 . ARG A 1 34  ? 9.323   10.786  9.902   1.00 30.02 ? 33  ARG A NH1 1 
ATOM   291  N  NH2 . ARG A 1 34  ? 9.036   9.169   11.486  1.00 28.90 ? 33  ARG A NH2 1 
ATOM   292  N  N   . ALA A 1 35  ? 12.085  4.305   6.913   1.00 28.38 ? 34  ALA A N   1 
ATOM   293  C  CA  . ALA A 1 35  ? 12.691  3.095   7.476   1.00 29.03 ? 34  ALA A CA  1 
ATOM   294  C  C   . ALA A 1 35  ? 11.958  2.621   8.748   1.00 28.61 ? 34  ALA A C   1 
ATOM   295  O  O   . ALA A 1 35  ? 11.873  1.425   9.015   1.00 27.76 ? 34  ALA A O   1 
ATOM   296  C  CB  . ALA A 1 35  ? 14.181  3.315   7.738   1.00 32.22 ? 34  ALA A CB  1 
ATOM   297  N  N   . ASP A 1 36  ? 11.393  3.559   9.502   1.00 29.04 ? 35  ASP A N   1 
ATOM   298  C  CA  . ASP A 1 36  ? 10.650  3.238   10.731  1.00 28.01 ? 35  ASP A CA  1 
ATOM   299  C  C   . ASP A 1 36  ? 9.129   3.124   10.518  1.00 26.94 ? 35  ASP A C   1 
ATOM   300  O  O   . ASP A 1 36  ? 8.369   3.177   11.481  1.00 22.52 ? 35  ASP A O   1 
ATOM   301  C  CB  . ASP A 1 36  ? 10.927  4.283   11.816  1.00 30.41 ? 35  ASP A CB  1 
ATOM   302  C  CG  . ASP A 1 36  ? 10.375  5.647   11.486  1.00 37.35 ? 35  ASP A CG  1 
ATOM   303  O  OD1 . ASP A 1 36  ? 10.132  5.946   10.294  1.00 33.38 ? 35  ASP A OD1 1 
ATOM   304  O  OD2 . ASP A 1 36  ? 10.206  6.435   12.435  1.00 34.63 ? 35  ASP A OD2 1 
ATOM   305  N  N   . ALA A 1 37  ? 8.700   2.937   9.271   1.00 22.76 ? 36  ALA A N   1 
ATOM   306  C  CA  . ALA A 1 37  ? 7.272   2.798   8.971   1.00 24.09 ? 36  ALA A CA  1 
ATOM   307  C  C   . ALA A 1 37  ? 6.659   1.579   9.656   1.00 23.86 ? 36  ALA A C   1 
ATOM   308  O  O   . ALA A 1 37  ? 7.235   0.500   9.635   1.00 23.97 ? 36  ALA A O   1 
ATOM   309  C  CB  . ALA A 1 37  ? 7.031   2.727   7.452   1.00 22.93 ? 36  ALA A CB  1 
ATOM   310  N  N   . VAL A 1 38  ? 5.486   1.766   10.250  1.00 25.70 ? 37  VAL A N   1 
ATOM   311  C  CA  . VAL A 1 38  ? 4.687   0.664   10.766  1.00 27.93 ? 37  VAL A CA  1 
ATOM   312  C  C   . VAL A 1 38  ? 3.577   0.389   9.753   1.00 30.88 ? 37  VAL A C   1 
ATOM   313  O  O   . VAL A 1 38  ? 2.982   1.327   9.222   1.00 30.99 ? 37  VAL A O   1 
ATOM   314  C  CB  . VAL A 1 38  ? 4.006   1.021   12.121  1.00 30.19 ? 37  VAL A CB  1 
ATOM   315  C  CG1 . VAL A 1 38  ? 3.178   -0.152  12.626  1.00 35.42 ? 37  VAL A CG1 1 
ATOM   316  C  CG2 . VAL A 1 38  ? 5.046   1.406   13.154  1.00 27.12 ? 37  VAL A CG2 1 
ATOM   317  N  N   . PHE A 1 39  ? 3.316   -0.889  9.504   1.00 27.68 ? 38  PHE A N   1 
ATOM   318  C  CA  . PHE A 1 39  ? 2.395   -1.339  8.466   1.00 30.52 ? 38  PHE A CA  1 
ATOM   319  C  C   . PHE A 1 39  ? 1.526   -2.374  9.126   1.00 30.48 ? 38  PHE A C   1 
ATOM   320  O  O   . PHE A 1 39  ? 2.016   -3.392  9.561   1.00 32.38 ? 38  PHE A O   1 
ATOM   321  C  CB  . PHE A 1 39  ? 3.190   -1.959  7.309   1.00 30.48 ? 38  PHE A CB  1 
ATOM   322  C  CG  . PHE A 1 39  ? 2.358   -2.368  6.112   1.00 29.99 ? 38  PHE A CG  1 
ATOM   323  C  CD1 . PHE A 1 39  ? 1.452   -3.414  6.192   1.00 29.88 ? 38  PHE A CD1 1 
ATOM   324  C  CD2 . PHE A 1 39  ? 2.521   -1.716  4.888   1.00 33.74 ? 38  PHE A CD2 1 
ATOM   325  C  CE1 . PHE A 1 39  ? 0.693   -3.798  5.063   1.00 36.68 ? 38  PHE A CE1 1 
ATOM   326  C  CE2 . PHE A 1 39  ? 1.773   -2.094  3.763   1.00 34.07 ? 38  PHE A CE2 1 
ATOM   327  C  CZ  . PHE A 1 39  ? 0.868   -3.141  3.853   1.00 27.37 ? 38  PHE A CZ  1 
ATOM   328  N  N   . TRP A 1 40  ? 0.233   -2.116  9.192   1.00 29.00 ? 39  TRP A N   1 
ATOM   329  C  CA  . TRP A 1 40  ? -0.662  -2.918  9.971   1.00 29.52 ? 39  TRP A CA  1 
ATOM   330  C  C   . TRP A 1 40  ? -2.006  -3.138  9.293   1.00 31.00 ? 39  TRP A C   1 
ATOM   331  O  O   . TRP A 1 40  ? -2.791  -2.181  9.047   1.00 25.57 ? 39  TRP A O   1 
ATOM   332  C  CB  . TRP A 1 40  ? -0.863  -2.250  11.315  1.00 30.20 ? 39  TRP A CB  1 
ATOM   333  C  CG  . TRP A 1 40  ? -1.761  -2.988  12.209  1.00 34.55 ? 39  TRP A CG  1 
ATOM   334  C  CD1 . TRP A 1 40  ? -1.925  -4.348  12.288  1.00 39.25 ? 39  TRP A CD1 1 
ATOM   335  C  CD2 . TRP A 1 40  ? -2.606  -2.422  13.200  1.00 34.28 ? 39  TRP A CD2 1 
ATOM   336  N  NE1 . TRP A 1 40  ? -2.836  -4.655  13.266  1.00 34.16 ? 39  TRP A NE1 1 
ATOM   337  C  CE2 . TRP A 1 40  ? -3.279  -3.490  13.837  1.00 40.00 ? 39  TRP A CE2 1 
ATOM   338  C  CE3 . TRP A 1 40  ? -2.865  -1.114  13.616  1.00 36.70 ? 39  TRP A CE3 1 
ATOM   339  C  CZ2 . TRP A 1 40  ? -4.210  -3.288  14.862  1.00 44.78 ? 39  TRP A CZ2 1 
ATOM   340  C  CZ3 . TRP A 1 40  ? -3.818  -0.899  14.620  1.00 41.51 ? 39  TRP A CZ3 1 
ATOM   341  C  CH2 . TRP A 1 40  ? -4.468  -1.985  15.244  1.00 45.16 ? 39  TRP A CH2 1 
HETATM 342  N  N   . MSE A 1 41  ? -2.278  -4.403  8.995   1.00 31.43 ? 40  MSE A N   1 
HETATM 343  C  CA  . MSE A 1 41  ? -3.591  -4.799  8.544   1.00 32.22 ? 40  MSE A CA  1 
HETATM 344  C  C   . MSE A 1 41  ? -4.171  -5.734  9.557   1.00 34.52 ? 40  MSE A C   1 
HETATM 345  O  O   . MSE A 1 41  ? -3.832  -6.912  9.529   1.00 36.76 ? 40  MSE A O   1 
HETATM 346  C  CB  . MSE A 1 41  ? -3.549  -5.476  7.172   1.00 31.86 ? 40  MSE A CB  1 
HETATM 347  C  CG  . MSE A 1 41  ? -4.934  -5.922  6.686   1.00 30.00 ? 40  MSE A CG  1 
HETATM 348  SE SE  . MSE A 1 41  ? -4.889  -6.472  4.737   0.75 40.07 ? 40  MSE A SE  1 
HETATM 349  C  CE  . MSE A 1 41  ? -3.754  -7.879  4.915   1.00 40.61 ? 40  MSE A CE  1 
ATOM   350  N  N   . PRO A 1 42  ? -5.046  -5.215  10.451  1.00 37.29 ? 41  PRO A N   1 
ATOM   351  C  CA  . PRO A 1 42  ? -5.681  -6.043  11.477  1.00 38.18 ? 41  PRO A CA  1 
ATOM   352  C  C   . PRO A 1 42  ? -6.603  -7.155  10.938  1.00 40.03 ? 41  PRO A C   1 
ATOM   353  O  O   . PRO A 1 42  ? -7.112  -7.079  9.826   1.00 38.29 ? 41  PRO A O   1 
ATOM   354  C  CB  . PRO A 1 42  ? -6.491  -5.035  12.284  1.00 36.47 ? 41  PRO A CB  1 
ATOM   355  C  CG  . PRO A 1 42  ? -6.729  -3.905  11.338  1.00 38.72 ? 41  PRO A CG  1 
ATOM   356  C  CD  . PRO A 1 42  ? -5.502  -3.808  10.549  1.00 35.66 ? 41  PRO A CD  1 
ATOM   357  N  N   . SER A 1 43  ? -6.759  -8.196  11.752  1.00 42.54 ? 42  SER A N   1 
ATOM   358  C  CA  . SER A 1 43  ? -7.698  -9.273  11.527  1.00 42.88 ? 42  SER A CA  1 
ATOM   359  C  C   . SER A 1 43  ? -8.998  -8.749  12.071  1.00 44.93 ? 42  SER A C   1 
ATOM   360  O  O   . SER A 1 43  ? -9.006  -7.773  12.832  1.00 46.87 ? 42  SER A O   1 
ATOM   361  C  CB  . SER A 1 43  ? -7.290  -10.538 12.340  1.00 40.35 ? 42  SER A CB  1 
ATOM   362  N  N   . TRP A 1 44  ? -10.098 -9.383  11.682  1.00 48.46 ? 43  TRP A N   1 
ATOM   363  C  CA  . TRP A 1 44  ? -11.390 -9.128  12.300  1.00 50.40 ? 43  TRP A CA  1 
ATOM   364  C  C   . TRP A 1 44  ? -11.583 -10.221 13.344  1.00 52.81 ? 43  TRP A C   1 
ATOM   365  O  O   . TRP A 1 44  ? -11.508 -11.409 13.021  1.00 49.86 ? 43  TRP A O   1 
ATOM   366  C  CB  . TRP A 1 44  ? -12.520 -9.201  11.274  1.00 51.30 ? 43  TRP A CB  1 
ATOM   367  C  CG  . TRP A 1 44  ? -12.498 -8.106  10.253  1.00 53.27 ? 43  TRP A CG  1 
ATOM   368  C  CD1 . TRP A 1 44  ? -11.721 -8.051  9.124   1.00 52.17 ? 43  TRP A CD1 1 
ATOM   369  C  CD2 . TRP A 1 44  ? -13.294 -6.918  10.252  1.00 51.00 ? 43  TRP A CD2 1 
ATOM   370  N  NE1 . TRP A 1 44  ? -11.977 -6.895  8.431   1.00 51.29 ? 43  TRP A NE1 1 
ATOM   371  C  CE2 . TRP A 1 44  ? -12.944 -6.182  9.088   1.00 51.78 ? 43  TRP A CE2 1 
ATOM   372  C  CE3 . TRP A 1 44  ? -14.277 -6.404  11.111  1.00 49.98 ? 43  TRP A CE3 1 
ATOM   373  C  CZ2 . TRP A 1 44  ? -13.535 -4.955  8.764   1.00 44.74 ? 43  TRP A CZ2 1 
ATOM   374  C  CZ3 . TRP A 1 44  ? -14.862 -5.171  10.794  1.00 52.30 ? 43  TRP A CZ3 1 
ATOM   375  C  CH2 . TRP A 1 44  ? -14.486 -4.461  9.624   1.00 52.42 ? 43  TRP A CH2 1 
ATOM   376  N  N   . ASP A 1 45  ? -11.795 -9.809  14.589  1.00 56.10 ? 44  ASP A N   1 
ATOM   377  C  CA  . ASP A 1 45  ? -12.118 -10.722 15.677  1.00 58.56 ? 44  ASP A CA  1 
ATOM   378  C  C   . ASP A 1 45  ? -13.627 -10.636 15.902  1.00 62.30 ? 44  ASP A C   1 
ATOM   379  O  O   . ASP A 1 45  ? -14.100 -9.874  16.771  1.00 60.00 ? 44  ASP A O   1 
ATOM   380  C  CB  . ASP A 1 45  ? -11.370 -10.319 16.952  1.00 58.70 ? 44  ASP A CB  1 
ATOM   381  N  N   . ASP A 1 46  ? -14.376 -11.385 15.084  1.00 65.27 ? 45  ASP A N   1 
ATOM   382  C  CA  . ASP A 1 46  ? -15.835 -11.439 15.212  1.00 67.15 ? 45  ASP A CA  1 
ATOM   383  C  C   . ASP A 1 46  ? -16.343 -12.875 15.055  1.00 67.13 ? 45  ASP A C   1 
ATOM   384  O  O   . ASP A 1 46  ? -16.248 -13.674 15.986  1.00 65.74 ? 45  ASP A O   1 
ATOM   385  C  CB  . ASP A 1 46  ? -16.526 -10.464 14.224  1.00 67.69 ? 45  ASP A CB  1 
ATOM   386  C  CG  . ASP A 1 46  ? -16.249 -10.793 12.752  1.00 71.39 ? 45  ASP A CG  1 
ATOM   387  O  OD1 . ASP A 1 46  ? -15.179 -11.373 12.449  1.00 77.57 ? 45  ASP A OD1 1 
ATOM   388  O  OD2 . ASP A 1 46  ? -17.111 -10.465 11.896  1.00 60.93 ? 45  ASP A OD2 1 
ATOM   389  N  N   . ILE A 1 58  ? -3.814  -10.450 17.071  1.00 54.73 ? 57  ILE A N   1 
ATOM   390  C  CA  . ILE A 1 58  ? -3.619  -11.149 15.790  1.00 55.03 ? 57  ILE A CA  1 
ATOM   391  C  C   . ILE A 1 58  ? -4.010  -10.267 14.563  1.00 53.88 ? 57  ILE A C   1 
ATOM   392  O  O   . ILE A 1 58  ? -5.182  -9.875  14.375  1.00 54.03 ? 57  ILE A O   1 
ATOM   393  C  CB  . ILE A 1 58  ? -4.379  -12.505 15.755  1.00 54.50 ? 57  ILE A CB  1 
ATOM   394  N  N   . SER A 1 59  ? -3.005  -9.954  13.751  1.00 51.39 ? 58  SER A N   1 
ATOM   395  C  CA  . SER A 1 59  ? -3.196  -9.179  12.544  1.00 50.65 ? 58  SER A CA  1 
ATOM   396  C  C   . SER A 1 59  ? -3.081  -10.080 11.335  1.00 48.75 ? 58  SER A C   1 
ATOM   397  O  O   . SER A 1 59  ? -2.524  -11.159 11.422  1.00 50.19 ? 58  SER A O   1 
ATOM   398  C  CB  . SER A 1 59  ? -2.140  -8.073  12.456  1.00 51.05 ? 58  SER A CB  1 
ATOM   399  O  OG  . SER A 1 59  ? -2.112  -7.302  13.647  1.00 50.70 ? 58  SER A OG  1 
ATOM   400  N  N   . LEU A 1 60  ? -3.605  -9.630  10.201  1.00 47.22 ? 59  LEU A N   1 
ATOM   401  C  CA  . LEU A 1 60  ? -3.304  -10.269 8.912   1.00 46.17 ? 59  LEU A CA  1 
ATOM   402  C  C   . LEU A 1 60  ? -1.853  -9.961  8.511   1.00 45.15 ? 59  LEU A C   1 
ATOM   403  O  O   . LEU A 1 60  ? -1.127  -10.856 8.053   1.00 45.32 ? 59  LEU A O   1 
ATOM   404  C  CB  . LEU A 1 60  ? -4.292  -9.840  7.822   1.00 46.19 ? 59  LEU A CB  1 
ATOM   405  C  CG  . LEU A 1 60  ? -5.760  -10.021 8.233   1.00 47.94 ? 59  LEU A CG  1 
ATOM   406  C  CD1 . LEU A 1 60  ? -6.733  -9.610  7.133   1.00 41.51 ? 59  LEU A CD1 1 
ATOM   407  C  CD2 . LEU A 1 60  ? -6.004  -11.453 8.673   1.00 48.03 ? 59  LEU A CD2 1 
ATOM   408  N  N   . ILE A 1 61  ? -1.415  -8.718  8.726   1.00 42.12 ? 60  ILE A N   1 
ATOM   409  C  CA  . ILE A 1 61  ? -0.020  -8.334  8.526   1.00 40.13 ? 60  ILE A CA  1 
ATOM   410  C  C   . ILE A 1 61  ? 0.331   -7.318  9.589   1.00 40.45 ? 60  ILE A C   1 
ATOM   411  O  O   . ILE A 1 61  ? -0.456  -6.409  9.841   1.00 38.47 ? 60  ILE A O   1 
ATOM   412  C  CB  . ILE A 1 61  ? 0.211   -7.657  7.150   1.00 41.62 ? 60  ILE A CB  1 
ATOM   413  C  CG1 . ILE A 1 61  ? -0.160  -8.581  5.988   1.00 40.83 ? 60  ILE A CG1 1 
ATOM   414  C  CG2 . ILE A 1 61  ? 1.645   -7.207  7.015   1.00 41.25 ? 60  ILE A CG2 1 
ATOM   415  C  CD1 . ILE A 1 61  ? -0.172  -7.892  4.659   1.00 37.74 ? 60  ILE A CD1 1 
ATOM   416  N  N   . TYR A 1 62  ? 1.493   -7.465  10.222  1.00 35.92 ? 61  TYR A N   1 
ATOM   417  C  CA  . TYR A 1 62  ? 2.018   -6.409  11.063  1.00 35.22 ? 61  TYR A CA  1 
ATOM   418  C  C   . TYR A 1 62  ? 3.528   -6.320  10.922  1.00 37.00 ? 61  TYR A C   1 
ATOM   419  O  O   . TYR A 1 62  ? 4.217   -7.330  11.060  1.00 36.54 ? 61  TYR A O   1 
ATOM   420  C  CB  . TYR A 1 62  ? 1.632   -6.633  12.508  1.00 35.98 ? 61  TYR A CB  1 
ATOM   421  C  CG  . TYR A 1 62  ? 2.276   -5.614  13.418  1.00 40.02 ? 61  TYR A CG  1 
ATOM   422  C  CD1 . TYR A 1 62  ? 1.903   -4.297  13.357  1.00 39.88 ? 61  TYR A CD1 1 
ATOM   423  C  CD2 . TYR A 1 62  ? 3.275   -5.976  14.329  1.00 41.88 ? 61  TYR A CD2 1 
ATOM   424  C  CE1 . TYR A 1 62  ? 2.483   -3.352  14.144  1.00 43.02 ? 61  TYR A CE1 1 
ATOM   425  C  CE2 . TYR A 1 62  ? 3.866   -5.020  15.155  1.00 38.51 ? 61  TYR A CE2 1 
ATOM   426  C  CZ  . TYR A 1 62  ? 3.460   -3.708  15.041  1.00 40.51 ? 61  TYR A CZ  1 
ATOM   427  O  OH  . TYR A 1 62  ? 4.007   -2.714  15.799  1.00 45.81 ? 61  TYR A OH  1 
ATOM   428  N  N   . TYR A 1 63  ? 4.042   -5.126  10.621  1.00 33.72 ? 62  TYR A N   1 
ATOM   429  C  CA  . TYR A 1 63  ? 5.476   -4.864  10.652  1.00 30.68 ? 62  TYR A CA  1 
ATOM   430  C  C   . TYR A 1 63  ? 5.737   -3.622  11.445  1.00 30.95 ? 62  TYR A C   1 
ATOM   431  O  O   . TYR A 1 63  ? 5.118   -2.575  11.162  1.00 29.95 ? 62  TYR A O   1 
ATOM   432  C  CB  . TYR A 1 63  ? 6.042   -4.669  9.252   1.00 31.03 ? 62  TYR A CB  1 
ATOM   433  C  CG  . TYR A 1 63  ? 5.863   -5.868  8.374   1.00 30.99 ? 62  TYR A CG  1 
ATOM   434  C  CD1 . TYR A 1 63  ? 6.375   -7.094  8.743   1.00 37.07 ? 62  TYR A CD1 1 
ATOM   435  C  CD2 . TYR A 1 63  ? 5.169   -5.785  7.183   1.00 29.00 ? 62  TYR A CD2 1 
ATOM   436  C  CE1 . TYR A 1 63  ? 6.212   -8.175  7.952   1.00 37.11 ? 62  TYR A CE1 1 
ATOM   437  C  CE2 . TYR A 1 63  ? 4.987   -6.849  6.404   1.00 34.08 ? 62  TYR A CE2 1 
ATOM   438  C  CZ  . TYR A 1 63  ? 5.517   -8.054  6.786   1.00 34.51 ? 62  TYR A CZ  1 
ATOM   439  O  OH  . TYR A 1 63  ? 5.360   -9.143  6.004   1.00 39.28 ? 62  TYR A OH  1 
ATOM   440  N  N   . PRO A 1 64  ? 6.621   -3.723  12.455  1.00 30.02 ? 63  PRO A N   1 
ATOM   441  C  CA  . PRO A 1 64  ? 6.925   -2.591  13.307  1.00 31.57 ? 63  PRO A CA  1 
ATOM   442  C  C   . PRO A 1 64  ? 7.919   -1.626  12.709  1.00 31.33 ? 63  PRO A C   1 
ATOM   443  O  O   . PRO A 1 64  ? 8.129   -0.536  13.247  1.00 31.43 ? 63  PRO A O   1 
ATOM   444  C  CB  . PRO A 1 64  ? 7.498   -3.247  14.552  1.00 34.15 ? 63  PRO A CB  1 
ATOM   445  C  CG  . PRO A 1 64  ? 8.167   -4.458  14.051  1.00 34.47 ? 63  PRO A CG  1 
ATOM   446  C  CD  . PRO A 1 64  ? 7.344   -4.932  12.888  1.00 30.41 ? 63  PRO A CD  1 
ATOM   447  N  N   . ASN A 1 65  ? 8.541   -2.026  11.606  1.00 31.24 ? 64  ASN A N   1 
ATOM   448  C  CA  . ASN A 1 65  ? 9.388   -1.115  10.854  1.00 29.99 ? 64  ASN A CA  1 
ATOM   449  C  C   . ASN A 1 65  ? 9.443   -1.603  9.437   1.00 27.92 ? 64  ASN A C   1 
ATOM   450  O  O   . ASN A 1 65  ? 8.845   -2.612  9.106   1.00 21.86 ? 64  ASN A O   1 
ATOM   451  C  CB  . ASN A 1 65  ? 10.775  -1.032  11.493  1.00 32.11 ? 64  ASN A CB  1 
ATOM   452  C  CG  . ASN A 1 65  ? 11.389  -2.372  11.674  1.00 34.87 ? 64  ASN A CG  1 
ATOM   453  O  OD1 . ASN A 1 65  ? 11.347  -3.198  10.780  1.00 34.34 ? 64  ASN A OD1 1 
ATOM   454  N  ND2 . ASN A 1 65  ? 11.947  -2.619  12.862  1.00 41.63 ? 64  ASN A ND2 1 
ATOM   455  N  N   . ARG A 1 66  ? 10.165  -0.891  8.592   1.00 28.94 ? 65  ARG A N   1 
ATOM   456  C  CA  . ARG A 1 66  ? 10.188  -1.249  7.191   1.00 28.20 ? 65  ARG A CA  1 
ATOM   457  C  C   . ARG A 1 66  ? 10.932  -2.559  6.883   1.00 28.94 ? 65  ARG A C   1 
ATOM   458  O  O   . ARG A 1 66  ? 10.646  -3.202  5.906   1.00 27.21 ? 65  ARG A O   1 
ATOM   459  C  CB  . ARG A 1 66  ? 10.811  -0.144  6.387   1.00 26.44 ? 65  ARG A CB  1 
ATOM   460  C  CG  . ARG A 1 66  ? 10.360  -0.188  4.926   1.00 30.07 ? 65  ARG A CG  1 
ATOM   461  C  CD  . ARG A 1 66  ? 10.964  0.939   4.196   1.00 33.64 ? 65  ARG A CD  1 
ATOM   462  N  NE  . ARG A 1 66  ? 12.311  0.587   3.833   1.00 35.68 ? 65  ARG A NE  1 
ATOM   463  C  CZ  . ARG A 1 66  ? 13.062  1.261   2.975   1.00 44.03 ? 65  ARG A CZ  1 
ATOM   464  N  NH1 . ARG A 1 66  ? 12.622  2.374   2.410   1.00 41.74 ? 65  ARG A NH1 1 
ATOM   465  N  NH2 . ARG A 1 66  ? 14.276  0.810   2.679   1.00 46.71 ? 65  ARG A NH2 1 
ATOM   466  N  N   . GLN A 1 67  ? 11.876  -2.962  7.714   1.00 28.74 ? 66  GLN A N   1 
ATOM   467  C  CA  . GLN A 1 67  ? 12.586  -4.194  7.441   1.00 28.91 ? 66  GLN A CA  1 
ATOM   468  C  C   . GLN A 1 67  ? 11.645  -5.345  7.096   1.00 27.90 ? 66  GLN A C   1 
ATOM   469  O  O   . GLN A 1 67  ? 11.918  -6.106  6.190   1.00 25.84 ? 66  GLN A O   1 
ATOM   470  C  CB  . GLN A 1 67  ? 13.472  -4.598  8.623   1.00 27.40 ? 66  GLN A CB  1 
ATOM   471  C  CG  . GLN A 1 67  ? 14.239  -5.914  8.415   1.00 29.45 ? 66  GLN A CG  1 
ATOM   472  C  CD  . GLN A 1 67  ? 15.146  -6.198  9.564   1.00 27.67 ? 66  GLN A CD  1 
ATOM   473  O  OE1 . GLN A 1 67  ? 15.916  -5.350  9.954   1.00 33.07 ? 66  GLN A OE1 1 
ATOM   474  N  NE2 . GLN A 1 67  ? 15.057  -7.396  10.124  1.00 35.67 ? 66  GLN A NE2 1 
ATOM   475  N  N   . GLY A 1 68  ? 10.541  -5.488  7.812   1.00 29.35 ? 67  GLY A N   1 
ATOM   476  C  CA  . GLY A 1 68  ? 9.601   -6.564  7.534   1.00 29.45 ? 67  GLY A CA  1 
ATOM   477  C  C   . GLY A 1 68  ? 9.064   -6.464  6.116   1.00 30.99 ? 67  GLY A C   1 
ATOM   478  O  O   . GLY A 1 68  ? 8.879   -7.475  5.442   1.00 31.87 ? 67  GLY A O   1 
ATOM   479  N  N   . LEU A 1 69  ? 8.827   -5.240  5.650   1.00 29.32 ? 68  LEU A N   1 
ATOM   480  C  CA  . LEU A 1 69  ? 8.329   -5.037  4.292   1.00 29.68 ? 68  LEU A CA  1 
ATOM   481  C  C   . LEU A 1 69  ? 9.403   -5.380  3.269   1.00 26.19 ? 68  LEU A C   1 
ATOM   482  O  O   . LEU A 1 69  ? 9.072   -5.872  2.198   1.00 26.27 ? 68  LEU A O   1 
ATOM   483  C  CB  . LEU A 1 69  ? 7.885   -3.593  4.052   1.00 31.72 ? 68  LEU A CB  1 
ATOM   484  C  CG  . LEU A 1 69  ? 6.547   -3.156  4.647   1.00 36.36 ? 68  LEU A CG  1 
ATOM   485  C  CD1 . LEU A 1 69  ? 6.309   -1.688  4.328   1.00 29.21 ? 68  LEU A CD1 1 
ATOM   486  C  CD2 . LEU A 1 69  ? 5.413   -4.034  4.125   1.00 27.69 ? 68  LEU A CD2 1 
ATOM   487  N  N   . GLU A 1 70  ? 10.659  -5.061  3.592   1.00 25.91 ? 69  GLU A N   1 
ATOM   488  C  CA  . GLU A 1 70  ? 11.802  -5.367  2.710   1.00 23.40 ? 69  GLU A CA  1 
ATOM   489  C  C   . GLU A 1 70  ? 11.895  -6.857  2.548   1.00 23.49 ? 69  GLU A C   1 
ATOM   490  O  O   . GLU A 1 70  ? 12.094  -7.381  1.450   1.00 23.00 ? 69  GLU A O   1 
ATOM   491  C  CB  . GLU A 1 70  ? 13.104  -4.809  3.285   1.00 24.76 ? 69  GLU A CB  1 
ATOM   492  C  CG  . GLU A 1 70  ? 13.177  -3.244  3.284   1.00 19.55 ? 69  GLU A CG  1 
ATOM   493  C  CD  . GLU A 1 70  ? 14.189  -2.705  4.246   1.00 29.41 ? 69  GLU A CD  1 
ATOM   494  O  OE1 . GLU A 1 70  ? 15.220  -3.358  4.460   1.00 34.69 ? 69  GLU A OE1 1 
ATOM   495  O  OE2 . GLU A 1 70  ? 13.956  -1.626  4.812   1.00 32.17 ? 69  GLU A OE2 1 
ATOM   496  N  N   . ASP A 1 71  ? 11.792  -7.575  3.654   1.00 26.38 ? 70  ASP A N   1 
ATOM   497  C  CA  . ASP A 1 71  ? 11.871  -9.029  3.567   1.00 26.04 ? 70  ASP A CA  1 
ATOM   498  C  C   . ASP A 1 71  ? 10.716  -9.606  2.746   1.00 23.96 ? 70  ASP A C   1 
ATOM   499  O  O   . ASP A 1 71  ? 10.888  -10.550 2.010   1.00 27.59 ? 70  ASP A O   1 
ATOM   500  C  CB  . ASP A 1 71  ? 11.915  -9.661  4.949   1.00 25.17 ? 70  ASP A CB  1 
ATOM   501  C  CG  . ASP A 1 71  ? 13.095  -9.154  5.784   1.00 34.93 ? 70  ASP A CG  1 
ATOM   502  O  OD1 . ASP A 1 71  ? 14.178  -8.813  5.233   1.00 25.17 ? 70  ASP A OD1 1 
ATOM   503  O  OD2 . ASP A 1 71  ? 12.940  -9.107  7.010   1.00 34.44 ? 70  ASP A OD2 1 
ATOM   504  N  N   . ARG A 1 72  ? 9.537   -9.050  2.900   1.00 25.72 ? 71  ARG A N   1 
ATOM   505  C  CA  A ARG A 1 72  ? 8.392   -9.530  2.150   0.50 24.24 ? 71  ARG A CA  1 
ATOM   506  C  CA  B ARG A 1 72  ? 8.385   -9.505  2.146   0.50 23.84 ? 71  ARG A CA  1 
ATOM   507  C  C   . ARG A 1 72  ? 8.584   -9.265  0.651   1.00 23.85 ? 71  ARG A C   1 
ATOM   508  O  O   . ARG A 1 72  ? 8.255   -10.109 -0.170  1.00 25.87 ? 71  ARG A O   1 
ATOM   509  C  CB  A ARG A 1 72  ? 7.119   -8.878  2.659   0.50 25.30 ? 71  ARG A CB  1 
ATOM   510  C  CB  B ARG A 1 72  ? 7.147   -8.766  2.597   0.50 24.67 ? 71  ARG A CB  1 
ATOM   511  C  CG  A ARG A 1 72  ? 5.859   -9.544  2.173   0.50 28.27 ? 71  ARG A CG  1 
ATOM   512  C  CG  B ARG A 1 72  ? 5.883   -9.325  2.008   0.50 25.51 ? 71  ARG A CG  1 
ATOM   513  C  CD  A ARG A 1 72  ? 4.628   -8.869  2.795   0.50 34.21 ? 71  ARG A CD  1 
ATOM   514  C  CD  B ARG A 1 72  ? 5.262   -10.375 2.912   0.50 28.32 ? 71  ARG A CD  1 
ATOM   515  N  NE  A ARG A 1 72  ? 4.157   -9.556  4.000   0.50 34.99 ? 71  ARG A NE  1 
ATOM   516  N  NE  B ARG A 1 72  ? 3.802   -10.409 2.749   0.50 34.90 ? 71  ARG A NE  1 
ATOM   517  C  CZ  A ARG A 1 72  ? 3.002   -10.215 4.102   0.50 39.28 ? 71  ARG A CZ  1 
ATOM   518  C  CZ  B ARG A 1 72  ? 2.948   -10.932 3.628   0.50 39.15 ? 71  ARG A CZ  1 
ATOM   519  N  NH1 A ARG A 1 72  ? 2.176   -10.335 3.069   0.50 38.43 ? 71  ARG A NH1 1 
ATOM   520  N  NH1 B ARG A 1 72  ? 3.376   -11.464 4.773   0.50 48.87 ? 71  ARG A NH1 1 
ATOM   521  N  NH2 A ARG A 1 72  ? 2.679   -10.789 5.254   0.50 41.57 ? 71  ARG A NH2 1 
ATOM   522  N  NH2 B ARG A 1 72  ? 1.648   -10.912 3.368   0.50 40.52 ? 71  ARG A NH2 1 
ATOM   523  N  N   . VAL A 1 73  ? 9.119   -8.103  0.309   1.00 22.20 ? 72  VAL A N   1 
ATOM   524  C  CA  . VAL A 1 73  ? 9.443   -7.796  -1.101  1.00 24.08 ? 72  VAL A CA  1 
ATOM   525  C  C   . VAL A 1 73  ? 10.483  -8.786  -1.627  1.00 23.07 ? 72  VAL A C   1 
ATOM   526  O  O   . VAL A 1 73  ? 10.392  -9.212  -2.771  1.00 18.98 ? 72  VAL A O   1 
ATOM   527  C  CB  . VAL A 1 73  ? 9.914   -6.315  -1.262  1.00 25.90 ? 72  VAL A CB  1 
ATOM   528  C  CG1 . VAL A 1 73  ? 10.743  -6.119  -2.525  1.00 27.17 ? 72  VAL A CG1 1 
ATOM   529  C  CG2 . VAL A 1 73  ? 8.738   -5.346  -1.182  1.00 23.37 ? 72  VAL A CG2 1 
ATOM   530  N  N   . PHE A 1 74  ? 11.466  -9.166  -0.808  1.00 22.82 ? 73  PHE A N   1 
ATOM   531  C  CA  . PHE A 1 74  ? 12.440  -10.162 -1.208  1.00 22.58 ? 73  PHE A CA  1 
ATOM   532  C  C   . PHE A 1 74  ? 11.717  -11.462 -1.557  1.00 22.93 ? 73  PHE A C   1 
ATOM   533  O  O   . PHE A 1 74  ? 12.035  -12.065 -2.562  1.00 21.53 ? 73  PHE A O   1 
ATOM   534  C  CB  . PHE A 1 74  ? 13.514  -10.467 -0.128  1.00 22.47 ? 73  PHE A CB  1 
ATOM   535  C  CG  . PHE A 1 74  ? 14.725  -11.201 -0.700  1.00 20.31 ? 73  PHE A CG  1 
ATOM   536  C  CD1 . PHE A 1 74  ? 14.755  -12.591 -0.797  1.00 19.54 ? 73  PHE A CD1 1 
ATOM   537  C  CD2 . PHE A 1 74  ? 15.796  -10.476 -1.189  1.00 22.43 ? 73  PHE A CD2 1 
ATOM   538  C  CE1 . PHE A 1 74  ? 15.816  -13.219 -1.348  1.00 20.95 ? 73  PHE A CE1 1 
ATOM   539  C  CE2 . PHE A 1 74  ? 16.879  -11.091 -1.730  1.00 23.65 ? 73  PHE A CE2 1 
ATOM   540  C  CZ  . PHE A 1 74  ? 16.905  -12.464 -1.810  1.00 24.45 ? 73  PHE A CZ  1 
ATOM   541  N  N   . ARG A 1 75  ? 10.760  -11.895 -0.709  1.00 28.06 ? 74  ARG A N   1 
ATOM   542  C  CA  . ARG A 1 75  ? 9.990   -13.133 -0.985  1.00 26.39 ? 74  ARG A CA  1 
ATOM   543  C  C   . ARG A 1 75  ? 9.206   -13.034 -2.308  1.00 24.73 ? 74  ARG A C   1 
ATOM   544  O  O   . ARG A 1 75  ? 9.172   -13.980 -3.093  1.00 23.96 ? 74  ARG A O   1 
ATOM   545  C  CB  . ARG A 1 75  ? 9.027   -13.511 0.173   1.00 26.23 ? 74  ARG A CB  1 
ATOM   546  C  CG  . ARG A 1 75  ? 8.229   -14.816 -0.124  1.00 30.99 ? 74  ARG A CG  1 
ATOM   547  C  CD  . ARG A 1 75  ? 7.115   -15.180 0.908   1.00 35.97 ? 74  ARG A CD  1 
ATOM   548  N  NE  . ARG A 1 75  ? 6.184   -14.086 1.249   1.00 48.35 ? 74  ARG A NE  1 
ATOM   549  C  CZ  . ARG A 1 75  ? 5.271   -13.510 0.440   1.00 56.03 ? 74  ARG A CZ  1 
ATOM   550  N  NH1 . ARG A 1 75  ? 5.122   -13.856 -0.835  1.00 49.75 ? 74  ARG A NH1 1 
ATOM   551  N  NH2 . ARG A 1 75  ? 4.501   -12.538 0.923   1.00 55.41 ? 74  ARG A NH2 1 
ATOM   552  N  N   . ILE A 1 76  ? 8.581   -11.897 -2.534  1.00 24.12 ? 75  ILE A N   1 
ATOM   553  C  CA  . ILE A 1 76  ? 7.839   -11.677 -3.766  1.00 25.51 ? 75  ILE A CA  1 
ATOM   554  C  C   . ILE A 1 76  ? 8.767   -11.767 -4.981  1.00 23.46 ? 75  ILE A C   1 
ATOM   555  O  O   . ILE A 1 76  ? 8.450   -12.405 -5.986  1.00 22.93 ? 75  ILE A O   1 
ATOM   556  C  CB  . ILE A 1 76  ? 7.056   -10.356 -3.713  1.00 27.49 ? 75  ILE A CB  1 
ATOM   557  C  CG1 . ILE A 1 76  ? 5.824   -10.520 -2.776  1.00 27.79 ? 75  ILE A CG1 1 
ATOM   558  C  CG2 . ILE A 1 76  ? 6.635   -9.919  -5.133  1.00 19.86 ? 75  ILE A CG2 1 
ATOM   559  C  CD1 . ILE A 1 76  ? 5.352   -9.246  -2.141  1.00 23.96 ? 75  ILE A CD1 1 
ATOM   560  N  N   . LYS A 1 77  ? 9.913   -11.098 -4.905  1.00 22.15 ? 76  LYS A N   1 
ATOM   561  C  CA  . LYS A 1 77  ? 10.867  -11.164 -6.004  1.00 23.97 ? 76  LYS A CA  1 
ATOM   562  C  C   . LYS A 1 77  ? 11.284  -12.609 -6.256  1.00 24.12 ? 76  LYS A C   1 
ATOM   563  O  O   . LYS A 1 77  ? 11.358  -13.056 -7.429  1.00 21.09 ? 76  LYS A O   1 
ATOM   564  C  CB  . LYS A 1 77  ? 12.095  -10.281 -5.713  1.00 20.87 ? 76  LYS A CB  1 
ATOM   565  C  CG  . LYS A 1 77  ? 11.846  -8.820  -5.662  1.00 23.34 ? 76  LYS A CG  1 
ATOM   566  C  CD  . LYS A 1 77  ? 13.184  -8.083  -5.529  1.00 20.13 ? 76  LYS A CD  1 
ATOM   567  C  CE  . LYS A 1 77  ? 13.036  -6.582  -5.530  1.00 28.36 ? 76  LYS A CE  1 
ATOM   568  N  NZ  . LYS A 1 77  ? 14.350  -5.966  -5.168  1.00 28.50 ? 76  LYS A NZ  1 
ATOM   569  N  N   . THR A 1 78  ? 11.518  -13.375 -5.176  1.00 24.64 ? 77  THR A N   1 
ATOM   570  C  CA  . THR A 1 78  ? 11.969  -14.763 -5.328  1.00 23.13 ? 77  THR A CA  1 
ATOM   571  C  C   . THR A 1 78  ? 10.905  -15.613 -6.015  1.00 24.88 ? 77  THR A C   1 
ATOM   572  O  O   . THR A 1 78  ? 11.198  -16.337 -6.949  1.00 25.32 ? 77  THR A O   1 
ATOM   573  C  CB  . THR A 1 78  ? 12.368  -15.411 -3.984  1.00 22.51 ? 77  THR A CB  1 
ATOM   574  O  OG1 . THR A 1 78  ? 13.383  -14.621 -3.385  1.00 24.91 ? 77  THR A OG1 1 
ATOM   575  C  CG2 . THR A 1 78  ? 12.917  -16.807 -4.204  1.00 27.21 ? 77  THR A CG2 1 
ATOM   576  N  N   . GLU A 1 79  ? 9.661   -15.479 -5.577  1.00 27.24 ? 78  GLU A N   1 
ATOM   577  C  CA  . GLU A 1 79  ? 8.540   -16.171 -6.220  1.00 29.11 ? 78  GLU A CA  1 
ATOM   578  C  C   . GLU A 1 79  ? 8.437   -15.826 -7.707  1.00 26.78 ? 78  GLU A C   1 
ATOM   579  O  O   . GLU A 1 79  ? 8.252   -16.695 -8.540  1.00 25.51 ? 78  GLU A O   1 
ATOM   580  C  CB  . GLU A 1 79  ? 7.214   -15.823 -5.499  1.00 30.05 ? 78  GLU A CB  1 
ATOM   581  C  CG  . GLU A 1 79  ? 7.139   -16.458 -4.103  1.00 34.03 ? 78  GLU A CG  1 
ATOM   582  C  CD  . GLU A 1 79  ? 5.918   -16.055 -3.289  1.00 40.06 ? 78  GLU A CD  1 
ATOM   583  O  OE1 . GLU A 1 79  ? 5.272   -15.004 -3.582  1.00 53.28 ? 78  GLU A OE1 1 
ATOM   584  O  OE2 . GLU A 1 79  ? 5.640   -16.805 -2.317  1.00 61.02 ? 78  GLU A OE2 1 
ATOM   585  N  N   . ARG A 1 80  ? 8.570   -14.552 -8.043  1.00 28.28 ? 79  ARG A N   1 
ATOM   586  C  CA  . ARG A 1 80  ? 8.416   -14.105 -9.415  1.00 27.44 ? 79  ARG A CA  1 
ATOM   587  C  C   . ARG A 1 80  ? 9.559   -14.491 -10.330 1.00 30.69 ? 79  ARG A C   1 
ATOM   588  O  O   . ARG A 1 80  ? 9.386   -14.591 -11.541 1.00 28.60 ? 79  ARG A O   1 
ATOM   589  C  CB  . ARG A 1 80  ? 8.199   -12.589 -9.439  1.00 31.24 ? 79  ARG A CB  1 
ATOM   590  C  CG  . ARG A 1 80  ? 6.849   -12.186 -8.854  1.00 32.45 ? 79  ARG A CG  1 
ATOM   591  C  CD  . ARG A 1 80  ? 6.683   -10.687 -8.779  1.00 36.71 ? 79  ARG A CD  1 
ATOM   592  N  NE  . ARG A 1 80  ? 6.837   -10.108 -10.105 1.00 32.95 ? 79  ARG A NE  1 
ATOM   593  C  CZ  . ARG A 1 80  ? 5.882   -10.082 -11.029 1.00 39.13 ? 79  ARG A CZ  1 
ATOM   594  N  NH1 . ARG A 1 80  ? 4.684   -10.586 -10.762 1.00 45.68 ? 79  ARG A NH1 1 
ATOM   595  N  NH2 . ARG A 1 80  ? 6.139   -9.543  -12.221 1.00 42.69 ? 79  ARG A NH2 1 
ATOM   596  N  N   . SER A 1 81  ? 10.732  -14.741 -9.764  1.00 30.15 ? 80  SER A N   1 
ATOM   597  C  CA  . SER A 1 81  ? 11.910  -14.927 -10.580 1.00 33.45 ? 80  SER A CA  1 
ATOM   598  C  C   . SER A 1 81  ? 11.866  -16.255 -11.351 1.00 39.04 ? 80  SER A C   1 
ATOM   599  O  O   . SER A 1 81  ? 12.519  -16.388 -12.367 1.00 41.56 ? 80  SER A O   1 
ATOM   600  C  CB  . SER A 1 81  ? 13.158  -14.822 -9.716  1.00 30.44 ? 80  SER A CB  1 
ATOM   601  O  OG  . SER A 1 81  ? 13.250  -15.942 -8.884  1.00 28.59 ? 80  SER A OG  1 
ATOM   602  N  N   . SER A 1 82  ? 11.084  -17.216 -10.862 1.00 40.58 ? 81  SER A N   1 
ATOM   603  C  CA  . SER A 1 82  ? 10.820  -18.491 -11.562 1.00 43.39 ? 81  SER A CA  1 
ATOM   604  C  C   . SER A 1 82  ? 9.489   -18.505 -12.375 1.00 44.37 ? 81  SER A C   1 
ATOM   605  O  O   . SER A 1 82  ? 9.312   -19.325 -13.291 1.00 44.37 ? 81  SER A O   1 
ATOM   606  C  CB  . SER A 1 82  ? 10.757  -19.604 -10.523 1.00 43.48 ? 81  SER A CB  1 
ATOM   607  O  OG  . SER A 1 82  ? 10.026  -19.167 -9.397  1.00 43.57 ? 81  SER A OG  1 
ATOM   608  N  N   . ALA A 1 83  ? 8.580   -17.587 -12.052 1.00 41.28 ? 82  ALA A N   1 
ATOM   609  C  CA  . ALA A 1 83  ? 7.191   -17.669 -12.493 1.00 42.75 ? 82  ALA A CA  1 
ATOM   610  C  C   . ALA A 1 83  ? 6.983   -17.341 -13.985 1.00 44.88 ? 82  ALA A C   1 
ATOM   611  O  O   . ALA A 1 83  ? 7.555   -16.378 -14.505 1.00 45.44 ? 82  ALA A O   1 
ATOM   612  C  CB  . ALA A 1 83  ? 6.331   -16.728 -11.617 1.00 38.02 ? 82  ALA A CB  1 
ATOM   613  N  N   . THR A 1 84  ? 6.111   -18.104 -14.647 1.00 47.35 ? 83  THR A N   1 
ATOM   614  C  CA  . THR A 1 84  ? 5.785   -17.882 -16.069 1.00 48.88 ? 83  THR A CA  1 
ATOM   615  C  C   . THR A 1 84  ? 4.441   -17.158 -16.270 1.00 47.15 ? 83  THR A C   1 
ATOM   616  O  O   . THR A 1 84  ? 3.617   -17.080 -15.339 1.00 44.20 ? 83  THR A O   1 
ATOM   617  C  CB  . THR A 1 84  ? 5.729   -19.222 -16.849 1.00 48.89 ? 83  THR A CB  1 
ATOM   618  O  OG1 . THR A 1 84  ? 6.864   -20.021 -16.502 1.00 59.12 ? 83  THR A OG1 1 
ATOM   619  C  CG2 . THR A 1 84  ? 5.726   -18.967 -18.357 1.00 49.61 ? 83  THR A CG2 1 
ATOM   620  N  N   . VAL A 1 85  ? 4.250   -16.628 -17.489 1.00 45.64 ? 84  VAL A N   1 
ATOM   621  C  CA  . VAL A 1 85  ? 2.979   -16.043 -17.917 1.00 44.85 ? 84  VAL A CA  1 
ATOM   622  C  C   . VAL A 1 85  ? 1.890   -17.109 -17.782 1.00 43.41 ? 84  VAL A C   1 
ATOM   623  O  O   . VAL A 1 85  ? 2.160   -18.287 -17.995 1.00 43.49 ? 84  VAL A O   1 
ATOM   624  C  CB  . VAL A 1 85  ? 3.038   -15.560 -19.392 1.00 45.77 ? 84  VAL A CB  1 
ATOM   625  N  N   . PRO A 1 86  ? 0.661   -16.715 -17.416 1.00 40.73 ? 85  PRO A N   1 
ATOM   626  C  CA  . PRO A 1 86  ? 0.187   -15.376 -17.094 1.00 39.31 ? 85  PRO A CA  1 
ATOM   627  C  C   . PRO A 1 86  ? 0.638   -14.851 -15.716 1.00 35.45 ? 85  PRO A C   1 
ATOM   628  O  O   . PRO A 1 86  ? 0.676   -15.583 -14.721 1.00 33.02 ? 85  PRO A O   1 
ATOM   629  C  CB  . PRO A 1 86  ? -1.332  -15.544 -17.112 1.00 40.93 ? 85  PRO A CB  1 
ATOM   630  C  CG  . PRO A 1 86  ? -1.542  -16.946 -16.736 1.00 36.92 ? 85  PRO A CG  1 
ATOM   631  C  CD  . PRO A 1 86  ? -0.414  -17.717 -17.311 1.00 42.28 ? 85  PRO A CD  1 
ATOM   632  N  N   . ASP A 1 87  ? 0.978   -13.575 -15.687 1.00 35.98 ? 86  ASP A N   1 
ATOM   633  C  CA  . ASP A 1 87  ? 1.296   -12.885 -14.457 1.00 35.29 ? 86  ASP A CA  1 
ATOM   634  C  C   . ASP A 1 87  ? 0.000   -12.405 -13.843 1.00 32.80 ? 86  ASP A C   1 
ATOM   635  O  O   . ASP A 1 87  ? -1.053  -12.474 -14.495 1.00 35.24 ? 86  ASP A O   1 
ATOM   636  C  CB  . ASP A 1 87  ? 2.207   -11.694 -14.756 1.00 35.42 ? 86  ASP A CB  1 
ATOM   637  C  CG  . ASP A 1 87  ? 2.882   -11.137 -13.501 1.00 39.06 ? 86  ASP A CG  1 
ATOM   638  O  OD1 . ASP A 1 87  ? 2.821   -11.784 -12.435 1.00 40.90 ? 86  ASP A OD1 1 
ATOM   639  O  OD2 . ASP A 1 87  ? 3.464   -10.039 -13.599 1.00 50.30 ? 86  ASP A OD2 1 
ATOM   640  N  N   . THR A 1 88  ? 0.081   -11.925 -12.602 1.00 30.32 ? 87  THR A N   1 
ATOM   641  C  CA  . THR A 1 88  ? -1.029  -11.244 -11.922 1.00 31.97 ? 87  THR A CA  1 
ATOM   642  C  C   . THR A 1 88  ? -0.971  -9.746  -12.186 1.00 28.57 ? 87  THR A C   1 
ATOM   643  O  O   . THR A 1 88  ? 0.020   -9.095  -11.833 1.00 29.76 ? 87  THR A O   1 
ATOM   644  C  CB  . THR A 1 88  ? -0.947  -11.460 -10.411 1.00 30.76 ? 87  THR A CB  1 
ATOM   645  O  OG1 . THR A 1 88  ? -0.972  -12.870 -10.128 1.00 33.15 ? 87  THR A OG1 1 
ATOM   646  C  CG2 . THR A 1 88  ? -2.122  -10.828 -9.711  1.00 28.51 ? 87  THR A CG2 1 
ATOM   647  N  N   . ARG A 1 89  ? -1.991  -9.209  -12.853 1.00 23.84 ? 88  ARG A N   1 
ATOM   648  C  CA  . ARG A 1 89  ? -2.055  -7.771  -13.118 1.00 25.23 ? 88  ARG A CA  1 
ATOM   649  C  C   . ARG A 1 89  ? -2.972  -7.147  -12.095 1.00 24.36 ? 88  ARG A C   1 
ATOM   650  O  O   . ARG A 1 89  ? -4.062  -7.641  -11.882 1.00 28.72 ? 88  ARG A O   1 
ATOM   651  C  CB  . ARG A 1 89  ? -2.575  -7.507  -14.516 1.00 25.50 ? 88  ARG A CB  1 
ATOM   652  C  CG  . ARG A 1 89  ? -1.728  -8.207  -15.601 1.00 27.56 ? 88  ARG A CG  1 
ATOM   653  C  CD  . ARG A 1 89  ? -2.404  -8.159  -16.908 1.00 37.47 ? 88  ARG A CD  1 
ATOM   654  N  NE  . ARG A 1 89  ? -1.776  -9.075  -17.847 1.00 45.51 ? 88  ARG A NE  1 
ATOM   655  C  CZ  . ARG A 1 89  ? -2.385  -9.644  -18.881 1.00 46.44 ? 88  ARG A CZ  1 
ATOM   656  N  NH1 . ARG A 1 89  ? -3.662  -9.411  -19.119 1.00 39.95 ? 88  ARG A NH1 1 
ATOM   657  N  NH2 . ARG A 1 89  ? -1.702  -10.460 -19.687 1.00 42.19 ? 88  ARG A NH2 1 
ATOM   658  N  N   . THR A 1 90  ? -2.523  -6.079  -11.449 1.00 24.09 ? 89  THR A N   1 
ATOM   659  C  CA  . THR A 1 90  ? -3.314  -5.469  -10.373 1.00 22.52 ? 89  THR A CA  1 
ATOM   660  C  C   . THR A 1 90  ? -3.585  -4.022  -10.780 1.00 23.23 ? 89  THR A C   1 
ATOM   661  O  O   . THR A 1 90  ? -2.820  -3.425  -11.560 1.00 22.64 ? 89  THR A O   1 
ATOM   662  C  CB  . THR A 1 90  ? -2.618  -5.504  -8.989  1.00 25.77 ? 89  THR A CB  1 
ATOM   663  O  OG1 . THR A 1 90  ? -1.359  -4.831  -9.047  1.00 21.37 ? 89  THR A OG1 1 
ATOM   664  C  CG2 . THR A 1 90  ? -2.390  -6.955  -8.483  1.00 23.35 ? 89  THR A CG2 1 
ATOM   665  N  N   . SER A 1 91  ? -4.648  -3.469  -10.230 1.00 23.51 ? 90  SER A N   1 
ATOM   666  C  CA  . SER A 1 91  ? -5.026  -2.082  -10.495 1.00 22.65 ? 90  SER A CA  1 
ATOM   667  C  C   . SER A 1 91  ? -5.649  -1.515  -9.231  1.00 21.42 ? 90  SER A C   1 
ATOM   668  O  O   . SER A 1 91  ? -6.739  -1.909  -8.830  1.00 20.40 ? 90  SER A O   1 
ATOM   669  C  CB  . SER A 1 91  ? -6.009  -1.967  -11.640 1.00 24.32 ? 90  SER A CB  1 
ATOM   670  O  OG  . SER A 1 91  ? -6.185  -0.602  -12.026 1.00 27.43 ? 90  SER A OG  1 
ATOM   671  N  N   . HIS A 1 92  ? -4.904  -0.627  -8.571  1.00 23.24 ? 91  HIS A N   1 
ATOM   672  C  CA  . HIS A 1 92  ? -5.376  0.091   -7.394  1.00 20.51 ? 91  HIS A CA  1 
ATOM   673  C  C   . HIS A 1 92  ? -6.271  1.260   -7.797  1.00 19.10 ? 91  HIS A C   1 
ATOM   674  O  O   . HIS A 1 92  ? -6.027  1.924   -8.819  1.00 22.03 ? 91  HIS A O   1 
ATOM   675  C  CB  . HIS A 1 92  ? -4.194  0.644   -6.582  1.00 23.31 ? 91  HIS A CB  1 
ATOM   676  C  CG  . HIS A 1 92  ? -3.450  -0.399  -5.821  1.00 22.81 ? 91  HIS A CG  1 
ATOM   677  N  ND1 . HIS A 1 92  ? -2.788  -1.438  -6.440  1.00 21.90 ? 91  HIS A ND1 1 
ATOM   678  C  CD2 . HIS A 1 92  ? -3.271  -0.571  -4.487  1.00 22.25 ? 91  HIS A CD2 1 
ATOM   679  C  CE1 . HIS A 1 92  ? -2.265  -2.218  -5.514  1.00 24.87 ? 91  HIS A CE1 1 
ATOM   680  N  NE2 . HIS A 1 92  ? -2.525  -1.704  -4.327  1.00 22.95 ? 91  HIS A NE2 1 
ATOM   681  N  N   . ASN A 1 93  ? -7.288  1.513   -6.954  1.00 21.79 ? 92  ASN A N   1 
ATOM   682  C  CA  . ASN A 1 93  ? -8.274  2.569   -7.168  1.00 23.13 ? 92  ASN A CA  1 
ATOM   683  C  C   . ASN A 1 93  ? -8.542  3.218   -5.837  1.00 22.29 ? 92  ASN A C   1 
ATOM   684  O  O   . ASN A 1 93  ? -9.176  2.618   -4.960  1.00 21.28 ? 92  ASN A O   1 
ATOM   685  C  CB  . ASN A 1 93  ? -9.575  2.023   -7.753  1.00 24.56 ? 92  ASN A CB  1 
ATOM   686  C  CG  . ASN A 1 93  ? -9.371  1.305   -9.104  1.00 21.78 ? 92  ASN A CG  1 
ATOM   687  O  OD1 . ASN A 1 93  ? -9.387  1.922   -10.200 1.00 26.06 ? 92  ASN A OD1 1 
ATOM   688  N  ND2 . ASN A 1 93  ? -9.248  -0.024  -9.034  1.00 22.78 ? 92  ASN A ND2 1 
ATOM   689  N  N   . ILE A 1 94  ? -7.993  4.411   -5.657  1.00 22.62 ? 93  ILE A N   1 
ATOM   690  C  CA  . ILE A 1 94  ? -7.998  5.110   -4.362  1.00 21.80 ? 93  ILE A CA  1 
ATOM   691  C  C   . ILE A 1 94  ? -9.108  6.134   -4.456  1.00 25.90 ? 93  ILE A C   1 
ATOM   692  O  O   . ILE A 1 94  ? -9.091  6.972   -5.379  1.00 28.72 ? 93  ILE A O   1 
ATOM   693  C  CB  . ILE A 1 94  ? -6.647  5.825   -4.115  1.00 21.90 ? 93  ILE A CB  1 
ATOM   694  C  CG1 . ILE A 1 94  ? -5.424  4.856   -4.132  1.00 31.03 ? 93  ILE A CG1 1 
ATOM   695  C  CG2 . ILE A 1 94  ? -6.683  6.712   -2.803  1.00 18.57 ? 93  ILE A CG2 1 
ATOM   696  C  CD1 . ILE A 1 94  ? -5.531  3.762   -3.191  1.00 41.23 ? 93  ILE A CD1 1 
ATOM   697  N  N   . ALA A 1 95  ? -10.032 6.103   -3.489  1.00 25.05 ? 94  ALA A N   1 
ATOM   698  C  CA  . ALA A 1 95  ? -11.279 6.892   -3.534  1.00 22.84 ? 94  ALA A CA  1 
ATOM   699  C  C   . ALA A 1 95  ? -11.549 7.549   -2.180  1.00 21.73 ? 94  ALA A C   1 
ATOM   700  O  O   . ALA A 1 95  ? -11.113 7.092   -1.122  1.00 21.83 ? 94  ALA A O   1 
ATOM   701  C  CB  . ALA A 1 95  ? -12.474 5.968   -3.885  1.00 24.90 ? 94  ALA A CB  1 
ATOM   702  N  N   . ASN A 1 96  ? -12.298 8.622   -2.224  1.00 21.37 ? 95  ASN A N   1 
ATOM   703  C  CA  . ASN A 1 96  ? -12.909 9.207   -1.037  1.00 23.95 ? 95  ASN A CA  1 
ATOM   704  C  C   . ASN A 1 96  ? -11.849 9.608   -0.016  1.00 21.76 ? 95  ASN A C   1 
ATOM   705  O  O   . ASN A 1 96  ? -11.959 9.355   1.189   1.00 24.70 ? 95  ASN A O   1 
ATOM   706  C  CB  . ASN A 1 96  ? -13.946 8.246   -0.413  1.00 23.42 ? 95  ASN A CB  1 
ATOM   707  C  CG  . ASN A 1 96  ? -15.194 8.015   -1.277  1.00 21.80 ? 95  ASN A CG  1 
ATOM   708  O  OD1 . ASN A 1 96  ? -15.149 7.962   -2.503  1.00 24.23 ? 95  ASN A OD1 1 
ATOM   709  N  ND2 . ASN A 1 96  ? -16.325 7.802   -0.603  1.00 24.23 ? 95  ASN A ND2 1 
ATOM   710  N  N   . VAL A 1 97  ? -10.819 10.250  -0.520  1.00 24.30 ? 96  VAL A N   1 
ATOM   711  C  CA  . VAL A 1 97  ? -9.692  10.651  0.319   1.00 20.88 ? 96  VAL A CA  1 
ATOM   712  C  C   . VAL A 1 97  ? -10.076 11.863  1.193   1.00 21.95 ? 96  VAL A C   1 
ATOM   713  O  O   . VAL A 1 97  ? -10.504 12.872  0.688   1.00 24.06 ? 96  VAL A O   1 
ATOM   714  C  CB  . VAL A 1 97  ? -8.447  11.001  -0.483  1.00 21.75 ? 96  VAL A CB  1 
ATOM   715  C  CG1 . VAL A 1 97  ? -7.295  11.346  0.514   1.00 22.29 ? 96  VAL A CG1 1 
ATOM   716  C  CG2 . VAL A 1 97  ? -8.040  9.829   -1.441  1.00 18.07 ? 96  VAL A CG2 1 
ATOM   717  N  N   . GLU A 1 98  ? -9.907  11.709  2.501   1.00 23.44 ? 97  GLU A N   1 
ATOM   718  C  CA  . GLU A 1 98  ? -10.160 12.747  3.474   1.00 24.36 ? 97  GLU A CA  1 
ATOM   719  C  C   . GLU A 1 98  ? -8.957  12.994  4.331   1.00 23.41 ? 97  GLU A C   1 
ATOM   720  O  O   . GLU A 1 98  ? -8.403  12.062  4.899   1.00 24.42 ? 97  GLU A O   1 
ATOM   721  C  CB  . GLU A 1 98  ? -11.276 12.336  4.390   1.00 23.45 ? 97  GLU A CB  1 
ATOM   722  C  CG  . GLU A 1 98  ? -12.632 12.206  3.657   1.00 24.69 ? 97  GLU A CG  1 
ATOM   723  C  CD  . GLU A 1 98  ? -13.680 11.783  4.618   1.00 25.15 ? 97  GLU A CD  1 
ATOM   724  O  OE1 . GLU A 1 98  ? -14.171 12.643  5.382   1.00 27.17 ? 97  GLU A OE1 1 
ATOM   725  O  OE2 . GLU A 1 98  ? -13.945 10.590  4.681   1.00 25.63 ? 97  GLU A OE2 1 
ATOM   726  N  N   . ARG A 1 99  ? -8.587  14.258  4.466   1.00 25.55 ? 98  ARG A N   1 
ATOM   727  C  CA  . ARG A 1 99  ? -7.525  14.643  5.385   1.00 25.18 ? 98  ARG A CA  1 
ATOM   728  C  C   . ARG A 1 99  ? -8.072  14.642  6.801   1.00 25.47 ? 98  ARG A C   1 
ATOM   729  O  O   . ARG A 1 99  ? -9.134  15.181  7.041   1.00 25.81 ? 98  ARG A O   1 
ATOM   730  C  CB  . ARG A 1 99  ? -7.014  16.036  5.025   1.00 28.72 ? 98  ARG A CB  1 
ATOM   731  C  CG  . ARG A 1 99  ? -6.307  16.067  3.661   1.00 27.42 ? 98  ARG A CG  1 
ATOM   732  C  CD  . ARG A 1 99  ? -5.803  17.478  3.349   1.00 34.71 ? 98  ARG A CD  1 
ATOM   733  N  NE  . ARG A 1 99  ? -4.913  17.983  4.402   1.00 30.58 ? 98  ARG A NE  1 
ATOM   734  C  CZ  . ARG A 1 99  ? -4.521  19.244  4.485   1.00 39.89 ? 98  ARG A CZ  1 
ATOM   735  N  NH1 . ARG A 1 99  ? -4.934  20.126  3.576   1.00 33.51 ? 98  ARG A NH1 1 
ATOM   736  N  NH2 . ARG A 1 99  ? -3.729  19.635  5.494   1.00 36.05 ? 98  ARG A NH2 1 
ATOM   737  N  N   . GLU A 1 100 ? -7.336  14.045  7.734   1.00 23.01 ? 99  GLU A N   1 
ATOM   738  C  CA  . GLU A 1 100 ? -7.782  13.965  9.117   1.00 24.47 ? 99  GLU A CA  1 
ATOM   739  C  C   . GLU A 1 100 ? -7.029  14.910  10.049  1.00 24.29 ? 99  GLU A C   1 
ATOM   740  O  O   . GLU A 1 100 ? -7.644  15.537  10.913  1.00 25.58 ? 99  GLU A O   1 
ATOM   741  C  CB  . GLU A 1 100 ? -7.629  12.543  9.595   1.00 25.29 ? 99  GLU A CB  1 
ATOM   742  C  CG  . GLU A 1 100 ? -8.633  11.628  8.970   1.00 25.60 ? 99  GLU A CG  1 
ATOM   743  C  CD  . GLU A 1 100 ? -8.581  10.249  9.567   1.00 29.33 ? 99  GLU A CD  1 
ATOM   744  O  OE1 . GLU A 1 100 ? -7.476  9.785   9.897   1.00 38.97 ? 99  GLU A OE1 1 
ATOM   745  O  OE2 . GLU A 1 100 ? -9.647  9.648   9.708   1.00 33.29 ? 99  GLU A OE2 1 
ATOM   746  N  N   . SER A 1 101 ? -5.714  14.987  9.894   1.00 22.92 ? 100 SER A N   1 
ATOM   747  C  CA  . SER A 1 101 ? -4.900  15.901  10.703  1.00 24.36 ? 100 SER A CA  1 
ATOM   748  C  C   . SER A 1 101 ? -3.578  16.201  10.043  1.00 21.27 ? 100 SER A C   1 
ATOM   749  O  O   . SER A 1 101 ? -3.219  15.558  9.071   1.00 21.03 ? 100 SER A O   1 
ATOM   750  C  CB  . SER A 1 101 ? -4.647  15.294  12.061  1.00 25.27 ? 100 SER A CB  1 
ATOM   751  O  OG  . SER A 1 101 ? -3.864  14.123  11.904  1.00 28.77 ? 100 SER A OG  1 
ATOM   752  N  N   . ALA A 1 102 ? -2.881  17.202  10.589  1.00 23.65 ? 101 ALA A N   1 
ATOM   753  C  CA  . ALA A 1 102 ? -1.517  17.552  10.238  1.00 24.84 ? 101 ALA A CA  1 
ATOM   754  C  C   . ALA A 1 102 ? -0.761  17.925  11.492  1.00 25.04 ? 101 ALA A C   1 
ATOM   755  O  O   . ALA A 1 102 ? -1.274  18.628  12.367  1.00 26.26 ? 101 ALA A O   1 
ATOM   756  C  CB  . ALA A 1 102 ? -1.478  18.699  9.244   1.00 26.14 ? 101 ALA A CB  1 
ATOM   757  N  N   . ASP A 1 103 ? 0.455   17.418  11.619  1.00 25.67 ? 102 ASP A N   1 
ATOM   758  C  CA  . ASP A 1 103 ? 1.298   17.764  12.744  1.00 27.33 ? 102 ASP A CA  1 
ATOM   759  C  C   . ASP A 1 103 ? 2.644   18.064  12.132  1.00 26.50 ? 102 ASP A C   1 
ATOM   760  O  O   . ASP A 1 103 ? 3.356   17.167  11.657  1.00 28.30 ? 102 ASP A O   1 
ATOM   761  C  CB  . ASP A 1 103 ? 1.353   16.624  13.734  1.00 29.73 ? 102 ASP A CB  1 
ATOM   762  C  CG  . ASP A 1 103 ? 2.186   16.947  14.966  1.00 39.15 ? 102 ASP A CG  1 
ATOM   763  O  OD1 . ASP A 1 103 ? 2.664   18.100  15.107  1.00 51.64 ? 102 ASP A OD1 1 
ATOM   764  O  OD2 . ASP A 1 103 ? 2.366   16.036  15.805  1.00 49.91 ? 102 ASP A OD2 1 
ATOM   765  N  N   . GLY A 1 104 ? 2.945   19.349  12.060  1.00 27.01 ? 103 GLY A N   1 
ATOM   766  C  CA  . GLY A 1 104 ? 4.074   19.820  11.287  1.00 29.28 ? 103 GLY A CA  1 
ATOM   767  C  C   . GLY A 1 104 ? 3.918   19.366  9.842   1.00 29.72 ? 103 GLY A C   1 
ATOM   768  O  O   . GLY A 1 104 ? 2.925   19.670  9.184   1.00 32.11 ? 103 GLY A O   1 
ATOM   769  N  N   . ASP A 1 105 ? 4.909   18.616  9.363   1.00 30.47 ? 104 ASP A N   1 
ATOM   770  C  CA  . ASP A 1 105 ? 4.933   18.113  7.991   1.00 30.29 ? 104 ASP A CA  1 
ATOM   771  C  C   . ASP A 1 105 ? 4.412   16.667  7.899   1.00 31.33 ? 104 ASP A C   1 
ATOM   772  O  O   . ASP A 1 105 ? 4.528   16.035  6.834   1.00 29.68 ? 104 ASP A O   1 
ATOM   773  C  CB  . ASP A 1 105 ? 6.356   18.185  7.440   1.00 33.43 ? 104 ASP A CB  1 
ATOM   774  C  CG  . ASP A 1 105 ? 6.814   19.617  7.152   1.00 28.75 ? 104 ASP A CG  1 
ATOM   775  O  OD1 . ASP A 1 105 ? 6.000   20.421  6.632   1.00 42.41 ? 104 ASP A OD1 1 
ATOM   776  O  OD2 . ASP A 1 105 ? 7.993   19.911  7.434   1.00 42.65 ? 104 ASP A OD2 1 
ATOM   777  N  N   . VAL A 1 106 ? 3.851   16.147  9.004   1.00 29.54 ? 105 VAL A N   1 
ATOM   778  C  CA  . VAL A 1 106 ? 3.223   14.833  8.995   1.00 27.67 ? 105 VAL A CA  1 
ATOM   779  C  C   . VAL A 1 106 ? 1.707   14.969  8.843   1.00 25.92 ? 105 VAL A C   1 
ATOM   780  O  O   . VAL A 1 106 ? 1.004   15.512  9.715   1.00 24.01 ? 105 VAL A O   1 
ATOM   781  C  CB  . VAL A 1 106 ? 3.536   13.983  10.211  1.00 27.93 ? 105 VAL A CB  1 
ATOM   782  C  CG1 . VAL A 1 106 ? 2.935   12.605  10.015  1.00 30.16 ? 105 VAL A CG1 1 
ATOM   783  C  CG2 . VAL A 1 106 ? 5.090   13.863  10.473  1.00 25.14 ? 105 VAL A CG2 1 
ATOM   784  N  N   . HIS A 1 107 ? 1.221   14.410  7.744   1.00 24.41 ? 106 HIS A N   1 
ATOM   785  C  CA  . HIS A 1 107 ? -0.161  14.549  7.322   1.00 23.89 ? 106 HIS A CA  1 
ATOM   786  C  C   . HIS A 1 107 ? -0.842  13.201  7.403   1.00 26.00 ? 106 HIS A C   1 
ATOM   787  O  O   . HIS A 1 107 ? -0.288  12.206  6.944   1.00 24.01 ? 106 HIS A O   1 
ATOM   788  C  CB  . HIS A 1 107 ? -0.204  15.096  5.903   1.00 25.05 ? 106 HIS A CB  1 
ATOM   789  C  CG  . HIS A 1 107 ? 0.146   16.546  5.816   1.00 23.42 ? 106 HIS A CG  1 
ATOM   790  N  ND1 . HIS A 1 107 ? -0.807  17.533  5.793   1.00 28.20 ? 106 HIS A ND1 1 
ATOM   791  C  CD2 . HIS A 1 107 ? 1.347   17.175  5.773   1.00 28.39 ? 106 HIS A CD2 1 
ATOM   792  C  CE1 . HIS A 1 107 ? -0.213  18.713  5.746   1.00 34.71 ? 106 HIS A CE1 1 
ATOM   793  N  NE2 . HIS A 1 107 ? 1.094   18.526  5.734   1.00 26.06 ? 106 HIS A NE2 1 
ATOM   794  N  N   . THR A 1 108 ? -2.012  13.158  8.038   1.00 25.06 ? 107 THR A N   1 
ATOM   795  C  CA  . THR A 1 108 ? -2.756  11.930  8.208   1.00 22.09 ? 107 THR A CA  1 
ATOM   796  C  C   . THR A 1 108 ? -4.052  12.013  7.403   1.00 25.14 ? 107 THR A C   1 
ATOM   797  O  O   . THR A 1 108 ? -4.805  12.987  7.528   1.00 26.25 ? 107 THR A O   1 
ATOM   798  C  CB  . THR A 1 108 ? -3.045  11.662  9.704   1.00 25.09 ? 107 THR A CB  1 
ATOM   799  O  OG1 . THR A 1 108 ? -1.810  11.583  10.443  1.00 24.01 ? 107 THR A OG1 1 
ATOM   800  C  CG2 . THR A 1 108 ? -3.811  10.339  9.907   1.00 25.14 ? 107 THR A CG2 1 
ATOM   801  N  N   . VAL A 1 109 ? -4.312  10.980  6.580   1.00 25.68 ? 108 VAL A N   1 
ATOM   802  C  CA  . VAL A 1 109 ? -5.480  10.924  5.709   1.00 25.42 ? 108 VAL A CA  1 
ATOM   803  C  C   . VAL A 1 109 ? -6.115  9.535   5.807   1.00 23.99 ? 108 VAL A C   1 
ATOM   804  O  O   . VAL A 1 109 ? -5.439  8.558   6.181   1.00 25.08 ? 108 VAL A O   1 
ATOM   805  C  CB  . VAL A 1 109 ? -5.089  11.181  4.238   1.00 29.35 ? 108 VAL A CB  1 
ATOM   806  C  CG1 . VAL A 1 109 ? -4.507  12.626  4.088   1.00 31.19 ? 108 VAL A CG1 1 
ATOM   807  C  CG2 . VAL A 1 109 ? -4.068  10.151  3.790   1.00 25.09 ? 108 VAL A CG2 1 
ATOM   808  N  N   . ARG A 1 110 ? -7.389  9.442   5.469   1.00 23.12 ? 109 ARG A N   1 
ATOM   809  C  CA  . ARG A 1 110 ? -8.047  8.145   5.291   1.00 22.77 ? 109 ARG A CA  1 
ATOM   810  C  C   . ARG A 1 110 ? -8.634  8.074   3.914   1.00 23.74 ? 109 ARG A C   1 
ATOM   811  O  O   . ARG A 1 110 ? -8.911  9.114   3.274   1.00 21.39 ? 109 ARG A O   1 
ATOM   812  C  CB  . ARG A 1 110 ? -9.143  7.930   6.313   1.00 23.72 ? 109 ARG A CB  1 
ATOM   813  C  CG  . ARG A 1 110 ? -10.337 8.816   6.159   1.00 25.17 ? 109 ARG A CG  1 
ATOM   814  C  CD  . ARG A 1 110 ? -11.397 8.489   7.119   1.00 28.57 ? 109 ARG A CD  1 
ATOM   815  N  NE  . ARG A 1 110 ? -12.098 7.252   6.826   1.00 26.96 ? 109 ARG A NE  1 
ATOM   816  C  CZ  . ARG A 1 110 ? -12.747 6.541   7.742   1.00 33.98 ? 109 ARG A CZ  1 
ATOM   817  N  NH1 . ARG A 1 110 ? -12.789 6.927   9.016   1.00 33.84 ? 109 ARG A NH1 1 
ATOM   818  N  NH2 . ARG A 1 110 ? -13.405 5.457   7.380   1.00 26.72 ? 109 ARG A NH2 1 
ATOM   819  N  N   . PHE A 1 111 ? -8.861  6.858   3.433   1.00 21.42 ? 110 PHE A N   1 
ATOM   820  C  CA  . PHE A 1 111 ? -9.390  6.703   2.074   1.00 23.13 ? 110 PHE A CA  1 
ATOM   821  C  C   . PHE A 1 111 ? -9.965  5.302   1.893   1.00 20.16 ? 110 PHE A C   1 
ATOM   822  O  O   . PHE A 1 111 ? -9.636  4.394   2.665   1.00 22.96 ? 110 PHE A O   1 
ATOM   823  C  CB  . PHE A 1 111 ? -8.348  7.060   0.948   1.00 23.26 ? 110 PHE A CB  1 
ATOM   824  C  CG  . PHE A 1 111 ? -7.092  6.226   0.954   1.00 19.29 ? 110 PHE A CG  1 
ATOM   825  C  CD1 . PHE A 1 111 ? -7.039  4.972   0.332   1.00 18.27 ? 110 PHE A CD1 1 
ATOM   826  C  CD2 . PHE A 1 111 ? -5.997  6.635   1.663   1.00 25.43 ? 110 PHE A CD2 1 
ATOM   827  C  CE1 . PHE A 1 111 ? -5.921  4.221   0.377   1.00 19.75 ? 110 PHE A CE1 1 
ATOM   828  C  CE2 . PHE A 1 111 ? -4.881  5.864   1.729   1.00 21.73 ? 110 PHE A CE2 1 
ATOM   829  C  CZ  . PHE A 1 111 ? -4.824  4.652   1.078   1.00 24.88 ? 110 PHE A CZ  1 
ATOM   830  N  N   . ASN A 1 112 ? -10.867 5.129   0.912   1.00 20.31 ? 111 ASN A N   1 
ATOM   831  C  CA  . ASN A 1 112 ? -11.361 3.794   0.549   1.00 21.02 ? 111 ASN A CA  1 
ATOM   832  C  C   . ASN A 1 112 ? -10.583 3.324   -0.660  1.00 24.00 ? 111 ASN A C   1 
ATOM   833  O  O   . ASN A 1 112 ? -10.034 4.134   -1.415  1.00 22.05 ? 111 ASN A O   1 
ATOM   834  C  CB  . ASN A 1 112 ? -12.867 3.851   0.236   1.00 22.79 ? 111 ASN A CB  1 
ATOM   835  C  CG  . ASN A 1 112 ? -13.692 4.187   1.455   1.00 22.55 ? 111 ASN A CG  1 
ATOM   836  O  OD1 . ASN A 1 112 ? -13.179 4.108   2.579   1.00 22.79 ? 111 ASN A OD1 1 
ATOM   837  N  ND2 . ASN A 1 112 ? -14.971 4.553   1.256   1.00 20.76 ? 111 ASN A ND2 1 
ATOM   838  N  N   . TRP A 1 113 ? -10.560 2.030   -0.900  1.00 22.37 ? 112 TRP A N   1 
ATOM   839  C  CA  . TRP A 1 113 ? -9.803  1.529   -2.020  1.00 20.93 ? 112 TRP A CA  1 
ATOM   840  C  C   . TRP A 1 113 ? -10.395 0.204   -2.467  1.00 21.79 ? 112 TRP A C   1 
ATOM   841  O  O   . TRP A 1 113 ? -11.199 -0.444  -1.771  1.00 23.08 ? 112 TRP A O   1 
ATOM   842  C  CB  . TRP A 1 113 ? -8.298  1.400   -1.629  1.00 19.06 ? 112 TRP A CB  1 
ATOM   843  C  CG  . TRP A 1 113 ? -8.140  0.549   -0.434  1.00 21.71 ? 112 TRP A CG  1 
ATOM   844  C  CD1 . TRP A 1 113 ? -8.014  0.985   0.874   1.00 23.88 ? 112 TRP A CD1 1 
ATOM   845  C  CD2 . TRP A 1 113 ? -8.083  -0.875  -0.381  1.00 23.58 ? 112 TRP A CD2 1 
ATOM   846  N  NE1 . TRP A 1 113 ? -7.895  -0.068  1.704   1.00 25.89 ? 112 TRP A NE1 1 
ATOM   847  C  CE2 . TRP A 1 113 ? -7.924  -1.229  0.979   1.00 27.58 ? 112 TRP A CE2 1 
ATOM   848  C  CE3 . TRP A 1 113 ? -8.118  -1.901  -1.344  1.00 23.90 ? 112 TRP A CE3 1 
ATOM   849  C  CZ2 . TRP A 1 113 ? -7.855  -2.533  1.403   1.00 23.84 ? 112 TRP A CZ2 1 
ATOM   850  C  CZ3 . TRP A 1 113 ? -8.020  -3.187  -0.926  1.00 22.36 ? 112 TRP A CZ3 1 
ATOM   851  C  CH2 . TRP A 1 113 ? -7.886  -3.509  0.444   1.00 24.47 ? 112 TRP A CH2 1 
ATOM   852  N  N   . HIS A 1 114 ? -10.062 -0.139  -3.696  1.00 22.66 ? 113 HIS A N   1 
ATOM   853  C  CA  . HIS A 1 114 ? -10.580 -1.293  -4.383  1.00 19.25 ? 113 HIS A CA  1 
ATOM   854  C  C   . HIS A 1 114 ? -9.469  -1.654  -5.368  1.00 19.38 ? 113 HIS A C   1 
ATOM   855  O  O   . HIS A 1 114 ? -9.136  -0.916  -6.286  1.00 22.07 ? 113 HIS A O   1 
ATOM   856  C  CB  . HIS A 1 114 ? -11.906 -0.993  -5.104  1.00 20.09 ? 113 HIS A CB  1 
ATOM   857  C  CG  . HIS A 1 114 ? -12.446 -2.129  -5.917  1.00 18.30 ? 113 HIS A CG  1 
ATOM   858  N  ND1 . HIS A 1 114 ? -13.218 -1.940  -7.045  1.00 23.23 ? 113 HIS A ND1 1 
ATOM   859  C  CD2 . HIS A 1 114 ? -12.325 -3.471  -5.768  1.00 25.70 ? 113 HIS A CD2 1 
ATOM   860  C  CE1 . HIS A 1 114 ? -13.569 -3.118  -7.543  1.00 22.73 ? 113 HIS A CE1 1 
ATOM   861  N  NE2 . HIS A 1 114 ? -13.021 -4.064  -6.794  1.00 20.90 ? 113 HIS A NE2 1 
ATOM   862  N  N   . THR A 1 115 ? -8.855  -2.794  -5.127  1.00 20.82 ? 114 THR A N   1 
ATOM   863  C  CA  . THR A 1 115 ? -7.872  -3.303  -5.992  1.00 22.00 ? 114 THR A CA  1 
ATOM   864  C  C   . THR A 1 115 ? -8.504  -4.424  -6.761  1.00 20.47 ? 114 THR A C   1 
ATOM   865  O  O   . THR A 1 115 ? -9.066  -5.346  -6.177  1.00 23.24 ? 114 THR A O   1 
ATOM   866  C  CB  . THR A 1 115 ? -6.688  -3.868  -5.192  1.00 21.61 ? 114 THR A CB  1 
ATOM   867  O  OG1 . THR A 1 115 ? -6.193  -2.831  -4.345  1.00 25.81 ? 114 THR A OG1 1 
ATOM   868  C  CG2 . THR A 1 115 ? -5.579  -4.302  -6.176  1.00 21.04 ? 114 THR A CG2 1 
ATOM   869  N  N   . LEU A 1 116 ? -8.353  -4.359  -8.072  1.00 22.00 ? 115 LEU A N   1 
ATOM   870  C  CA  . LEU A 1 116 ? -8.810  -5.402  -8.948  1.00 21.86 ? 115 LEU A CA  1 
ATOM   871  C  C   . LEU A 1 116 ? -7.554  -6.195  -9.371  1.00 23.83 ? 115 LEU A C   1 
ATOM   872  O  O   . LEU A 1 116 ? -6.498  -5.626  -9.526  1.00 24.59 ? 115 LEU A O   1 
ATOM   873  C  CB  . LEU A 1 116 ? -9.524  -4.753  -10.126 1.00 21.82 ? 115 LEU A CB  1 
ATOM   874  C  CG  . LEU A 1 116 ? -10.954 -4.306  -9.817  1.00 21.35 ? 115 LEU A CG  1 
ATOM   875  C  CD1 . LEU A 1 116 ? -11.387 -3.201  -10.758 1.00 24.16 ? 115 LEU A CD1 1 
ATOM   876  C  CD2 . LEU A 1 116 ? -11.935 -5.501  -9.828  1.00 23.43 ? 115 LEU A CD2 1 
ATOM   877  N  N   . SER A 1 117 ? -7.660  -7.507  -9.518  1.00 22.06 ? 116 SER A N   1 
ATOM   878  C  CA  . SER A 1 117 ? -6.498  -8.310  -9.750  1.00 25.14 ? 116 SER A CA  1 
ATOM   879  C  C   . SER A 1 117 ? -6.891  -9.356  -10.760 1.00 26.74 ? 116 SER A C   1 
ATOM   880  O  O   . SER A 1 117 ? -8.042  -9.820  -10.781 1.00 30.04 ? 116 SER A O   1 
ATOM   881  C  CB  . SER A 1 117 ? -6.065  -8.915  -8.405  1.00 28.58 ? 116 SER A CB  1 
ATOM   882  O  OG  . SER A 1 117 ? -4.887  -9.655  -8.510  1.00 33.15 ? 116 SER A OG  1 
ATOM   883  N  N   . TYR A 1 118 ? -6.000  -9.648  -11.685 1.00 25.42 ? 117 TYR A N   1 
ATOM   884  C  CA  . TYR A 1 118 ? -6.354  -10.595 -12.729 1.00 23.05 ? 117 TYR A CA  1 
ATOM   885  C  C   . TYR A 1 118 ? -5.159  -11.426 -13.052 1.00 25.12 ? 117 TYR A C   1 
ATOM   886  O  O   . TYR A 1 118 ? -4.080  -10.900 -13.234 1.00 25.85 ? 117 TYR A O   1 
ATOM   887  C  CB  . TYR A 1 118 ? -6.830  -9.880  -14.002 1.00 27.26 ? 117 TYR A CB  1 
ATOM   888  C  CG  . TYR A 1 118 ? -7.096  -10.808 -15.153 1.00 28.37 ? 117 TYR A CG  1 
ATOM   889  C  CD1 . TYR A 1 118 ? -8.299  -11.481 -15.254 1.00 29.01 ? 117 TYR A CD1 1 
ATOM   890  C  CD2 . TYR A 1 118 ? -6.132  -11.029 -16.131 1.00 29.26 ? 117 TYR A CD2 1 
ATOM   891  C  CE1 . TYR A 1 118 ? -8.545  -12.332 -16.303 1.00 39.87 ? 117 TYR A CE1 1 
ATOM   892  C  CE2 . TYR A 1 118 ? -6.370  -11.899 -17.169 1.00 32.52 ? 117 TYR A CE2 1 
ATOM   893  C  CZ  . TYR A 1 118 ? -7.565  -12.535 -17.257 1.00 35.42 ? 117 TYR A CZ  1 
ATOM   894  O  OH  . TYR A 1 118 ? -7.784  -13.391 -18.332 1.00 43.09 ? 117 TYR A OH  1 
ATOM   895  N  N   A ARG A 1 119 ? -5.391  -12.736 -13.100 0.50 26.73 ? 118 ARG A N   1 
ATOM   896  N  N   B ARG A 1 119 ? -5.324  -12.741 -13.111 0.50 25.98 ? 118 ARG A N   1 
ATOM   897  C  CA  A ARG A 1 119 ? -4.463  -13.692 -13.666 0.50 28.57 ? 118 ARG A CA  1 
ATOM   898  C  CA  B ARG A 1 119 ? -4.196  -13.623 -13.390 0.50 27.05 ? 118 ARG A CA  1 
ATOM   899  C  C   A ARG A 1 119 ? -5.294  -14.705 -14.451 0.50 30.27 ? 118 ARG A C   1 
ATOM   900  C  C   B ARG A 1 119 ? -4.544  -14.512 -14.570 0.50 27.75 ? 118 ARG A C   1 
ATOM   901  O  O   A ARG A 1 119 ? -6.194  -15.347 -13.902 0.50 28.33 ? 118 ARG A O   1 
ATOM   902  O  O   B ARG A 1 119 ? -3.968  -14.388 -15.668 0.50 30.31 ? 118 ARG A O   1 
ATOM   903  C  CB  A ARG A 1 119 ? -3.674  -14.401 -12.570 0.50 28.89 ? 118 ARG A CB  1 
ATOM   904  C  CB  B ARG A 1 119 ? -3.896  -14.481 -12.161 0.50 27.66 ? 118 ARG A CB  1 
ATOM   905  C  CG  A ARG A 1 119 ? -2.545  -15.237 -13.113 0.50 27.68 ? 118 ARG A CG  1 
ATOM   906  C  CG  B ARG A 1 119 ? -2.615  -15.272 -12.264 0.50 30.84 ? 118 ARG A CG  1 
ATOM   907  C  CD  A ARG A 1 119 ? -1.725  -15.880 -12.012 0.50 33.40 ? 118 ARG A CD  1 
ATOM   908  C  CD  B ARG A 1 119 ? -2.496  -16.300 -11.145 0.50 36.28 ? 118 ARG A CD  1 
ATOM   909  N  NE  A ARG A 1 119 ? -0.617  -16.642 -12.582 0.50 33.41 ? 118 ARG A NE  1 
ATOM   910  N  NE  B ARG A 1 119 ? -1.538  -17.341 -11.507 0.50 39.03 ? 118 ARG A NE  1 
ATOM   911  C  CZ  A ARG A 1 119 ? -0.722  -17.842 -13.151 0.50 36.04 ? 118 ARG A CZ  1 
ATOM   912  C  CZ  B ARG A 1 119 ? -1.818  -18.475 -12.156 0.50 36.14 ? 118 ARG A CZ  1 
ATOM   913  N  NH1 A ARG A 1 119 ? -1.894  -18.474 -13.246 0.50 37.28 ? 118 ARG A NH1 1 
ATOM   914  N  NH1 B ARG A 1 119 ? -3.058  -18.787 -12.525 0.50 32.62 ? 118 ARG A NH1 1 
ATOM   915  N  NH2 A ARG A 1 119 ? 0.368   -18.415 -13.639 0.50 33.47 ? 118 ARG A NH2 1 
ATOM   916  N  NH2 B ARG A 1 119 ? -0.823  -19.319 -12.429 0.50 34.31 ? 118 ARG A NH2 1 
ATOM   917  N  N   A TYR A 1 120 ? -5.016  -14.798 -15.749 0.50 33.94 ? 119 TYR A N   1 
ATOM   918  N  N   B TYR A 1 120 ? -5.498  -15.409 -14.349 0.50 27.79 ? 119 TYR A N   1 
ATOM   919  C  CA  A TYR A 1 120 ? -5.472  -15.917 -16.571 0.50 34.92 ? 119 TYR A CA  1 
ATOM   920  C  CA  B TYR A 1 120 ? -5.856  -16.377 -15.380 0.50 26.08 ? 119 TYR A CA  1 
ATOM   921  C  C   A TYR A 1 120 ? -6.957  -15.872 -16.912 0.50 36.61 ? 119 TYR A C   1 
ATOM   922  C  C   B TYR A 1 120 ? -7.324  -16.713 -15.308 0.50 28.43 ? 119 TYR A C   1 
ATOM   923  O  O   A TYR A 1 120 ? -7.321  -15.454 -18.007 0.50 39.41 ? 119 TYR A O   1 
ATOM   924  O  O   B TYR A 1 120 ? -7.778  -17.406 -14.391 0.50 28.02 ? 119 TYR A O   1 
ATOM   925  C  CB  A TYR A 1 120 ? -5.094  -17.252 -15.907 0.50 36.23 ? 119 TYR A CB  1 
ATOM   926  C  CB  B TYR A 1 120 ? -5.012  -17.640 -15.244 0.50 25.91 ? 119 TYR A CB  1 
ATOM   927  C  CG  A TYR A 1 120 ? -5.394  -18.483 -16.755 0.50 37.94 ? 119 TYR A CG  1 
ATOM   928  C  CG  B TYR A 1 120 ? -5.486  -18.765 -16.138 0.50 23.28 ? 119 TYR A CG  1 
ATOM   929  C  CD1 A TYR A 1 120 ? -5.058  -18.533 -18.114 0.50 40.44 ? 119 TYR A CD1 1 
ATOM   930  C  CD1 B TYR A 1 120 ? -5.640  -18.574 -17.518 0.50 25.52 ? 119 TYR A CD1 1 
ATOM   931  C  CD2 A TYR A 1 120 ? -6.009  -19.605 -16.198 0.50 36.28 ? 119 TYR A CD2 1 
ATOM   932  C  CD2 B TYR A 1 120 ? -5.816  -20.003 -15.609 0.50 16.58 ? 119 TYR A CD2 1 
ATOM   933  C  CE1 A TYR A 1 120 ? -5.335  -19.666 -18.894 0.50 36.66 ? 119 TYR A CE1 1 
ATOM   934  C  CE1 B TYR A 1 120 ? -6.084  -19.615 -18.352 0.50 29.41 ? 119 TYR A CE1 1 
ATOM   935  C  CE2 A TYR A 1 120 ? -6.287  -20.742 -16.972 0.50 39.80 ? 119 TYR A CE2 1 
ATOM   936  C  CE2 B TYR A 1 120 ? -6.263  -21.055 -16.436 0.50 28.63 ? 119 TYR A CE2 1 
ATOM   937  C  CZ  A TYR A 1 120 ? -5.949  -20.761 -18.314 0.50 37.23 ? 119 TYR A CZ  1 
ATOM   938  C  CZ  B TYR A 1 120 ? -6.389  -20.853 -17.798 0.50 27.07 ? 119 TYR A CZ  1 
ATOM   939  O  OH  A TYR A 1 120 ? -6.233  -21.877 -19.074 0.50 41.04 ? 119 TYR A OH  1 
ATOM   940  O  OH  B TYR A 1 120 ? -6.852  -21.868 -18.600 0.50 18.29 ? 119 TYR A OH  1 
ATOM   941  N  N   A LYS A 1 121 ? -7.822  -16.315 -16.005 0.50 36.89 ? 120 LYS A N   1 
ATOM   942  N  N   B LYS A 1 121 ? -8.065  -16.163 -16.263 0.50 29.55 ? 120 LYS A N   1 
ATOM   943  C  CA  A LYS A 1 121 ? -9.259  -16.345 -16.294 0.50 37.35 ? 120 LYS A CA  1 
ATOM   944  C  CA  B LYS A 1 121 ? -9.491  -16.362 -16.360 0.50 32.70 ? 120 LYS A CA  1 
ATOM   945  C  C   A LYS A 1 121 ? -10.136 -15.557 -15.330 0.50 38.23 ? 120 LYS A C   1 
ATOM   946  C  C   B LYS A 1 121 ? -10.267 -15.667 -15.260 0.50 35.41 ? 120 LYS A C   1 
ATOM   947  O  O   A LYS A 1 121 ? -11.223 -15.108 -15.699 0.50 39.47 ? 120 LYS A O   1 
ATOM   948  O  O   B LYS A 1 121 ? -11.448 -15.384 -15.461 0.50 36.51 ? 120 LYS A O   1 
ATOM   949  C  CB  A LYS A 1 121 ? -9.752  -17.791 -16.293 0.50 37.76 ? 120 LYS A CB  1 
ATOM   950  C  CB  B LYS A 1 121 ? -9.835  -17.864 -16.376 0.50 32.54 ? 120 LYS A CB  1 
ATOM   951  C  CG  A LYS A 1 121 ? -9.269  -18.618 -17.451 0.50 39.58 ? 120 LYS A CG  1 
ATOM   952  C  CG  B LYS A 1 121 ? -9.849  -18.498 -17.757 0.50 36.02 ? 120 LYS A CG  1 
ATOM   953  C  CD  A LYS A 1 121 ? -9.663  -20.073 -17.235 0.50 38.96 ? 120 LYS A CD  1 
ATOM   954  C  CD  B LYS A 1 121 ? -10.212 -19.977 -17.669 0.50 33.94 ? 120 LYS A CD  1 
ATOM   955  C  CE  A LYS A 1 121 ? -10.139 -20.731 -18.501 0.50 37.46 ? 120 LYS A CE  1 
ATOM   956  C  CE  B LYS A 1 121 ? -10.405 -20.608 -19.029 0.50 39.74 ? 120 LYS A CE  1 
ATOM   957  N  NZ  A LYS A 1 121 ? -10.927 -21.929 -18.176 0.50 31.62 ? 120 LYS A NZ  1 
ATOM   958  N  NZ  B LYS A 1 121 ? -10.172 -22.074 -18.977 0.50 39.20 ? 120 LYS A NZ  1 
ATOM   959  N  N   . THR A 1 122 ? -9.644  -15.379 -14.110 1.00 36.90 ? 121 THR A N   1 
ATOM   960  C  CA  . THR A 1 122 ? -10.424 -14.937 -12.972 1.00 38.71 ? 121 THR A CA  1 
ATOM   961  C  C   . THR A 1 122 ? -9.982  -13.548 -12.485 1.00 34.95 ? 121 THR A C   1 
ATOM   962  O  O   . THR A 1 122 ? -8.784  -13.289 -12.364 1.00 29.57 ? 121 THR A O   1 
ATOM   963  C  CB  . THR A 1 122 ? -10.283 -15.985 -11.831 1.00 43.05 ? 121 THR A CB  1 
ATOM   964  O  OG1 . THR A 1 122 ? -11.316 -15.790 -10.865 1.00 49.07 ? 121 THR A OG1 1 
ATOM   965  C  CG2 . THR A 1 122 ? -8.915  -15.890 -11.150 1.00 46.33 ? 121 THR A CG2 1 
ATOM   966  N  N   . VAL A 1 123 ? -10.958 -12.664 -12.268 1.00 35.37 ? 122 VAL A N   1 
ATOM   967  C  CA  . VAL A 1 123 ? -10.728 -11.373 -11.597 1.00 34.16 ? 122 VAL A CA  1 
ATOM   968  C  C   . VAL A 1 123 ? -11.054 -11.530 -10.104 1.00 35.13 ? 122 VAL A C   1 
ATOM   969  O  O   . VAL A 1 123 ? -12.094 -12.107 -9.749  1.00 35.64 ? 122 VAL A O   1 
ATOM   970  C  CB  . VAL A 1 123 ? -11.616 -10.240 -12.150 1.00 34.48 ? 122 VAL A CB  1 
ATOM   971  C  CG1 . VAL A 1 123 ? -11.377 -8.927  -11.368 1.00 24.62 ? 122 VAL A CG1 1 
ATOM   972  C  CG2 . VAL A 1 123 ? -11.371 -10.033 -13.643 1.00 34.08 ? 122 VAL A CG2 1 
ATOM   973  N  N   . SER A 1 124 ? -10.150 -11.040 -9.258  1.00 29.55 ? 123 SER A N   1 
ATOM   974  C  CA  . SER A 1 124 ? -10.330 -10.943 -7.809  1.00 29.98 ? 123 SER A CA  1 
ATOM   975  C  C   . SER A 1 124 ? -10.468 -9.477  -7.379  1.00 27.61 ? 123 SER A C   1 
ATOM   976  O  O   . SER A 1 124 ? -9.831  -8.630  -7.984  1.00 28.75 ? 123 SER A O   1 
ATOM   977  C  CB  . SER A 1 124 ? -9.105  -11.541 -7.135  1.00 29.61 ? 123 SER A CB  1 
ATOM   978  O  OG  . SER A 1 124 ? -9.028  -12.921 -7.438  1.00 46.32 ? 123 SER A OG  1 
ATOM   979  N  N   . SER A 1 125 ? -11.341 -9.171  -6.404  1.00 27.83 ? 124 SER A N   1 
ATOM   980  C  CA  . SER A 1 125 ? -11.468 -7.809  -5.828  1.00 26.88 ? 124 SER A CA  1 
ATOM   981  C  C   . SER A 1 125 ? -11.087 -7.869  -4.360  1.00 24.26 ? 124 SER A C   1 
ATOM   982  O  O   . SER A 1 125 ? -11.460 -8.816  -3.662  1.00 25.63 ? 124 SER A O   1 
ATOM   983  C  CB  . SER A 1 125 ? -12.907 -7.225  -5.846  1.00 25.62 ? 124 SER A CB  1 
ATOM   984  O  OG  . SER A 1 125 ? -13.269 -6.690  -7.073  1.00 41.23 ? 124 SER A OG  1 
ATOM   985  N  N   . TYR A 1 126 ? -10.392 -6.838  -3.908  1.00 23.95 ? 125 TYR A N   1 
ATOM   986  C  CA  . TYR A 1 126 ? -10.098 -6.587  -2.518  1.00 25.57 ? 125 TYR A CA  1 
ATOM   987  C  C   . TYR A 1 126 ? -10.526 -5.158  -2.288  1.00 25.25 ? 125 TYR A C   1 
ATOM   988  O  O   . TYR A 1 126 ? -10.262 -4.318  -3.117  1.00 24.52 ? 125 TYR A O   1 
ATOM   989  C  CB  . TYR A 1 126 ? -8.608  -6.700  -2.274  1.00 27.39 ? 125 TYR A CB  1 
ATOM   990  C  CG  . TYR A 1 126 ? -8.060  -8.041  -2.658  1.00 32.14 ? 125 TYR A CG  1 
ATOM   991  C  CD1 . TYR A 1 126 ? -8.029  -9.072  -1.752  1.00 36.58 ? 125 TYR A CD1 1 
ATOM   992  C  CD2 . TYR A 1 126 ? -7.623  -8.285  -3.964  1.00 36.08 ? 125 TYR A CD2 1 
ATOM   993  C  CE1 . TYR A 1 126 ? -7.532  -10.326 -2.121  1.00 40.91 ? 125 TYR A CE1 1 
ATOM   994  C  CE2 . TYR A 1 126 ? -7.163  -9.523  -4.346  1.00 38.07 ? 125 TYR A CE2 1 
ATOM   995  C  CZ  . TYR A 1 126 ? -7.103  -10.535 -3.422  1.00 37.90 ? 125 TYR A CZ  1 
ATOM   996  O  OH  . TYR A 1 126 ? -6.624  -11.766 -3.817  1.00 43.16 ? 125 TYR A OH  1 
ATOM   997  N  N   . PHE A 1 127 ? -11.203 -4.890  -1.183  1.00 23.43 ? 126 PHE A N   1 
ATOM   998  C  CA  . PHE A 1 127 ? -11.632 -3.538  -0.921  1.00 20.64 ? 126 PHE A CA  1 
ATOM   999  C  C   . PHE A 1 127 ? -11.672 -3.242  0.552   1.00 23.08 ? 126 PHE A C   1 
ATOM   1000 O  O   . PHE A 1 127 ? -11.722 -4.144  1.368   1.00 19.08 ? 126 PHE A O   1 
ATOM   1001 C  CB  . PHE A 1 127 ? -12.960 -3.264  -1.577  1.00 22.31 ? 126 PHE A CB  1 
ATOM   1002 C  CG  . PHE A 1 127 ? -14.142 -3.966  -0.930  1.00 24.69 ? 126 PHE A CG  1 
ATOM   1003 C  CD1 . PHE A 1 127 ? -14.516 -5.233  -1.353  1.00 27.80 ? 126 PHE A CD1 1 
ATOM   1004 C  CD2 . PHE A 1 127 ? -14.899 -3.343  0.037   1.00 26.74 ? 126 PHE A CD2 1 
ATOM   1005 C  CE1 . PHE A 1 127 ? -15.606 -5.873  -0.796  1.00 25.71 ? 126 PHE A CE1 1 
ATOM   1006 C  CE2 . PHE A 1 127 ? -16.001 -3.990  0.598   1.00 22.73 ? 126 PHE A CE2 1 
ATOM   1007 C  CZ  . PHE A 1 127 ? -16.320 -5.266  0.173   1.00 21.89 ? 126 PHE A CZ  1 
ATOM   1008 N  N   . GLY A 1 128 ? -11.576 -1.963  0.878   1.00 21.46 ? 127 GLY A N   1 
ATOM   1009 C  CA  . GLY A 1 128 ? -11.619 -1.540  2.251   1.00 22.41 ? 127 GLY A CA  1 
ATOM   1010 C  C   . GLY A 1 128 ? -11.212 -0.101  2.438   1.00 22.82 ? 127 GLY A C   1 
ATOM   1011 O  O   . GLY A 1 128 ? -11.395 0.735   1.522   1.00 22.75 ? 127 GLY A O   1 
HETATM 1012 N  N   . MSE A 1 129 ? -10.710 0.194   3.638   1.00 21.27 ? 128 MSE A N   1 
HETATM 1013 C  CA  . MSE A 1 129 ? -10.309 1.535   4.020   1.00 26.54 ? 128 MSE A CA  1 
HETATM 1014 C  C   . MSE A 1 129 ? -8.866  1.492   4.486   1.00 25.54 ? 128 MSE A C   1 
HETATM 1015 O  O   . MSE A 1 129 ? -8.367  0.453   4.960   1.00 25.88 ? 128 MSE A O   1 
HETATM 1016 C  CB  . MSE A 1 129 ? -11.240 1.998   5.137   1.00 27.51 ? 128 MSE A CB  1 
HETATM 1017 C  CG  . MSE A 1 129 ? -10.845 3.209   5.845   1.00 34.37 ? 128 MSE A CG  1 
HETATM 1018 SE SE  . MSE A 1 129 ? -9.738  2.748   7.375   0.75 32.87 ? 128 MSE A SE  1 
HETATM 1019 C  CE  . MSE A 1 129 ? -9.521  4.392   7.651   1.00 25.54 ? 128 MSE A CE  1 
ATOM   1020 N  N   . SER A 1 130 ? -8.188  2.615   4.350   1.00 23.39 ? 129 SER A N   1 
ATOM   1021 C  CA  . SER A 1 130 ? -6.849  2.751   4.854   1.00 24.73 ? 129 SER A CA  1 
ATOM   1022 C  C   . SER A 1 130 ? -6.667  4.108   5.495   1.00 23.60 ? 129 SER A C   1 
ATOM   1023 O  O   . SER A 1 130 ? -7.370  5.059   5.113   1.00 23.62 ? 129 SER A O   1 
ATOM   1024 C  CB  . SER A 1 130 ? -5.823  2.544   3.716   1.00 23.34 ? 129 SER A CB  1 
ATOM   1025 O  OG  . SER A 1 130 ? -5.749  1.179   3.387   1.00 23.67 ? 129 SER A OG  1 
ATOM   1026 N  N   . ARG A 1 131 ? -5.784  4.152   6.508   1.00 24.00 ? 130 ARG A N   1 
ATOM   1027 C  CA  . ARG A 1 131 ? -5.293  5.363   7.124   1.00 25.09 ? 130 ARG A CA  1 
ATOM   1028 C  C   . ARG A 1 131 ? -3.781  5.437   6.963   1.00 22.97 ? 130 ARG A C   1 
ATOM   1029 O  O   . ARG A 1 131 ? -3.046  4.516   7.294   1.00 23.99 ? 130 ARG A O   1 
ATOM   1030 C  CB  . ARG A 1 131 ? -5.687  5.440   8.614   1.00 25.71 ? 130 ARG A CB  1 
ATOM   1031 C  CG  . ARG A 1 131 ? -5.263  6.712   9.280   1.00 28.28 ? 130 ARG A CG  1 
ATOM   1032 C  CD  . ARG A 1 131 ? -5.848  6.883   10.691  1.00 28.88 ? 130 ARG A CD  1 
ATOM   1033 N  NE  . ARG A 1 131 ? -7.287  7.145   10.622  1.00 25.38 ? 130 ARG A NE  1 
ATOM   1034 C  CZ  . ARG A 1 131 ? -8.254  6.261   10.929  1.00 23.43 ? 130 ARG A CZ  1 
ATOM   1035 N  NH1 . ARG A 1 131 ? -7.964  5.050   11.367  1.00 29.21 ? 130 ARG A NH1 1 
ATOM   1036 N  NH2 . ARG A 1 131 ? -9.520  6.615   10.792  1.00 33.62 ? 130 ARG A NH2 1 
ATOM   1037 N  N   . TYR A 1 132 ? -3.312  6.537   6.401   1.00 24.83 ? 131 TYR A N   1 
ATOM   1038 C  CA  . TYR A 1 132 ? -1.886  6.785   6.248   1.00 25.40 ? 131 TYR A CA  1 
ATOM   1039 C  C   . TYR A 1 132 ? -1.470  8.023   7.064   1.00 24.77 ? 131 TYR A C   1 
ATOM   1040 O  O   . TYR A 1 132 ? -2.170  9.023   7.056   1.00 22.81 ? 131 TYR A O   1 
ATOM   1041 C  CB  . TYR A 1 132 ? -1.546  7.065   4.793   1.00 25.68 ? 131 TYR A CB  1 
ATOM   1042 C  CG  . TYR A 1 132 ? -1.356  5.908   3.842   1.00 23.32 ? 131 TYR A CG  1 
ATOM   1043 C  CD1 . TYR A 1 132 ? -2.067  4.722   3.968   1.00 28.53 ? 131 TYR A CD1 1 
ATOM   1044 C  CD2 . TYR A 1 132 ? -0.583  6.097   2.679   1.00 23.77 ? 131 TYR A CD2 1 
ATOM   1045 C  CE1 . TYR A 1 132 ? -1.905  3.699   3.034   1.00 25.31 ? 131 TYR A CE1 1 
ATOM   1046 C  CE2 . TYR A 1 132 ? -0.465  5.112   1.717   1.00 23.54 ? 131 TYR A CE2 1 
ATOM   1047 C  CZ  . TYR A 1 132 ? -1.099  3.912   1.901   1.00 21.64 ? 131 TYR A CZ  1 
ATOM   1048 O  OH  . TYR A 1 132 ? -0.949  2.932   0.943   1.00 24.10 ? 131 TYR A OH  1 
ATOM   1049 N  N   . ALA A 1 133 ? -0.327  7.946   7.747   1.00 24.25 ? 132 ALA A N   1 
ATOM   1050 C  CA  . ALA A 1 133 ? 0.424   9.132   8.181   1.00 23.65 ? 132 ALA A CA  1 
ATOM   1051 C  C   . ALA A 1 133 ? 1.651   9.234   7.299   1.00 21.37 ? 132 ALA A C   1 
ATOM   1052 O  O   . ALA A 1 133 ? 2.422   8.266   7.191   1.00 23.01 ? 132 ALA A O   1 
ATOM   1053 C  CB  . ALA A 1 133 ? 0.843   9.012   9.646   1.00 24.05 ? 132 ALA A CB  1 
ATOM   1054 N  N   . ILE A 1 134 ? 1.836   10.394  6.681   1.00 23.45 ? 133 ILE A N   1 
ATOM   1055 C  CA  . ILE A 1 134 ? 2.869   10.588  5.680   1.00 25.72 ? 133 ILE A CA  1 
ATOM   1056 C  C   . ILE A 1 134 ? 3.701   11.811  6.053   1.00 28.28 ? 133 ILE A C   1 
ATOM   1057 O  O   . ILE A 1 134 ? 3.149   12.891  6.241   1.00 26.96 ? 133 ILE A O   1 
ATOM   1058 C  CB  . ILE A 1 134 ? 2.269   10.836  4.285   1.00 25.28 ? 133 ILE A CB  1 
ATOM   1059 C  CG1 . ILE A 1 134 ? 1.301   9.734   3.875   1.00 21.91 ? 133 ILE A CG1 1 
ATOM   1060 C  CG2 . ILE A 1 134 ? 3.379   10.969  3.259   1.00 20.29 ? 133 ILE A CG2 1 
ATOM   1061 C  CD1 . ILE A 1 134 ? 0.291   10.175  2.832   1.00 28.41 ? 133 ILE A CD1 1 
ATOM   1062 N  N   . ASP A 1 135 ? 5.017   11.625  6.110   1.00 26.13 ? 134 ASP A N   1 
ATOM   1063 C  CA  . ASP A 1 135 ? 5.979   12.677  6.415   1.00 24.60 ? 134 ASP A CA  1 
ATOM   1064 C  C   . ASP A 1 135 ? 6.424   13.392  5.147   1.00 26.62 ? 134 ASP A C   1 
ATOM   1065 O  O   . ASP A 1 135 ? 7.055   12.791  4.244   1.00 25.55 ? 134 ASP A O   1 
ATOM   1066 C  CB  . ASP A 1 135 ? 7.189   12.049  7.116   1.00 27.12 ? 134 ASP A CB  1 
ATOM   1067 C  CG  . ASP A 1 135 ? 8.265   13.066  7.485   1.00 29.62 ? 134 ASP A CG  1 
ATOM   1068 O  OD1 . ASP A 1 135 ? 8.067   14.299  7.355   1.00 27.01 ? 134 ASP A OD1 1 
ATOM   1069 O  OD2 . ASP A 1 135 ? 9.322   12.598  7.912   1.00 26.89 ? 134 ASP A OD2 1 
ATOM   1070 N  N   . PHE A 1 136 ? 6.040   14.659  5.026   1.00 24.28 ? 135 PHE A N   1 
ATOM   1071 C  CA  . PHE A 1 136 ? 6.433   15.458  3.874   1.00 26.49 ? 135 PHE A CA  1 
ATOM   1072 C  C   . PHE A 1 136 ? 7.634   16.376  4.125   1.00 27.87 ? 135 PHE A C   1 
ATOM   1073 O  O   . PHE A 1 136 ? 7.920   17.259  3.314   1.00 30.00 ? 135 PHE A O   1 
ATOM   1074 C  CB  . PHE A 1 136 ? 5.257   16.289  3.368   1.00 28.36 ? 135 PHE A CB  1 
ATOM   1075 C  CG  . PHE A 1 136 ? 4.198   15.490  2.639   1.00 27.06 ? 135 PHE A CG  1 
ATOM   1076 C  CD1 . PHE A 1 136 ? 3.172   14.856  3.335   1.00 27.83 ? 135 PHE A CD1 1 
ATOM   1077 C  CD2 . PHE A 1 136 ? 4.216   15.396  1.253   1.00 29.77 ? 135 PHE A CD2 1 
ATOM   1078 C  CE1 . PHE A 1 136 ? 2.194   14.154  2.674   1.00 32.02 ? 135 PHE A CE1 1 
ATOM   1079 C  CE2 . PHE A 1 136 ? 3.207   14.695  0.584   1.00 29.36 ? 135 PHE A CE2 1 
ATOM   1080 C  CZ  . PHE A 1 136 ? 2.224   14.066  1.297   1.00 25.55 ? 135 PHE A CZ  1 
ATOM   1081 N  N   . SER A 1 137 ? 8.370   16.152  5.202   1.00 30.55 ? 136 SER A N   1 
ATOM   1082 C  CA  . SER A 1 137 ? 9.499   17.025  5.542   1.00 28.69 ? 136 SER A CA  1 
ATOM   1083 C  C   . SER A 1 137 ? 10.707  16.906  4.576   1.00 31.24 ? 136 SER A C   1 
ATOM   1084 O  O   . SER A 1 137 ? 11.395  17.895  4.325   1.00 31.73 ? 136 SER A O   1 
ATOM   1085 C  CB  . SER A 1 137 ? 9.943   16.761  6.972   1.00 28.82 ? 136 SER A CB  1 
ATOM   1086 O  OG  . SER A 1 137 ? 10.405  15.442  7.112   1.00 26.28 ? 136 SER A OG  1 
ATOM   1087 N  N   . GLY A 1 138 ? 10.930  15.721  4.010   1.00 32.52 ? 137 GLY A N   1 
ATOM   1088 C  CA  . GLY A 1 138 ? 12.027  15.514  3.035   1.00 32.96 ? 137 GLY A CA  1 
ATOM   1089 C  C   . GLY A 1 138 ? 11.692  15.942  1.615   1.00 34.13 ? 137 GLY A C   1 
ATOM   1090 O  O   . GLY A 1 138 ? 10.629  16.486  1.353   1.00 34.44 ? 137 GLY A O   1 
ATOM   1091 N  N   . ASP A 1 139 ? 12.590  15.676  0.676   1.00 35.88 ? 138 ASP A N   1 
ATOM   1092 C  CA  . ASP A 1 139 ? 12.334  16.040  -0.708  1.00 37.95 ? 138 ASP A CA  1 
ATOM   1093 C  C   . ASP A 1 139 ? 11.316  15.100  -1.352  1.00 38.05 ? 138 ASP A C   1 
ATOM   1094 O  O   . ASP A 1 139 ? 10.629  15.493  -2.304  1.00 41.02 ? 138 ASP A O   1 
ATOM   1095 C  CB  . ASP A 1 139 ? 13.641  16.088  -1.505  1.00 40.13 ? 138 ASP A CB  1 
ATOM   1096 C  CG  . ASP A 1 139 ? 14.558  17.203  -1.032  1.00 46.43 ? 138 ASP A CG  1 
ATOM   1097 O  OD1 . ASP A 1 139 ? 14.124  18.387  -0.980  1.00 50.09 ? 138 ASP A OD1 1 
ATOM   1098 O  OD2 . ASP A 1 139 ? 15.720  16.887  -0.699  1.00 57.36 ? 138 ASP A OD2 1 
ATOM   1099 N  N   . ALA A 1 140 ? 11.197  13.881  -0.821  1.00 34.16 ? 139 ALA A N   1 
ATOM   1100 C  CA  . ALA A 1 140 ? 10.172  12.924  -1.281  1.00 32.12 ? 139 ALA A CA  1 
ATOM   1101 C  C   . ALA A 1 140 ? 9.350   12.474  -0.091  1.00 29.58 ? 139 ALA A C   1 
ATOM   1102 O  O   . ALA A 1 140 ? 9.915   12.235  0.972   1.00 28.68 ? 139 ALA A O   1 
ATOM   1103 C  CB  . ALA A 1 140 ? 10.801  11.728  -1.933  1.00 32.78 ? 139 ALA A CB  1 
ATOM   1104 N  N   . PRO A 1 141 ? 8.009   12.353  -0.253  1.00 28.20 ? 140 PRO A N   1 
ATOM   1105 C  CA  . PRO A 1 141 ? 7.199   11.950  0.899   1.00 27.95 ? 140 PRO A CA  1 
ATOM   1106 C  C   . PRO A 1 141 ? 7.542   10.555  1.385   1.00 29.67 ? 140 PRO A C   1 
ATOM   1107 O  O   . PRO A 1 141 ? 7.991   9.739   0.590   1.00 32.02 ? 140 PRO A O   1 
ATOM   1108 C  CB  . PRO A 1 141 ? 5.755   11.988  0.344   1.00 25.82 ? 140 PRO A CB  1 
ATOM   1109 C  CG  . PRO A 1 141 ? 5.850   12.916  -0.816  1.00 29.23 ? 140 PRO A CG  1 
ATOM   1110 C  CD  . PRO A 1 141 ? 7.155   12.597  -1.432  1.00 28.66 ? 140 PRO A CD  1 
ATOM   1111 N  N   . LYS A 1 142 ? 7.309   10.291  2.678   1.00 28.77 ? 141 LYS A N   1 
ATOM   1112 C  CA  . LYS A 1 142 ? 7.616   9.005   3.275   1.00 24.25 ? 141 LYS A CA  1 
ATOM   1113 C  C   . LYS A 1 142 ? 6.505   8.593   4.222   1.00 26.18 ? 141 LYS A C   1 
ATOM   1114 O  O   . LYS A 1 142 ? 6.154   9.330   5.158   1.00 28.42 ? 141 LYS A O   1 
ATOM   1115 C  CB  . LYS A 1 142 ? 8.939   9.051   4.058   1.00 25.75 ? 141 LYS A CB  1 
ATOM   1116 C  CG  . LYS A 1 142 ? 10.200  9.375   3.274   1.00 27.36 ? 141 LYS A CG  1 
ATOM   1117 C  CD  . LYS A 1 142 ? 10.755  8.133   2.537   1.00 23.84 ? 141 LYS A CD  1 
ATOM   1118 C  CE  . LYS A 1 142 ? 11.947  8.424   1.657   1.00 28.67 ? 141 LYS A CE  1 
ATOM   1119 N  NZ  . LYS A 1 142 ? 12.579  7.132   1.156   1.00 24.33 ? 141 LYS A NZ  1 
ATOM   1120 N  N   . ILE A 1 143 ? 5.916   7.434   3.954   1.00 22.02 ? 142 ILE A N   1 
ATOM   1121 C  CA  . ILE A 1 143 ? 4.920   6.867   4.852   1.00 23.82 ? 142 ILE A CA  1 
ATOM   1122 C  C   . ILE A 1 143 ? 5.521   6.531   6.221   1.00 25.69 ? 142 ILE A C   1 
ATOM   1123 O  O   . ILE A 1 143 ? 6.489   5.795   6.318   1.00 26.77 ? 142 ILE A O   1 
ATOM   1124 C  CB  . ILE A 1 143 ? 4.264   5.607   4.266   1.00 23.50 ? 142 ILE A CB  1 
ATOM   1125 C  CG1 . ILE A 1 143 ? 3.452   6.004   2.985   1.00 24.21 ? 142 ILE A CG1 1 
ATOM   1126 C  CG2 . ILE A 1 143 ? 3.414   4.937   5.366   1.00 24.94 ? 142 ILE A CG2 1 
ATOM   1127 C  CD1 . ILE A 1 143 ? 3.177   4.911   1.998   1.00 25.06 ? 142 ILE A CD1 1 
ATOM   1128 N  N   . VAL A 1 144 ? 4.914   7.060   7.275   1.00 28.19 ? 143 VAL A N   1 
ATOM   1129 C  CA  . VAL A 1 144 ? 5.343   6.800   8.669   1.00 29.28 ? 143 VAL A CA  1 
ATOM   1130 C  C   . VAL A 1 144 ? 4.476   5.698   9.280   1.00 25.76 ? 143 VAL A C   1 
ATOM   1131 O  O   . VAL A 1 144 ? 4.953   4.887   10.060  1.00 25.55 ? 143 VAL A O   1 
ATOM   1132 C  CB  . VAL A 1 144 ? 5.206   8.066   9.530   1.00 29.62 ? 143 VAL A CB  1 
ATOM   1133 C  CG1 . VAL A 1 144 ? 5.428   7.722   10.977  1.00 38.12 ? 143 VAL A CG1 1 
ATOM   1134 C  CG2 . VAL A 1 144 ? 6.192   9.130   9.065   1.00 36.72 ? 143 VAL A CG2 1 
ATOM   1135 N  N   . SER A 1 145 ? 3.210   5.628   8.878   1.00 24.32 ? 144 SER A N   1 
ATOM   1136 C  CA  A SER A 1 145 ? 2.300   4.583   9.355   0.60 25.25 ? 144 SER A CA  1 
ATOM   1137 C  CA  B SER A 1 145 ? 2.312   4.577   9.349   0.40 25.15 ? 144 SER A CA  1 
ATOM   1138 C  C   . SER A 1 145 ? 1.221   4.258   8.313   1.00 26.68 ? 144 SER A C   1 
ATOM   1139 O  O   . SER A 1 145 ? 0.645   5.155   7.727   1.00 27.14 ? 144 SER A O   1 
ATOM   1140 C  CB  A SER A 1 145 ? 1.644   5.020   10.680  0.60 26.48 ? 144 SER A CB  1 
ATOM   1141 C  CB  B SER A 1 145 ? 1.681   4.983   10.691  0.40 25.93 ? 144 SER A CB  1 
ATOM   1142 O  OG  A SER A 1 145 ? 0.420   4.327   10.936  0.60 25.72 ? 144 SER A OG  1 
ATOM   1143 O  OG  B SER A 1 145 ? 0.679   5.980   10.532  0.40 24.08 ? 144 SER A OG  1 
ATOM   1144 N  N   . LYS A 1 146 ? 0.974   2.964   8.088   1.00 25.09 ? 145 LYS A N   1 
ATOM   1145 C  CA  . LYS A 1 146 ? -0.094  2.476   7.249   1.00 23.23 ? 145 LYS A CA  1 
ATOM   1146 C  C   . LYS A 1 146 ? -0.970  1.466   7.999   1.00 24.51 ? 145 LYS A C   1 
ATOM   1147 O  O   . LYS A 1 146 ? -0.501  0.476   8.544   1.00 25.99 ? 145 LYS A O   1 
ATOM   1148 C  CB  . LYS A 1 146 ? 0.465   1.893   5.959   1.00 23.13 ? 145 LYS A CB  1 
ATOM   1149 C  CG  . LYS A 1 146 ? -0.561  1.162   5.080   1.00 25.96 ? 145 LYS A CG  1 
ATOM   1150 C  CD  . LYS A 1 146 ? -0.028  1.026   3.722   1.00 24.25 ? 145 LYS A CD  1 
ATOM   1151 C  CE  . LYS A 1 146 ? -0.912  0.095   2.856   1.00 20.93 ? 145 LYS A CE  1 
ATOM   1152 N  NZ  . LYS A 1 146 ? -0.471  0.194   1.408   1.00 25.07 ? 145 LYS A NZ  1 
ATOM   1153 N  N   . TYR A 1 147 ? -2.272  1.752   8.008   1.00 23.13 ? 146 TYR A N   1 
ATOM   1154 C  CA  . TYR A 1 147 ? -3.286  0.944   8.635   1.00 22.71 ? 146 TYR A CA  1 
ATOM   1155 C  C   . TYR A 1 147 ? -4.309  0.625   7.552   1.00 23.94 ? 146 TYR A C   1 
ATOM   1156 O  O   . TYR A 1 147 ? -4.820  1.545   6.889   1.00 26.12 ? 146 TYR A O   1 
ATOM   1157 C  CB  . TYR A 1 147 ? -3.954  1.769   9.729   1.00 27.08 ? 146 TYR A CB  1 
ATOM   1158 C  CG  . TYR A 1 147 ? -5.139  1.132   10.390  1.00 25.04 ? 146 TYR A CG  1 
ATOM   1159 C  CD1 . TYR A 1 147 ? -4.972  0.132   11.332  1.00 30.58 ? 146 TYR A CD1 1 
ATOM   1160 C  CD2 . TYR A 1 147 ? -6.425  1.565   10.105  1.00 24.99 ? 146 TYR A CD2 1 
ATOM   1161 C  CE1 . TYR A 1 147 ? -6.043  -0.428  11.974  1.00 33.08 ? 146 TYR A CE1 1 
ATOM   1162 C  CE2 . TYR A 1 147 ? -7.515  1.002   10.739  1.00 28.22 ? 146 TYR A CE2 1 
ATOM   1163 C  CZ  . TYR A 1 147 ? -7.324  0.008   11.670  1.00 35.59 ? 146 TYR A CZ  1 
ATOM   1164 O  OH  . TYR A 1 147 ? -8.426  -0.541  12.304  1.00 34.34 ? 146 TYR A OH  1 
ATOM   1165 N  N   . VAL A 1 148 ? -4.598  -0.657  7.383   1.00 23.16 ? 147 VAL A N   1 
ATOM   1166 C  CA  . VAL A 1 148 ? -5.449  -1.140  6.309   1.00 23.51 ? 147 VAL A CA  1 
ATOM   1167 C  C   . VAL A 1 148 ? -6.516  -2.021  6.888   1.00 22.58 ? 147 VAL A C   1 
ATOM   1168 O  O   . VAL A 1 148 ? -6.210  -3.025  7.527   1.00 27.14 ? 147 VAL A O   1 
ATOM   1169 C  CB  . VAL A 1 148 ? -4.682  -2.005  5.288   1.00 26.18 ? 147 VAL A CB  1 
ATOM   1170 C  CG1 . VAL A 1 148 ? -5.634  -2.486  4.167   1.00 24.11 ? 147 VAL A CG1 1 
ATOM   1171 C  CG2 . VAL A 1 148 ? -3.516  -1.279  4.714   1.00 27.46 ? 147 VAL A CG2 1 
ATOM   1172 N  N   . VAL A 1 149 ? -7.749  -1.655  6.637   1.00 22.09 ? 148 VAL A N   1 
ATOM   1173 C  CA  . VAL A 1 149 ? -8.936  -2.458  6.938   1.00 27.17 ? 148 VAL A CA  1 
ATOM   1174 C  C   . VAL A 1 149 ? -9.437  -3.135  5.653   1.00 28.25 ? 148 VAL A C   1 
ATOM   1175 O  O   . VAL A 1 149 ? -9.940  -2.471  4.705   1.00 25.96 ? 148 VAL A O   1 
ATOM   1176 C  CB  . VAL A 1 149 ? -10.009 -1.543  7.591   1.00 26.43 ? 148 VAL A CB  1 
ATOM   1177 C  CG1 . VAL A 1 149 ? -11.330 -2.283  7.901   1.00 26.64 ? 148 VAL A CG1 1 
ATOM   1178 C  CG2 . VAL A 1 149 ? -9.403  -0.934  8.852   1.00 26.26 ? 148 VAL A CG2 1 
ATOM   1179 N  N   . LEU A 1 150 ? -9.252  -4.459  5.602   1.00 28.00 ? 149 LEU A N   1 
ATOM   1180 C  CA  . LEU A 1 150 ? -9.777  -5.271  4.506   1.00 27.21 ? 149 LEU A CA  1 
ATOM   1181 C  C   . LEU A 1 150 ? -11.174 -5.691  4.845   1.00 27.76 ? 149 LEU A C   1 
ATOM   1182 O  O   . LEU A 1 150 ? -11.415 -6.450  5.803   1.00 27.07 ? 149 LEU A O   1 
ATOM   1183 C  CB  . LEU A 1 150 ? -8.936  -6.501  4.279   1.00 26.49 ? 149 LEU A CB  1 
ATOM   1184 C  CG  . LEU A 1 150 ? -9.401  -7.491  3.222   1.00 28.04 ? 149 LEU A CG  1 
ATOM   1185 C  CD1 . LEU A 1 150 ? -9.237  -6.907  1.855   1.00 26.27 ? 149 LEU A CD1 1 
ATOM   1186 C  CD2 . LEU A 1 150 ? -8.608  -8.755  3.399   1.00 24.71 ? 149 LEU A CD2 1 
ATOM   1187 N  N   . LYS A 1 151 ? -12.119 -5.235  4.046   1.00 24.96 ? 150 LYS A N   1 
ATOM   1188 C  CA  . LYS A 1 151 ? -13.494 -5.552  4.327   1.00 22.44 ? 150 LYS A CA  1 
ATOM   1189 C  C   . LYS A 1 151 ? -13.966 -6.911  3.833   1.00 24.68 ? 150 LYS A C   1 
ATOM   1190 O  O   . LYS A 1 151 ? -14.816 -7.516  4.475   1.00 26.62 ? 150 LYS A O   1 
ATOM   1191 C  CB  . LYS A 1 151 ? -14.430 -4.426  3.899   1.00 21.72 ? 150 LYS A CB  1 
ATOM   1192 C  CG  . LYS A 1 151 ? -14.317 -3.194  4.794   1.00 23.10 ? 150 LYS A CG  1 
ATOM   1193 C  CD  . LYS A 1 151 ? -15.274 -2.083  4.411   1.00 24.35 ? 150 LYS A CD  1 
ATOM   1194 C  CE  . LYS A 1 151 ? -15.183 -0.969  5.449   1.00 28.36 ? 150 LYS A CE  1 
ATOM   1195 N  NZ  . LYS A 1 151 ? -16.045 0.196   5.211   1.00 27.69 ? 150 LYS A NZ  1 
ATOM   1196 N  N   . ASN A 1 152 ? -13.428 -7.405  2.723   1.00 24.64 ? 151 ASN A N   1 
ATOM   1197 C  CA  . ASN A 1 152 ? -13.830 -8.719  2.253   1.00 26.27 ? 151 ASN A CA  1 
ATOM   1198 C  C   . ASN A 1 152 ? -12.742 -9.702  2.617   1.00 30.31 ? 151 ASN A C   1 
ATOM   1199 O  O   . ASN A 1 152 ? -11.952 -10.126 1.791   1.00 31.84 ? 151 ASN A O   1 
ATOM   1200 C  CB  . ASN A 1 152 ? -14.206 -8.732  0.757   1.00 26.94 ? 151 ASN A CB  1 
ATOM   1201 C  CG  . ASN A 1 152 ? -13.055 -8.375  -0.157  1.00 20.68 ? 151 ASN A CG  1 
ATOM   1202 O  OD1 . ASN A 1 152 ? -12.266 -7.453  0.094   1.00 23.06 ? 151 ASN A OD1 1 
ATOM   1203 N  ND2 . ASN A 1 152 ? -12.952 -9.108  -1.217  1.00 25.07 ? 151 ASN A ND2 1 
ATOM   1204 N  N   . ASP A 1 153 ? -12.673 -9.995  3.902   1.00 31.11 ? 152 ASP A N   1 
ATOM   1205 C  CA  . ASP A 1 153 ? -11.532 -10.718 4.442   1.00 38.16 ? 152 ASP A CA  1 
ATOM   1206 C  C   . ASP A 1 153 ? -11.619 -12.242 4.273   1.00 41.83 ? 152 ASP A C   1 
ATOM   1207 O  O   . ASP A 1 153 ? -10.581 -12.891 4.195   1.00 47.74 ? 152 ASP A O   1 
ATOM   1208 C  CB  . ASP A 1 153 ? -11.274 -10.340 5.906   1.00 38.50 ? 152 ASP A CB  1 
ATOM   1209 C  CG  . ASP A 1 153 ? -12.397 -10.706 6.814   1.00 43.07 ? 152 ASP A CG  1 
ATOM   1210 O  OD1 . ASP A 1 153 ? -13.577 -10.605 6.396   1.00 41.13 ? 152 ASP A OD1 1 
ATOM   1211 O  OD2 . ASP A 1 153 ? -12.099 -11.084 7.960   1.00 45.02 ? 152 ASP A OD2 1 
ATOM   1212 N  N   . TYR A 1 154 ? -12.822 -12.800 4.197   1.00 46.35 ? 153 TYR A N   1 
ATOM   1213 C  CA  . TYR A 1 154 ? -12.987 -14.238 3.966   1.00 50.23 ? 153 TYR A CA  1 
ATOM   1214 C  C   . TYR A 1 154 ? -13.208 -14.506 2.474   1.00 54.08 ? 153 TYR A C   1 
ATOM   1215 O  O   . TYR A 1 154 ? -12.336 -15.067 1.797   1.00 58.28 ? 153 TYR A O   1 
ATOM   1216 C  CB  . TYR A 1 154 ? -14.150 -14.792 4.792   1.00 50.87 ? 153 TYR A CB  1 
ATOM   1217 N  N   . LEU A 1 158 ? -4.911  -15.916 -1.466  1.00 47.44 ? 157 LEU A N   1 
ATOM   1218 C  CA  . LEU A 1 158 ? -4.686  -15.069 -0.310  1.00 48.18 ? 157 LEU A CA  1 
ATOM   1219 C  C   . LEU A 1 158 ? -4.371  -13.605 -0.706  1.00 47.59 ? 157 LEU A C   1 
ATOM   1220 O  O   . LEU A 1 158 ? -4.504  -13.201 -1.862  1.00 50.07 ? 157 LEU A O   1 
ATOM   1221 C  CB  . LEU A 1 158 ? -3.574  -15.645 0.572   1.00 49.28 ? 157 LEU A CB  1 
ATOM   1222 N  N   . ILE A 1 159 ? -3.983  -12.809 0.274   1.00 44.63 ? 158 ILE A N   1 
ATOM   1223 C  CA  . ILE A 1 159 ? -3.769  -11.406 0.049   1.00 40.23 ? 158 ILE A CA  1 
ATOM   1224 C  C   . ILE A 1 159 ? -2.320  -11.122 0.322   1.00 34.23 ? 158 ILE A C   1 
ATOM   1225 O  O   . ILE A 1 159 ? -1.747  -11.609 1.270   1.00 33.70 ? 158 ILE A O   1 
ATOM   1226 C  CB  . ILE A 1 159 ? -4.729  -10.531 0.937   1.00 40.56 ? 158 ILE A CB  1 
ATOM   1227 C  CG1 . ILE A 1 159 ? -4.845  -9.124  0.388   1.00 40.40 ? 158 ILE A CG1 1 
ATOM   1228 C  CG2 . ILE A 1 159 ? -4.268  -10.456 2.360   1.00 44.55 ? 158 ILE A CG2 1 
ATOM   1229 C  CD1 . ILE A 1 159 ? -6.065  -8.369  0.875   1.00 43.36 ? 158 ILE A CD1 1 
ATOM   1230 N  N   . ASP A 1 160 ? -1.716  -10.305 -0.517  1.00 31.33 ? 159 ASP A N   1 
ATOM   1231 C  CA  . ASP A 1 160 ? -0.368  -9.846  -0.256  1.00 29.30 ? 159 ASP A CA  1 
ATOM   1232 C  C   . ASP A 1 160 ? -0.312  -8.350  -0.342  1.00 26.79 ? 159 ASP A C   1 
ATOM   1233 O  O   . ASP A 1 160 ? -1.300  -7.708  -0.705  1.00 25.44 ? 159 ASP A O   1 
ATOM   1234 C  CB  . ASP A 1 160 ? 0.569   -10.479 -1.264  1.00 26.60 ? 159 ASP A CB  1 
ATOM   1235 C  CG  . ASP A 1 160 ? 1.952   -10.763 -0.684  1.00 36.81 ? 159 ASP A CG  1 
ATOM   1236 O  OD1 . ASP A 1 160 ? 2.382   -10.060 0.249   1.00 34.55 ? 159 ASP A OD1 1 
ATOM   1237 O  OD2 . ASP A 1 160 ? 2.604   -11.701 -1.164  1.00 30.04 ? 159 ASP A OD2 1 
ATOM   1238 N  N   . ILE A 1 161 ? 0.861   -7.801  -0.024  1.00 28.78 ? 160 ILE A N   1 
ATOM   1239 C  CA  . ILE A 1 161 ? 1.076   -6.367  0.009   1.00 27.71 ? 160 ILE A CA  1 
ATOM   1240 C  C   . ILE A 1 161 ? 0.795   -5.638  -1.303  1.00 26.73 ? 160 ILE A C   1 
ATOM   1241 O  O   . ILE A 1 161 ? 0.465   -4.452  -1.306  1.00 23.63 ? 160 ILE A O   1 
ATOM   1242 C  CB  . ILE A 1 161 ? 2.504   -6.021  0.555   1.00 29.64 ? 160 ILE A CB  1 
ATOM   1243 C  CG1 . ILE A 1 161 ? 3.612   -6.668  -0.268  1.00 29.41 ? 160 ILE A CG1 1 
ATOM   1244 C  CG2 . ILE A 1 161 ? 2.632   -6.448  1.987   1.00 29.41 ? 160 ILE A CG2 1 
ATOM   1245 C  CD1 . ILE A 1 161 ? 4.977   -6.247  0.233   1.00 27.26 ? 160 ILE A CD1 1 
ATOM   1246 N  N   . TYR A 1 162 ? 0.912   -6.340  -2.432  1.00 28.37 ? 161 TYR A N   1 
ATOM   1247 C  CA  . TYR A 1 162 ? 0.629   -5.701  -3.732  1.00 27.35 ? 161 TYR A CA  1 
ATOM   1248 C  C   . TYR A 1 162 ? -0.856  -5.585  -4.059  1.00 26.87 ? 161 TYR A C   1 
ATOM   1249 O  O   . TYR A 1 162 ? -1.228  -5.042  -5.115  1.00 27.44 ? 161 TYR A O   1 
ATOM   1250 C  CB  . TYR A 1 162 ? 1.376   -6.394  -4.847  1.00 29.01 ? 161 TYR A CB  1 
ATOM   1251 C  CG  . TYR A 1 162 ? 1.189   -7.874  -4.915  1.00 23.56 ? 161 TYR A CG  1 
ATOM   1252 C  CD1 . TYR A 1 162 ? 0.093   -8.435  -5.574  1.00 32.21 ? 161 TYR A CD1 1 
ATOM   1253 C  CD2 . TYR A 1 162 ? 2.130   -8.732  -4.382  1.00 27.22 ? 161 TYR A CD2 1 
ATOM   1254 C  CE1 . TYR A 1 162 ? -0.071  -9.814  -5.652  1.00 33.10 ? 161 TYR A CE1 1 
ATOM   1255 C  CE2 . TYR A 1 162 ? 1.970   -10.113 -4.475  1.00 23.82 ? 161 TYR A CE2 1 
ATOM   1256 C  CZ  . TYR A 1 162 ? 0.877   -10.637 -5.085  1.00 29.53 ? 161 TYR A CZ  1 
ATOM   1257 O  OH  . TYR A 1 162 ? 0.792   -11.992 -5.159  1.00 34.39 ? 161 TYR A OH  1 
ATOM   1258 N  N   . HIS A 1 163 ? -1.711  -6.107  -3.183  1.00 25.36 ? 162 HIS A N   1 
ATOM   1259 C  CA  . HIS A 1 163 ? -3.170  -5.988  -3.333  1.00 25.97 ? 162 HIS A CA  1 
ATOM   1260 C  C   . HIS A 1 163 ? -3.780  -4.834  -2.555  1.00 24.63 ? 162 HIS A C   1 
ATOM   1261 O  O   . HIS A 1 163 ? -4.962  -4.536  -2.739  1.00 27.70 ? 162 HIS A O   1 
ATOM   1262 C  CB  . HIS A 1 163 ? -3.880  -7.215  -2.819  1.00 22.81 ? 162 HIS A CB  1 
ATOM   1263 C  CG  . HIS A 1 163 ? -3.663  -8.433  -3.623  1.00 24.96 ? 162 HIS A CG  1 
ATOM   1264 N  ND1 . HIS A 1 163 ? -3.072  -9.552  -3.097  1.00 29.19 ? 162 HIS A ND1 1 
ATOM   1265 C  CD2 . HIS A 1 163 ? -3.981  -8.733  -4.906  1.00 33.19 ? 162 HIS A CD2 1 
ATOM   1266 C  CE1 . HIS A 1 163 ? -3.015  -10.493 -4.025  1.00 33.83 ? 162 HIS A CE1 1 
ATOM   1267 N  NE2 . HIS A 1 163 ? -3.580  -10.029 -5.125  1.00 26.42 ? 162 HIS A NE2 1 
ATOM   1268 N  N   . ILE A 1 164 ? -2.972  -4.190  -1.712  1.00 24.73 ? 163 ILE A N   1 
ATOM   1269 C  CA  . ILE A 1 164 ? -3.438  -3.211  -0.730  1.00 22.93 ? 163 ILE A CA  1 
ATOM   1270 C  C   . ILE A 1 164 ? -2.551  -2.005  -0.708  1.00 23.71 ? 163 ILE A C   1 
ATOM   1271 O  O   . ILE A 1 164 ? -2.644  -1.211  0.262   1.00 26.65 ? 163 ILE A O   1 
ATOM   1272 C  CB  . ILE A 1 164 ? -3.550  -3.848  0.692   1.00 23.16 ? 163 ILE A CB  1 
ATOM   1273 C  CG1 . ILE A 1 164 ? -2.169  -4.345  1.138   1.00 30.61 ? 163 ILE A CG1 1 
ATOM   1274 C  CG2 . ILE A 1 164 ? -4.535  -4.999  0.648   1.00 23.12 ? 163 ILE A CG2 1 
ATOM   1275 C  CD1 . ILE A 1 164 ? -2.113  -5.076  2.455   1.00 26.34 ? 163 ILE A CD1 1 
ATOM   1276 O  OXT . ILE A 1 164 ? -1.704  -1.788  -1.629  1.00 26.79 ? 163 ILE A OXT 1 
HETATM 1277 C  C   . ACT B 2 .   ? 18.044  -7.109  -3.208  0.33 43.97 ? 164 ACT A C   1 
HETATM 1278 O  O   . ACT B 2 .   ? 17.518  -7.102  -2.073  0.33 43.39 ? 164 ACT A O   1 
HETATM 1279 O  OXT . ACT B 2 .   ? 17.367  -6.605  -4.130  0.33 44.14 ? 164 ACT A OXT 1 
HETATM 1280 C  CH3 . ACT B 2 .   ? 19.406  -7.690  -3.453  0.33 44.01 ? 164 ACT A CH3 1 
HETATM 1281 O  O   . HOH C 3 .   ? -1.660  2.121   -10.620 1.00 15.72 ? 165 HOH A O   1 
HETATM 1282 O  O   . HOH C 3 .   ? -8.708  0.101   -12.022 1.00 17.17 ? 166 HOH A O   1 
HETATM 1283 O  O   . HOH C 3 .   ? -8.753  8.362   -7.561  1.00 18.21 ? 167 HOH A O   1 
HETATM 1284 O  O   . HOH C 3 .   ? -6.688  0.004   -4.269  1.00 18.84 ? 168 HOH A O   1 
HETATM 1285 O  O   . HOH C 3 .   ? -13.532 8.635   3.159   1.00 19.23 ? 169 HOH A O   1 
HETATM 1286 O  O   . HOH C 3 .   ? -3.242  15.135  -7.399  1.00 19.33 ? 170 HOH A O   1 
HETATM 1287 O  O   . HOH C 3 .   ? -12.366 6.423   4.205   1.00 19.33 ? 171 HOH A O   1 
HETATM 1288 O  O   . HOH C 3 .   ? -1.720  4.610   -2.111  1.00 19.57 ? 172 HOH A O   1 
HETATM 1289 O  O   . HOH C 3 .   ? -3.184  2.284   -1.251  1.00 20.04 ? 173 HOH A O   1 
HETATM 1290 O  O   . HOH C 3 .   ? -14.541 -0.038  -8.461  0.33 19.98 ? 174 HOH A O   1 
HETATM 1291 O  O   . HOH C 3 .   ? -1.899  4.629   -9.303  1.00 20.42 ? 175 HOH A O   1 
HETATM 1292 O  O   . HOH C 3 .   ? -5.176  0.651   -2.059  1.00 21.36 ? 176 HOH A O   1 
HETATM 1293 O  O   . HOH C 3 .   ? -11.773 15.313  1.056   1.00 21.09 ? 177 HOH A O   1 
HETATM 1294 O  O   . HOH C 3 .   ? -4.153  -0.183  -13.735 1.00 21.21 ? 178 HOH A O   1 
HETATM 1295 O  O   . HOH C 3 .   ? 11.823  -0.362  -8.336  1.00 22.46 ? 179 HOH A O   1 
HETATM 1296 O  O   . HOH C 3 .   ? 0.792   -2.116  0.223   1.00 22.42 ? 180 HOH A O   1 
HETATM 1297 O  O   . HOH C 3 .   ? -10.535 11.218  -3.303  1.00 22.58 ? 181 HOH A O   1 
HETATM 1298 O  O   . HOH C 3 .   ? -11.658 3.269   -10.935 1.00 23.39 ? 182 HOH A O   1 
HETATM 1299 O  O   . HOH C 3 .   ? -0.947  0.833   -1.766  1.00 23.46 ? 183 HOH A O   1 
HETATM 1300 O  O   . HOH C 3 .   ? -14.665 4.346   4.946   1.00 23.46 ? 184 HOH A O   1 
HETATM 1301 O  O   . HOH C 3 .   ? -8.683  9.865   -4.950  1.00 24.46 ? 185 HOH A O   1 
HETATM 1302 O  O   . HOH C 3 .   ? 14.060  -6.465  -0.139  1.00 24.63 ? 186 HOH A O   1 
HETATM 1303 O  O   . HOH C 3 .   ? 15.504  -6.473  -7.812  1.00 24.95 ? 187 HOH A O   1 
HETATM 1304 O  O   . HOH C 3 .   ? -10.234 13.792  -7.068  0.33 25.30 ? 188 HOH A O   1 
HETATM 1305 O  O   . HOH C 3 .   ? 12.385  -3.057  -8.039  1.00 24.85 ? 189 HOH A O   1 
HETATM 1306 O  O   . HOH C 3 .   ? -4.139  0.991   1.238   1.00 24.99 ? 190 HOH A O   1 
HETATM 1307 O  O   . HOH C 3 .   ? -6.273  20.276  1.161   1.00 25.45 ? 191 HOH A O   1 
HETATM 1308 O  O   . HOH C 3 .   ? -14.789 15.122  4.517   1.00 25.67 ? 192 HOH A O   1 
HETATM 1309 O  O   . HOH C 3 .   ? 1.131   -5.748  -8.607  1.00 26.69 ? 193 HOH A O   1 
HETATM 1310 O  O   . HOH C 3 .   ? -4.556  19.221  12.308  1.00 26.07 ? 194 HOH A O   1 
HETATM 1311 O  O   . HOH C 3 .   ? -5.846  15.209  -7.016  1.00 26.45 ? 195 HOH A O   1 
HETATM 1312 O  O   . HOH C 3 .   ? 15.107  -7.107  -2.728  1.00 26.49 ? 196 HOH A O   1 
HETATM 1313 O  O   . HOH C 3 .   ? 16.001  -15.234 -4.144  0.33 28.00 ? 197 HOH A O   1 
HETATM 1314 O  O   . HOH C 3 .   ? -7.662  13.334  -7.791  1.00 27.77 ? 198 HOH A O   1 
HETATM 1315 O  O   . HOH C 3 .   ? 5.296   3.251   -12.849 1.00 28.26 ? 199 HOH A O   1 
HETATM 1316 O  O   . HOH C 3 .   ? 10.110  5.914   -4.879  1.00 28.87 ? 200 HOH A O   1 
HETATM 1317 O  O   . HOH C 3 .   ? -1.821  4.950   10.019  1.00 29.32 ? 201 HOH A O   1 
HETATM 1318 O  O   . HOH C 3 .   ? -0.235  -0.175  -14.344 1.00 29.52 ? 202 HOH A O   1 
HETATM 1319 O  O   . HOH C 3 .   ? -0.231  -4.877  -12.907 1.00 29.21 ? 203 HOH A O   1 
HETATM 1320 O  O   . HOH C 3 .   ? -0.360  13.808  11.201  1.00 30.39 ? 204 HOH A O   1 
HETATM 1321 O  O   . HOH C 3 .   ? -1.910  17.358  -8.177  1.00 30.37 ? 205 HOH A O   1 
HETATM 1322 O  O   . HOH C 3 .   ? 8.149   9.097   -2.027  1.00 30.44 ? 206 HOH A O   1 
HETATM 1323 O  O   . HOH C 3 .   ? 12.184  -12.787 2.792   1.00 30.68 ? 207 HOH A O   1 
HETATM 1324 O  O   . HOH C 3 .   ? 14.218  0.411   -2.031  1.00 30.81 ? 208 HOH A O   1 
HETATM 1325 O  O   . HOH C 3 .   ? -10.004 16.351  3.054   1.00 30.22 ? 209 HOH A O   1 
HETATM 1326 O  O   . HOH C 3 .   ? 9.381   -8.875  -9.707  1.00 31.51 ? 210 HOH A O   1 
HETATM 1327 O  O   . HOH C 3 .   ? 16.559  -7.786  6.603   1.00 31.67 ? 211 HOH A O   1 
HETATM 1328 O  O   . HOH C 3 .   ? -8.427  17.016  -4.396  1.00 31.84 ? 212 HOH A O   1 
HETATM 1329 O  O   . HOH C 3 .   ? -16.201 -5.349  -8.991  0.33 32.34 ? 213 HOH A O   1 
HETATM 1330 O  O   . HOH C 3 .   ? -1.614  9.769   12.436  1.00 32.71 ? 214 HOH A O   1 
HETATM 1331 O  O   . HOH C 3 .   ? 4.644   12.146  -4.849  1.00 32.75 ? 215 HOH A O   1 
HETATM 1332 O  O   . HOH C 3 .   ? 2.950   14.569  -3.388  1.00 33.28 ? 216 HOH A O   1 
HETATM 1333 O  O   . HOH C 3 .   ? 15.371  -9.617  3.050   1.00 32.69 ? 217 HOH A O   1 
HETATM 1334 O  O   . HOH C 3 .   ? 11.801  -10.599 -9.267  1.00 33.86 ? 218 HOH A O   1 
HETATM 1335 O  O   . HOH C 3 .   ? 9.632   13.072  3.675   1.00 34.51 ? 219 HOH A O   1 
HETATM 1336 O  O   . HOH C 3 .   ? 15.121  -3.798  -8.484  1.00 35.60 ? 220 HOH A O   1 
HETATM 1337 O  O   . HOH C 3 .   ? 4.153   11.895  -7.455  1.00 36.86 ? 221 HOH A O   1 
HETATM 1338 O  O   . HOH C 3 .   ? 15.179  -3.969  -0.031  1.00 36.74 ? 222 HOH A O   1 
HETATM 1339 O  O   . HOH C 3 .   ? 10.938  11.723  5.695   1.00 36.58 ? 223 HOH A O   1 
HETATM 1340 O  O   . HOH C 3 .   ? -8.168  -5.419  7.896   1.00 36.44 ? 224 HOH A O   1 
HETATM 1341 O  O   . HOH C 3 .   ? -6.304  22.896  1.269   1.00 37.18 ? 225 HOH A O   1 
HETATM 1342 O  O   A HOH C 3 .   ? 3.451   -11.655 -7.903  0.60 24.49 ? 226 HOH A O   1 
HETATM 1343 O  O   B HOH C 3 .   ? 3.102   -9.664  -7.949  0.40 25.79 ? 226 HOH A O   1 
HETATM 1344 O  O   . HOH C 3 .   ? 15.413  -10.328 8.086   1.00 37.41 ? 227 HOH A O   1 
HETATM 1345 O  O   . HOH C 3 .   ? 13.758  6.604   6.289   1.00 37.88 ? 228 HOH A O   1 
HETATM 1346 O  O   . HOH C 3 .   ? 9.774   -5.118  10.504  1.00 37.74 ? 229 HOH A O   1 
HETATM 1347 O  O   . HOH C 3 .   ? 10.500  8.107   -3.204  1.00 38.52 ? 230 HOH A O   1 
HETATM 1348 O  O   . HOH C 3 .   ? -6.843  10.214  12.455  1.00 38.53 ? 231 HOH A O   1 
HETATM 1349 O  O   . HOH C 3 .   ? -3.510  16.584  6.454   1.00 37.79 ? 232 HOH A O   1 
HETATM 1350 O  O   . HOH C 3 .   ? 12.705  5.505   -5.561  1.00 38.32 ? 233 HOH A O   1 
HETATM 1351 O  O   . HOH C 3 .   ? 4.396   16.843  -2.372  1.00 39.04 ? 234 HOH A O   1 
HETATM 1352 O  O   . HOH C 3 .   ? 6.648   -1.306  7.701   1.00 39.10 ? 235 HOH A O   1 
HETATM 1353 O  O   . HOH C 3 .   ? -4.593  23.009  3.048   1.00 39.73 ? 236 HOH A O   1 
HETATM 1354 O  O   . HOH C 3 .   ? -3.433  19.490  -8.534  1.00 39.56 ? 237 HOH A O   1 
HETATM 1355 O  O   . HOH C 3 .   ? 17.264  -4.422  -5.559  1.00 39.21 ? 238 HOH A O   1 
HETATM 1356 O  O   . HOH C 3 .   ? -12.383 6.926   -7.754  0.33 39.98 ? 239 HOH A O   1 
HETATM 1357 O  O   . HOH C 3 .   ? 8.553   15.457  9.925   1.00 41.08 ? 240 HOH A O   1 
HETATM 1358 O  O   . HOH C 3 .   ? -5.787  20.061  -3.045  1.00 41.36 ? 241 HOH A O   1 
HETATM 1359 O  O   A HOH C 3 .   ? 7.475   6.996   -10.893 0.60 24.99 ? 242 HOH A O   1 
HETATM 1360 O  O   B HOH C 3 .   ? 6.908   8.690   -10.856 0.40 20.43 ? 242 HOH A O   1 
HETATM 1361 O  O   . HOH C 3 .   ? -13.305 3.950   -8.059  0.33 40.71 ? 243 HOH A O   1 
HETATM 1362 O  O   . HOH C 3 .   ? -5.193  12.142  12.970  1.00 42.08 ? 244 HOH A O   1 
HETATM 1363 O  O   . HOH C 3 .   ? 11.076  10.056  -5.049  1.00 41.09 ? 245 HOH A O   1 
HETATM 1364 O  O   . HOH C 3 .   ? -12.409 16.488  4.611   1.00 41.48 ? 246 HOH A O   1 
HETATM 1365 O  O   . HOH C 3 .   ? 12.544  12.192  1.366   1.00 43.35 ? 247 HOH A O   1 
HETATM 1366 O  O   . HOH C 3 .   ? 1.119   28.585  0.799   1.00 43.20 ? 248 HOH A O   1 
HETATM 1367 O  O   . HOH C 3 .   ? 2.862   20.723  5.811   1.00 43.12 ? 249 HOH A O   1 
HETATM 1368 O  O   . HOH C 3 .   ? 9.917   -13.984 4.028   1.00 42.84 ? 250 HOH A O   1 
HETATM 1369 O  O   . HOH C 3 .   ? 15.298  -1.537  7.126   1.00 42.46 ? 251 HOH A O   1 
HETATM 1370 O  O   . HOH C 3 .   ? -5.707  4.259   12.853  1.00 42.79 ? 252 HOH A O   1 
HETATM 1371 O  O   . HOH C 3 .   ? 8.383   -10.049 6.214   1.00 44.16 ? 253 HOH A O   1 
HETATM 1372 O  O   . HOH C 3 .   ? 7.747   -12.193 4.085   1.00 43.91 ? 254 HOH A O   1 
HETATM 1373 O  O   . HOH C 3 .   ? -1.710  14.513  13.332  1.00 44.55 ? 255 HOH A O   1 
HETATM 1374 O  O   . HOH C 3 .   ? -0.491  23.142  -5.105  0.50 44.34 ? 256 HOH A O   1 
HETATM 1375 O  O   . HOH C 3 .   ? 6.971   17.573  10.866  1.00 43.71 ? 257 HOH A O   1 
HETATM 1376 O  O   . HOH C 3 .   ? -7.705  -13.426 -9.897  1.00 44.68 ? 258 HOH A O   1 
HETATM 1377 O  O   . HOH C 3 .   ? 1.464   21.636  9.134   1.00 45.87 ? 259 HOH A O   1 
HETATM 1378 O  O   . HOH C 3 .   ? 2.451   -13.249 -3.242  1.00 45.69 ? 260 HOH A O   1 
HETATM 1379 O  O   . HOH C 3 .   ? 15.102  -2.354  -2.152  1.00 45.09 ? 261 HOH A O   1 
HETATM 1380 O  O   . HOH C 3 .   ? -13.983 -12.096 -1.018  1.00 46.59 ? 262 HOH A O   1 
HETATM 1381 O  O   . HOH C 3 .   ? 13.075  8.472   -1.668  1.00 47.37 ? 263 HOH A O   1 
HETATM 1382 O  O   . HOH C 3 .   ? 7.105   0.152   15.936  1.00 46.80 ? 264 HOH A O   1 
HETATM 1383 O  O   . HOH C 3 .   ? -1.863  21.224  -5.101  1.00 46.90 ? 265 HOH A O   1 
HETATM 1384 O  O   . HOH C 3 .   ? 9.227   1.878   13.467  1.00 46.97 ? 266 HOH A O   1 
HETATM 1385 O  O   . HOH C 3 .   ? -12.622 -11.464 -5.097  1.00 48.23 ? 267 HOH A O   1 
HETATM 1386 O  O   . HOH C 3 .   ? 1.021   22.568  -2.959  1.00 48.12 ? 268 HOH A O   1 
HETATM 1387 O  O   . HOH C 3 .   ? 12.852  5.488   2.928   1.00 47.93 ? 269 HOH A O   1 
HETATM 1388 O  O   . HOH C 3 .   ? -10.143 3.522   12.502  1.00 50.83 ? 270 HOH A O   1 
HETATM 1389 O  O   . HOH C 3 .   ? 1.947   21.370  13.885  1.00 49.05 ? 271 HOH A O   1 
HETATM 1390 O  O   . HOH C 3 .   ? 12.544  19.292  1.450   1.00 49.85 ? 272 HOH A O   1 
HETATM 1391 O  O   A HOH C 3 .   ? -12.197 9.779   10.215  0.60 33.14 ? 273 HOH A O   1 
HETATM 1392 O  O   B HOH C 3 .   ? -12.478 11.617  10.231  0.40 39.44 ? 273 HOH A O   1 
HETATM 1393 O  O   . HOH C 3 .   ? 13.646  -0.883  9.167   1.00 51.14 ? 274 HOH A O   1 
HETATM 1394 O  O   . HOH C 3 .   ? -11.257 10.514  -7.399  0.33 52.49 ? 275 HOH A O   1 
HETATM 1395 O  O   . HOH C 3 .   ? 14.494  -18.777 -9.642  1.00 50.61 ? 276 HOH A O   1 
HETATM 1396 O  O   . HOH C 3 .   ? 7.650   2.357   -12.436 1.00 54.06 ? 277 HOH A O   1 
HETATM 1397 O  O   . HOH C 3 .   ? 6.328   4.726   12.629  1.00 51.04 ? 278 HOH A O   1 
HETATM 1398 O  O   . HOH C 3 .   ? -5.461  -12.263 -8.960  1.00 53.95 ? 279 HOH A O   1 
HETATM 1399 O  O   . HOH C 3 .   ? -16.701 -7.666  -6.885  1.00 49.64 ? 280 HOH A O   1 
HETATM 1400 O  O   . HOH C 3 .   ? 15.038  8.159   -0.048  1.00 54.39 ? 281 HOH A O   1 
HETATM 1401 O  O   . HOH C 3 .   ? -3.803  24.208  -1.269  1.00 52.25 ? 282 HOH A O   1 
HETATM 1402 O  O   . HOH C 3 .   ? -0.153  21.307  12.399  0.50 53.73 ? 283 HOH A O   1 
HETATM 1403 O  O   . HOH C 3 .   ? -12.550 13.015  8.190   1.00 55.52 ? 284 HOH A O   1 
HETATM 1404 O  O   . HOH C 3 .   ? 12.128  20.233  -2.308  1.00 54.99 ? 285 HOH A O   1 
HETATM 1405 O  O   . HOH C 3 .   ? -6.999  20.110  12.525  1.00 54.10 ? 286 HOH A O   1 
HETATM 1406 O  O   . HOH C 3 .   ? 9.170   11.612  -5.355  1.00 56.85 ? 287 HOH A O   1 
HETATM 1407 O  O   . HOH C 3 .   ? 14.686  2.666   -5.900  1.00 58.43 ? 288 HOH A O   1 
HETATM 1408 O  O   . HOH C 3 .   ? 13.868  10.989  -0.829  1.00 58.08 ? 289 HOH A O   1 
HETATM 1409 O  O   . HOH C 3 .   ? 0.435   -8.580  15.627  1.00 59.30 ? 290 HOH A O   1 
HETATM 1410 O  O   . HOH C 3 .   ? -11.387 15.948  8.111   1.00 60.00 ? 291 HOH A O   1 
HETATM 1411 O  O   . HOH C 3 .   ? 4.765   -13.439 -5.834  1.00 63.59 ? 292 HOH A O   1 
HETATM 1412 O  O   . HOH C 3 .   ? 13.547  -5.335  13.407  1.00 61.66 ? 293 HOH A O   1 
HETATM 1413 O  O   . HOH C 3 .   ? 10.739  -1.414  15.907  1.00 61.25 ? 294 HOH A O   1 
HETATM 1414 O  O   . HOH C 3 .   ? 6.926   10.902  13.174  1.00 63.52 ? 295 HOH A O   1 
HETATM 1415 O  O   . HOH C 3 .   ? -6.275  7.910   14.177  1.00 65.25 ? 296 HOH A O   1 
HETATM 1416 O  O   . HOH C 3 .   ? 1.755   -14.720 -11.117 1.00 68.09 ? 297 HOH A O   1 
HETATM 1417 O  O   . HOH C 3 .   ? 0.350   17.973  -6.383  1.00 54.34 ? 298 HOH A O   1 
HETATM 1418 O  O   . HOH C 3 .   ? 2.395   16.476  -7.954  1.00 57.46 ? 299 HOH A O   1 
HETATM 1419 O  O   . HOH C 3 .   ? 8.347   13.093  11.817  1.00 52.96 ? 300 HOH A O   1 
HETATM 1420 O  O   . HOH C 3 .   ? 16.964  -3.383  8.565   1.00 42.83 ? 301 HOH A O   1 
HETATM 1421 O  O   . HOH C 3 .   ? -0.068  -0.611  -17.377 1.00 41.66 ? 302 HOH A O   1 
HETATM 1422 O  O   . HOH C 3 .   ? 2.785   1.072   -16.846 1.00 50.62 ? 303 HOH A O   1 
# 
